data_6OPM
#
_entry.id   6OPM
#
_cell.length_a   106.390
_cell.length_b   106.390
_cell.length_c   423.360
_cell.angle_alpha   90.00
_cell.angle_beta   90.00
_cell.angle_gamma   90.00
#
_symmetry.space_group_name_H-M   'P 43 21 2'
#
loop_
_entity.id
_entity.type
_entity.pdbx_description
1 polymer 'CRISPR-associated endonuclease Cas1'
2 polymer 'DNA 21-mer'
3 polymer unknown
4 non-polymer 'CALCIUM ION'
5 water water
#
loop_
_entity_poly.entity_id
_entity_poly.type
_entity_poly.pdbx_seq_one_letter_code
_entity_poly.pdbx_strand_id
1 'polypeptide(L)'
;GSA(MSE)DPGSGSGNSHNSL(MSE)KLLLLNGHGIN(MSE)HVDGAKLHIKDGRFSTTEEPQEYVFSPKRIDIDGIIIY
GKSGNLTLEAIRWLIKHNVQVSILDWNGKLLTT(MSE)LPPESTNLRTKFAQYHAFEDKEARLEIAKKFIEAKFYKSKAV
LDFLSQRYPEINFDILDGLTKLKDVKSTREILGVEGTLAGKYWIEFSKAVPKEYDFSNRIDQFRRA(MSE)GSGD(MSE)
INT(MSE)LNYGYSLLEAECLKAINSVGLDTHVGFLHE(MSE)APSKNSLAYDLQEPFRFIVDLAVISLIESGA(MSE)E
SKDFIRTENYNLRLKPTGARKIVNEFSNTLNKKVSYQGKESTWSYVIFLKVRELAHYLTSKKEKLDFTKPEYEIERIDSY
DIRQKILSISYVDWKKLGFSKGTLHY(MSE)KQNAKSDKPFTLNAHVLERVNKWEALVSSQRDGRENLYFQ
;
A,B,C,D
2 'polydeoxyribonucleotide'
;(DA)(DT)(DA)(DT)(DC)(DC)(DC)(DC)(DG)(DC)(DA)(DC)(DT)(DT)(DA)(DA)(DG)(DT)(DG)(DC)
(DG)
;
E,F
3 'polypeptide(L)' (UNK)(UNK)(UNK)(UNK)(UNK)(UNK)(UNK)(UNK)(UNK)(UNK)(UNK)(UNK)(UNK) H,J
#
loop_
_chem_comp.id
_chem_comp.type
_chem_comp.name
_chem_comp.formula
CA non-polymer 'CALCIUM ION' 'Ca 2'
DA DNA linking 2'-DEOXYADENOSINE-5'-MONOPHOSPHATE 'C10 H14 N5 O6 P'
DC DNA linking 2'-DEOXYCYTIDINE-5'-MONOPHOSPHATE 'C9 H14 N3 O7 P'
DG DNA linking 2'-DEOXYGUANOSINE-5'-MONOPHOSPHATE 'C10 H14 N5 O7 P'
DT DNA linking THYMIDINE-5'-MONOPHOSPHATE 'C10 H15 N2 O8 P'
#
# COMPACT_ATOMS: atom_id res chain seq x y z
N MSE A 18 10.27 -23.28 -15.96
CA MSE A 18 8.95 -23.11 -16.54
C MSE A 18 8.38 -24.42 -17.12
O MSE A 18 8.93 -24.98 -18.09
CB MSE A 18 8.92 -21.95 -17.57
CG MSE A 18 7.51 -21.54 -18.07
SE MSE A 18 6.68 -22.64 -19.51
CE MSE A 18 8.21 -22.87 -20.69
N LYS A 19 7.26 -24.87 -16.53
CA LYS A 19 6.58 -26.09 -16.89
C LYS A 19 5.19 -25.81 -17.44
N LEU A 20 4.77 -26.62 -18.43
CA LEU A 20 3.44 -26.58 -19.02
C LEU A 20 2.82 -27.93 -18.81
N LEU A 21 1.50 -27.99 -18.68
CA LEU A 21 0.84 -29.27 -18.52
C LEU A 21 -0.04 -29.48 -19.74
N LEU A 22 0.32 -30.47 -20.60
CA LEU A 22 -0.44 -30.77 -21.83
C LEU A 22 -1.45 -31.87 -21.56
N LEU A 23 -2.69 -31.59 -21.97
CA LEU A 23 -3.80 -32.52 -21.85
C LEU A 23 -4.39 -32.82 -23.24
N ASN A 24 -4.48 -34.11 -23.59
CA ASN A 24 -5.04 -34.55 -24.87
C ASN A 24 -5.85 -35.82 -24.70
N GLY A 25 -6.63 -36.15 -25.71
CA GLY A 25 -7.48 -37.33 -25.72
C GLY A 25 -8.91 -37.04 -25.33
N HIS A 26 -9.60 -38.07 -24.84
CA HIS A 26 -10.99 -38.00 -24.43
C HIS A 26 -11.10 -38.21 -22.93
N GLY A 27 -12.12 -37.61 -22.32
CA GLY A 27 -12.42 -37.75 -20.89
C GLY A 27 -11.47 -37.11 -19.90
N ILE A 28 -10.86 -35.96 -20.29
CA ILE A 28 -9.98 -35.18 -19.43
C ILE A 28 -10.82 -34.68 -18.26
N ASN A 29 -10.22 -34.63 -17.07
CA ASN A 29 -10.92 -34.15 -15.89
C ASN A 29 -10.02 -33.25 -15.03
N MSE A 30 -10.63 -32.23 -14.43
CA MSE A 30 -10.04 -31.28 -13.52
C MSE A 30 -11.08 -31.02 -12.46
O MSE A 30 -12.02 -30.26 -12.70
CB MSE A 30 -9.65 -30.00 -14.24
CG MSE A 30 -8.31 -30.07 -14.91
SE MSE A 30 -8.00 -28.38 -15.82
CE MSE A 30 -6.13 -28.23 -15.49
N HIS A 31 -10.98 -31.70 -11.33
CA HIS A 31 -11.92 -31.51 -10.24
C HIS A 31 -11.16 -31.17 -8.96
N VAL A 32 -11.82 -30.55 -7.99
CA VAL A 32 -11.15 -30.23 -6.73
C VAL A 32 -11.68 -31.12 -5.60
N ASP A 33 -10.79 -31.91 -5.00
CA ASP A 33 -11.09 -32.79 -3.88
C ASP A 33 -10.47 -32.18 -2.63
N GLY A 34 -11.33 -31.76 -1.71
CA GLY A 34 -10.94 -31.11 -0.46
C GLY A 34 -10.43 -29.70 -0.65
N ALA A 35 -9.19 -29.59 -1.12
CA ALA A 35 -8.48 -28.34 -1.40
C ALA A 35 -7.39 -28.64 -2.43
N LYS A 36 -7.27 -29.91 -2.85
CA LYS A 36 -6.26 -30.34 -3.80
C LYS A 36 -6.82 -30.40 -5.21
N LEU A 37 -6.02 -29.92 -6.20
CA LEU A 37 -6.39 -29.91 -7.62
C LEU A 37 -6.02 -31.22 -8.26
N HIS A 38 -7.05 -31.99 -8.64
CA HIS A 38 -6.92 -33.28 -9.30
C HIS A 38 -7.00 -33.05 -10.81
N ILE A 39 -5.99 -33.49 -11.55
CA ILE A 39 -5.99 -33.39 -13.01
C ILE A 39 -5.77 -34.80 -13.58
N LYS A 40 -6.75 -35.31 -14.35
CA LYS A 40 -6.66 -36.61 -15.00
C LYS A 40 -6.54 -36.36 -16.51
N ASP A 41 -5.40 -36.77 -17.13
CA ASP A 41 -5.16 -36.62 -18.58
C ASP A 41 -6.13 -37.54 -19.34
N GLY A 42 -6.44 -37.18 -20.58
CA GLY A 42 -7.36 -37.95 -21.41
C GLY A 42 -6.86 -39.29 -21.90
N ARG A 43 -7.79 -40.10 -22.42
CA ARG A 43 -7.49 -41.40 -23.00
C ARG A 43 -7.10 -41.17 -24.45
N PHE A 44 -5.94 -41.70 -24.85
CA PHE A 44 -5.46 -41.57 -26.23
C PHE A 44 -4.53 -42.71 -26.62
N SER A 45 -3.70 -43.22 -25.69
CA SER A 45 -2.78 -44.31 -26.01
C SER A 45 -3.42 -45.70 -25.98
N THR A 46 -2.85 -46.62 -26.78
CA THR A 46 -3.31 -48.00 -27.01
C THR A 46 -3.59 -48.81 -25.72
N THR A 47 -2.57 -48.92 -24.83
CA THR A 47 -2.65 -49.64 -23.54
C THR A 47 -1.94 -48.83 -22.45
N GLU A 48 -1.10 -47.85 -22.86
CA GLU A 48 -0.34 -46.96 -21.98
C GLU A 48 -1.33 -45.94 -21.38
N GLU A 49 -1.75 -46.21 -20.13
CA GLU A 49 -2.74 -45.48 -19.33
C GLU A 49 -2.58 -43.94 -19.28
N PRO A 50 -3.69 -43.17 -19.06
CA PRO A 50 -3.56 -41.70 -19.00
C PRO A 50 -2.88 -41.20 -17.70
N GLN A 51 -2.09 -40.10 -17.80
CA GLN A 51 -1.39 -39.54 -16.64
C GLN A 51 -2.32 -38.85 -15.63
N GLU A 52 -2.06 -39.07 -14.34
CA GLU A 52 -2.84 -38.47 -13.25
C GLU A 52 -1.99 -37.49 -12.45
N TYR A 53 -2.61 -36.37 -12.02
CA TYR A 53 -1.96 -35.26 -11.32
C TYR A 53 -2.77 -34.86 -10.09
N VAL A 54 -2.06 -34.53 -9.02
CA VAL A 54 -2.66 -34.11 -7.76
C VAL A 54 -1.84 -32.94 -7.17
N PHE A 55 -2.43 -31.72 -7.17
CA PHE A 55 -1.75 -30.50 -6.73
C PHE A 55 -2.29 -29.92 -5.42
N SER A 56 -1.41 -29.79 -4.40
CA SER A 56 -1.76 -29.25 -3.08
C SER A 56 -1.86 -27.70 -3.06
N PRO A 57 -2.79 -27.10 -2.28
CA PRO A 57 -2.90 -25.63 -2.25
C PRO A 57 -1.58 -24.92 -1.96
N LYS A 58 -1.27 -23.87 -2.77
CA LYS A 58 -0.05 -23.04 -2.73
C LYS A 58 1.20 -23.80 -3.24
N ARG A 59 0.99 -25.00 -3.83
CA ARG A 59 2.11 -25.81 -4.31
C ARG A 59 1.84 -26.37 -5.72
N ILE A 60 2.07 -25.50 -6.71
CA ILE A 60 1.88 -25.78 -8.13
C ILE A 60 2.95 -25.04 -8.93
N ASP A 61 3.80 -25.80 -9.62
CA ASP A 61 4.92 -25.26 -10.39
C ASP A 61 4.60 -24.90 -11.86
N ILE A 62 3.47 -25.45 -12.39
CA ILE A 62 3.09 -25.27 -13.79
C ILE A 62 2.63 -23.88 -14.12
N ASP A 63 3.31 -23.24 -15.08
CA ASP A 63 3.04 -21.88 -15.57
C ASP A 63 1.67 -21.83 -16.26
N GLY A 64 1.42 -22.82 -17.11
CA GLY A 64 0.17 -22.93 -17.82
C GLY A 64 -0.32 -24.35 -17.96
N ILE A 65 -1.49 -24.48 -18.59
CA ILE A 65 -2.20 -25.71 -18.91
C ILE A 65 -2.57 -25.59 -20.37
N ILE A 66 -2.29 -26.63 -21.15
CA ILE A 66 -2.67 -26.67 -22.56
C ILE A 66 -3.68 -27.77 -22.78
N ILE A 67 -4.87 -27.36 -23.20
CA ILE A 67 -5.96 -28.27 -23.50
C ILE A 67 -6.04 -28.42 -25.02
N TYR A 68 -5.58 -29.58 -25.48
CA TYR A 68 -5.59 -29.98 -26.88
C TYR A 68 -6.55 -31.18 -27.07
N GLY A 69 -7.16 -31.65 -25.99
CA GLY A 69 -8.06 -32.79 -25.97
C GLY A 69 -9.40 -32.61 -26.65
N LYS A 70 -10.02 -33.72 -27.05
CA LYS A 70 -11.32 -33.70 -27.72
C LYS A 70 -12.45 -33.61 -26.69
N SER A 71 -12.60 -34.62 -25.81
CA SER A 71 -13.59 -34.61 -24.72
C SER A 71 -12.88 -34.16 -23.44
N GLY A 72 -13.68 -33.67 -22.48
CA GLY A 72 -13.23 -33.18 -21.17
C GLY A 72 -14.33 -32.57 -20.34
N ASN A 73 -14.13 -32.53 -19.01
CA ASN A 73 -15.11 -32.05 -18.05
C ASN A 73 -14.43 -31.39 -16.85
N LEU A 74 -14.18 -30.07 -16.94
CA LEU A 74 -13.56 -29.28 -15.85
C LEU A 74 -14.58 -28.53 -14.97
N THR A 75 -14.39 -28.61 -13.64
CA THR A 75 -15.26 -28.00 -12.63
C THR A 75 -14.95 -26.53 -12.43
N LEU A 76 -15.97 -25.78 -11.99
CA LEU A 76 -15.86 -24.36 -11.70
C LEU A 76 -14.78 -24.09 -10.67
N GLU A 77 -14.77 -24.90 -9.59
CA GLU A 77 -13.79 -24.79 -8.51
C GLU A 77 -12.39 -25.04 -9.03
N ALA A 78 -12.25 -25.90 -10.07
CA ALA A 78 -10.95 -26.16 -10.69
C ALA A 78 -10.45 -24.88 -11.36
N ILE A 79 -11.29 -24.25 -12.22
CA ILE A 79 -10.98 -22.97 -12.88
C ILE A 79 -10.59 -21.95 -11.79
N ARG A 80 -11.42 -21.81 -10.73
CA ARG A 80 -11.10 -20.91 -9.62
C ARG A 80 -9.73 -21.25 -8.97
N TRP A 81 -9.45 -22.55 -8.74
CA TRP A 81 -8.22 -22.99 -8.12
C TRP A 81 -7.03 -22.61 -8.98
N LEU A 82 -7.11 -22.80 -10.31
CA LEU A 82 -5.99 -22.42 -11.18
C LEU A 82 -5.79 -20.89 -11.20
N ILE A 83 -6.86 -20.14 -11.46
CA ILE A 83 -6.87 -18.67 -11.50
C ILE A 83 -6.25 -18.09 -10.26
N LYS A 84 -6.65 -18.57 -9.07
CA LYS A 84 -6.13 -18.11 -7.77
C LYS A 84 -4.67 -18.47 -7.57
N HIS A 85 -4.24 -19.58 -8.20
CA HIS A 85 -2.86 -20.04 -8.20
C HIS A 85 -2.08 -19.44 -9.40
N ASN A 86 -2.73 -18.54 -10.18
CA ASN A 86 -2.19 -17.84 -11.35
C ASN A 86 -1.55 -18.82 -12.33
N VAL A 87 -2.40 -19.75 -12.80
CA VAL A 87 -2.08 -20.81 -13.75
C VAL A 87 -2.98 -20.62 -14.94
N GLN A 88 -2.38 -20.26 -16.09
CA GLN A 88 -3.10 -20.00 -17.34
C GLN A 88 -3.70 -21.30 -17.86
N VAL A 89 -4.95 -21.26 -18.35
CA VAL A 89 -5.61 -22.44 -18.91
C VAL A 89 -5.97 -22.11 -20.35
N SER A 90 -5.23 -22.66 -21.28
CA SER A 90 -5.45 -22.41 -22.69
C SER A 90 -6.09 -23.59 -23.36
N ILE A 91 -6.98 -23.31 -24.32
CA ILE A 91 -7.72 -24.31 -25.08
C ILE A 91 -7.43 -24.09 -26.55
N LEU A 92 -7.03 -25.16 -27.24
CA LEU A 92 -6.75 -25.10 -28.66
C LEU A 92 -7.88 -25.78 -29.38
N ASP A 93 -7.80 -25.86 -30.70
CA ASP A 93 -8.77 -26.62 -31.49
C ASP A 93 -8.02 -27.57 -32.39
N TRP A 94 -8.75 -28.49 -33.04
CA TRP A 94 -8.29 -29.52 -33.99
C TRP A 94 -6.91 -29.28 -34.62
N ASN A 95 -6.73 -28.12 -35.28
CA ASN A 95 -5.51 -27.70 -35.96
C ASN A 95 -4.32 -27.41 -35.04
N GLY A 96 -4.59 -26.73 -33.92
CA GLY A 96 -3.56 -26.38 -32.95
C GLY A 96 -3.44 -24.89 -32.68
N LYS A 97 -4.44 -24.10 -33.14
CA LYS A 97 -4.51 -22.65 -32.95
C LYS A 97 -5.22 -22.37 -31.62
N LEU A 98 -4.99 -21.20 -31.01
CA LEU A 98 -5.60 -20.83 -29.71
C LEU A 98 -7.04 -20.52 -29.90
N LEU A 99 -7.90 -21.22 -29.18
CA LEU A 99 -9.34 -21.00 -29.25
C LEU A 99 -9.72 -19.91 -28.27
N THR A 100 -9.35 -20.14 -27.00
CA THR A 100 -9.53 -19.25 -25.88
C THR A 100 -8.51 -19.58 -24.82
N THR A 101 -8.26 -18.62 -23.94
CA THR A 101 -7.37 -18.70 -22.80
C THR A 101 -8.10 -18.07 -21.60
N MSE A 102 -7.92 -18.67 -20.43
CA MSE A 102 -8.50 -18.16 -19.20
C MSE A 102 -7.33 -17.60 -18.43
O MSE A 102 -6.45 -18.36 -17.98
CB MSE A 102 -9.18 -19.26 -18.39
CG MSE A 102 -10.04 -20.22 -19.21
SE MSE A 102 -11.14 -21.29 -18.02
CE MSE A 102 -11.37 -22.88 -19.11
N LEU A 103 -7.27 -16.27 -18.33
CA LEU A 103 -6.22 -15.58 -17.59
C LEU A 103 -6.79 -14.95 -16.32
N PRO A 104 -5.96 -14.76 -15.28
CA PRO A 104 -6.45 -14.12 -14.05
C PRO A 104 -6.87 -12.66 -14.27
N PRO A 105 -7.62 -12.05 -13.32
CA PRO A 105 -8.15 -10.70 -13.58
C PRO A 105 -7.14 -9.64 -13.93
N GLU A 106 -7.56 -8.74 -14.84
CA GLU A 106 -6.78 -7.60 -15.32
C GLU A 106 -6.38 -6.62 -14.16
N SER A 107 -5.30 -5.85 -14.38
CA SER A 107 -4.74 -4.87 -13.43
C SER A 107 -5.79 -3.92 -12.98
N THR A 108 -5.66 -3.44 -11.73
CA THR A 108 -6.54 -2.43 -11.13
C THR A 108 -6.03 -1.02 -11.47
N ASN A 109 -4.81 -0.94 -12.03
CA ASN A 109 -4.28 0.32 -12.51
C ASN A 109 -4.59 0.45 -13.99
N LEU A 110 -5.55 1.30 -14.26
CA LEU A 110 -6.03 1.50 -15.61
C LEU A 110 -5.32 2.61 -16.35
N ARG A 111 -4.28 3.17 -15.75
CA ARG A 111 -3.48 4.19 -16.42
C ARG A 111 -2.73 3.50 -17.56
N THR A 112 -2.23 2.28 -17.33
CA THR A 112 -1.47 1.52 -18.32
C THR A 112 -2.28 1.39 -19.61
N LYS A 113 -3.47 0.76 -19.52
CA LYS A 113 -4.40 0.60 -20.63
C LYS A 113 -4.66 1.97 -21.28
N PHE A 114 -4.94 3.00 -20.46
CA PHE A 114 -5.25 4.31 -21.01
C PHE A 114 -4.07 4.96 -21.72
N ALA A 115 -2.82 4.61 -21.35
CA ALA A 115 -1.62 5.15 -21.99
C ALA A 115 -1.52 4.54 -23.35
N GLN A 116 -1.66 3.21 -23.38
CA GLN A 116 -1.61 2.37 -24.55
C GLN A 116 -2.58 2.90 -25.60
N TYR A 117 -3.83 3.19 -25.18
CA TYR A 117 -4.87 3.72 -26.07
C TYR A 117 -4.46 5.06 -26.64
N HIS A 118 -3.98 6.01 -25.78
CA HIS A 118 -3.57 7.37 -26.17
C HIS A 118 -2.52 7.32 -27.24
N ALA A 119 -1.59 6.36 -27.12
CA ALA A 119 -0.49 6.13 -28.04
C ALA A 119 -1.00 5.56 -29.35
N PHE A 120 -2.04 4.73 -29.28
CA PHE A 120 -2.66 4.16 -30.47
C PHE A 120 -3.45 5.27 -31.14
N GLU A 121 -4.13 6.13 -30.34
CA GLU A 121 -4.93 7.26 -30.80
C GLU A 121 -4.05 8.19 -31.67
N ASP A 122 -2.81 8.48 -31.22
CA ASP A 122 -1.84 9.34 -31.91
C ASP A 122 -1.20 8.57 -33.08
N LYS A 123 -1.61 8.93 -34.31
CA LYS A 123 -1.18 8.31 -35.57
C LYS A 123 0.34 8.06 -35.68
N GLU A 124 1.13 9.04 -35.23
CA GLU A 124 2.58 9.01 -35.28
C GLU A 124 3.18 8.15 -34.20
N ALA A 125 2.75 8.33 -32.93
CA ALA A 125 3.24 7.56 -31.76
C ALA A 125 3.08 6.08 -32.05
N ARG A 126 1.90 5.72 -32.58
CA ARG A 126 1.49 4.38 -32.97
C ARG A 126 2.43 3.81 -34.05
N LEU A 127 2.76 4.63 -35.07
CA LEU A 127 3.65 4.27 -36.17
C LEU A 127 5.07 3.94 -35.68
N GLU A 128 5.55 4.68 -34.67
CA GLU A 128 6.87 4.51 -34.07
C GLU A 128 6.97 3.18 -33.30
N ILE A 129 5.94 2.84 -32.49
CA ILE A 129 5.90 1.60 -31.68
C ILE A 129 5.81 0.36 -32.55
N ALA A 130 4.93 0.40 -33.57
CA ALA A 130 4.71 -0.72 -34.51
C ALA A 130 6.02 -1.15 -35.18
N LYS A 131 6.77 -0.17 -35.75
CA LYS A 131 8.06 -0.39 -36.41
C LYS A 131 9.07 -1.10 -35.48
N LYS A 132 9.03 -0.80 -34.16
CA LYS A 132 9.95 -1.38 -33.16
C LYS A 132 9.80 -2.88 -32.97
N PHE A 133 8.63 -3.46 -33.32
CA PHE A 133 8.38 -4.90 -33.20
C PHE A 133 9.00 -5.62 -34.37
N ILE A 134 8.72 -5.13 -35.60
CA ILE A 134 9.19 -5.67 -36.88
C ILE A 134 10.71 -5.46 -37.02
N GLU A 135 11.22 -4.34 -36.47
CA GLU A 135 12.65 -4.03 -36.43
C GLU A 135 13.34 -5.20 -35.75
N ALA A 136 12.78 -5.64 -34.60
CA ALA A 136 13.30 -6.75 -33.82
C ALA A 136 13.11 -8.07 -34.53
N LYS A 137 11.92 -8.30 -35.12
CA LYS A 137 11.59 -9.53 -35.85
C LYS A 137 12.63 -9.82 -36.92
N PHE A 138 13.00 -8.77 -37.71
CA PHE A 138 14.01 -8.87 -38.77
C PHE A 138 15.36 -9.31 -38.21
N TYR A 139 15.81 -8.68 -37.11
CA TYR A 139 17.07 -8.98 -36.42
C TYR A 139 17.16 -10.42 -35.92
N LYS A 140 16.03 -10.96 -35.46
CA LYS A 140 16.00 -12.32 -34.94
C LYS A 140 15.82 -13.33 -36.08
N SER A 141 15.20 -12.92 -37.23
CA SER A 141 14.99 -13.75 -38.43
C SER A 141 16.36 -14.16 -38.97
N LYS A 142 17.30 -13.20 -39.00
CA LYS A 142 18.68 -13.36 -39.43
C LYS A 142 19.44 -14.20 -38.42
N ALA A 143 19.44 -13.78 -37.14
CA ALA A 143 20.12 -14.46 -36.02
C ALA A 143 20.04 -15.99 -36.07
N VAL A 144 18.84 -16.53 -36.40
CA VAL A 144 18.54 -17.97 -36.52
C VAL A 144 19.26 -18.58 -37.75
N LEU A 145 19.15 -17.91 -38.92
CA LEU A 145 19.76 -18.30 -40.21
C LEU A 145 21.29 -18.34 -40.14
N ASP A 146 21.86 -17.52 -39.23
CA ASP A 146 23.29 -17.46 -38.94
C ASP A 146 23.68 -18.60 -38.02
N PHE A 147 22.76 -19.02 -37.11
CA PHE A 147 22.97 -20.17 -36.22
C PHE A 147 22.94 -21.42 -37.07
N LEU A 148 22.05 -21.46 -38.09
CA LEU A 148 21.91 -22.57 -39.04
C LEU A 148 23.11 -22.62 -40.02
N SER A 149 24.31 -22.22 -39.53
CA SER A 149 25.58 -22.19 -40.26
C SER A 149 26.08 -23.57 -40.67
N GLN A 150 25.67 -24.64 -39.94
CA GLN A 150 26.04 -26.04 -40.23
C GLN A 150 25.46 -26.55 -41.58
N ARG A 151 24.48 -25.83 -42.15
CA ARG A 151 23.83 -26.13 -43.43
C ARG A 151 23.99 -24.87 -44.31
N TYR A 152 25.26 -24.53 -44.61
CA TYR A 152 25.72 -23.33 -45.33
C TYR A 152 25.06 -23.00 -46.69
N PRO A 153 24.71 -23.94 -47.62
CA PRO A 153 24.14 -23.50 -48.91
C PRO A 153 23.07 -22.43 -48.80
N GLU A 154 23.48 -21.17 -49.08
CA GLU A 154 22.68 -19.95 -49.02
C GLU A 154 21.98 -19.73 -47.66
N ILE A 155 22.75 -19.22 -46.69
CA ILE A 155 22.26 -18.87 -45.34
C ILE A 155 22.51 -17.39 -45.09
N ASN A 156 23.03 -16.69 -46.13
CA ASN A 156 23.31 -15.26 -46.17
C ASN A 156 21.97 -14.52 -46.27
N PHE A 157 21.68 -13.69 -45.27
CA PHE A 157 20.43 -12.95 -45.23
C PHE A 157 20.67 -11.44 -45.19
N ASP A 158 20.01 -10.69 -46.09
CA ASP A 158 20.12 -9.24 -46.15
C ASP A 158 18.90 -8.56 -45.52
N ILE A 159 19.09 -8.04 -44.32
CA ILE A 159 18.05 -7.33 -43.58
C ILE A 159 18.12 -5.86 -43.99
N LEU A 160 19.32 -5.28 -43.91
CA LEU A 160 19.72 -3.89 -44.19
C LEU A 160 18.85 -3.15 -45.22
N ASP A 161 18.73 -3.68 -46.46
CA ASP A 161 17.98 -3.00 -47.52
C ASP A 161 16.47 -2.97 -47.30
N GLY A 162 15.95 -3.96 -46.57
CA GLY A 162 14.54 -4.01 -46.19
C GLY A 162 14.28 -3.23 -44.91
N LEU A 163 15.27 -3.28 -44.01
CA LEU A 163 15.27 -2.58 -42.72
C LEU A 163 15.30 -1.07 -42.97
N THR A 164 15.95 -0.65 -44.08
CA THR A 164 16.00 0.75 -44.53
C THR A 164 14.62 1.13 -45.09
N LYS A 165 13.94 0.16 -45.76
CA LYS A 165 12.58 0.37 -46.28
C LYS A 165 11.57 0.51 -45.13
N LEU A 166 11.84 -0.16 -43.99
CA LEU A 166 11.02 -0.08 -42.77
C LEU A 166 11.21 1.29 -42.08
N LYS A 167 12.46 1.80 -42.04
CA LYS A 167 12.82 3.10 -41.45
C LYS A 167 12.04 4.26 -42.11
N ASP A 168 11.68 4.10 -43.40
CA ASP A 168 11.03 5.10 -44.24
C ASP A 168 9.55 4.89 -44.56
N VAL A 169 8.91 3.84 -44.03
CA VAL A 169 7.49 3.62 -44.31
C VAL A 169 6.62 4.59 -43.49
N LYS A 170 5.55 5.08 -44.15
CA LYS A 170 4.63 6.11 -43.66
C LYS A 170 3.31 5.60 -43.03
N SER A 171 2.99 4.29 -43.17
CA SER A 171 1.76 3.72 -42.60
C SER A 171 1.95 2.30 -42.06
N THR A 172 1.03 1.85 -41.17
CA THR A 172 1.04 0.50 -40.58
C THR A 172 0.82 -0.59 -41.64
N ARG A 173 0.02 -0.27 -42.69
CA ARG A 173 -0.27 -1.14 -43.83
C ARG A 173 1.01 -1.33 -44.61
N GLU A 174 1.80 -0.24 -44.73
CA GLU A 174 3.11 -0.22 -45.39
C GLU A 174 4.09 -1.13 -44.63
N ILE A 175 3.99 -1.15 -43.27
CA ILE A 175 4.82 -2.01 -42.42
C ILE A 175 4.47 -3.48 -42.71
N LEU A 176 3.18 -3.75 -42.89
CA LEU A 176 2.72 -5.10 -43.20
C LEU A 176 3.12 -5.52 -44.63
N GLY A 177 3.46 -4.53 -45.46
CA GLY A 177 3.96 -4.71 -46.81
C GLY A 177 5.39 -5.21 -46.78
N VAL A 178 6.25 -4.56 -45.96
CA VAL A 178 7.66 -4.94 -45.77
C VAL A 178 7.74 -6.25 -44.97
N GLU A 179 6.88 -6.40 -43.94
CA GLU A 179 6.74 -7.58 -43.08
C GLU A 179 6.73 -8.84 -43.96
N GLY A 180 5.77 -8.89 -44.89
CA GLY A 180 5.54 -9.98 -45.82
C GLY A 180 6.67 -10.20 -46.81
N THR A 181 7.13 -9.13 -47.49
CA THR A 181 8.22 -9.16 -48.48
C THR A 181 9.37 -9.99 -47.93
N LEU A 182 9.84 -9.63 -46.73
CA LEU A 182 10.92 -10.31 -46.03
C LEU A 182 10.49 -11.70 -45.58
N ALA A 183 9.26 -11.84 -45.03
CA ALA A 183 8.72 -13.12 -44.56
C ALA A 183 8.85 -14.21 -45.62
N GLY A 184 8.56 -13.86 -46.88
CA GLY A 184 8.65 -14.76 -48.02
C GLY A 184 10.07 -15.16 -48.33
N LYS A 185 10.98 -14.17 -48.32
CA LYS A 185 12.42 -14.32 -48.56
C LYS A 185 13.07 -15.14 -47.42
N TYR A 186 12.50 -15.05 -46.20
CA TYR A 186 12.94 -15.76 -45.00
C TYR A 186 12.76 -17.26 -45.16
N TRP A 187 11.52 -17.73 -45.38
CA TRP A 187 11.21 -19.14 -45.56
C TRP A 187 11.84 -19.73 -46.83
N ILE A 188 12.16 -18.86 -47.82
CA ILE A 188 12.83 -19.24 -49.08
C ILE A 188 14.26 -19.74 -48.73
N GLU A 189 14.88 -19.16 -47.69
CA GLU A 189 16.20 -19.54 -47.20
C GLU A 189 16.09 -20.52 -46.02
N PHE A 190 14.92 -20.59 -45.34
CA PHE A 190 14.69 -21.49 -44.20
C PHE A 190 14.56 -22.94 -44.66
N SER A 191 13.94 -23.16 -45.84
CA SER A 191 13.72 -24.48 -46.48
C SER A 191 14.96 -25.36 -46.41
N LYS A 192 16.14 -24.79 -46.81
CA LYS A 192 17.48 -25.40 -46.82
C LYS A 192 17.83 -26.23 -45.56
N ALA A 193 17.31 -25.82 -44.39
CA ALA A 193 17.52 -26.49 -43.11
C ALA A 193 16.73 -27.81 -43.02
N VAL A 194 15.48 -27.82 -43.54
CA VAL A 194 14.60 -28.99 -43.46
C VAL A 194 14.71 -29.92 -44.69
N PRO A 195 14.89 -31.25 -44.44
CA PRO A 195 15.01 -32.20 -45.55
C PRO A 195 13.89 -32.16 -46.58
N LYS A 196 14.19 -32.64 -47.81
CA LYS A 196 13.23 -32.71 -48.94
C LYS A 196 11.99 -33.55 -48.64
N GLU A 197 12.17 -34.62 -47.83
CA GLU A 197 11.16 -35.58 -47.38
C GLU A 197 9.99 -34.98 -46.56
N TYR A 198 10.20 -33.79 -45.94
CA TYR A 198 9.23 -33.08 -45.08
C TYR A 198 8.17 -32.25 -45.85
N ASP A 199 8.40 -32.05 -47.18
CA ASP A 199 7.53 -31.38 -48.16
C ASP A 199 7.08 -29.95 -47.78
N PHE A 200 8.03 -29.12 -47.29
CA PHE A 200 7.78 -27.73 -46.92
C PHE A 200 8.30 -26.73 -47.97
N SER A 201 7.38 -26.05 -48.67
CA SER A 201 7.72 -25.06 -49.70
C SER A 201 7.85 -23.67 -49.07
N ASN A 202 6.82 -23.24 -48.32
CA ASN A 202 6.70 -21.94 -47.62
C ASN A 202 5.52 -21.97 -46.63
N ARG A 203 5.12 -20.80 -46.10
CA ARG A 203 4.02 -20.71 -45.15
C ARG A 203 2.70 -20.14 -45.78
N ILE A 204 2.81 -19.56 -47.01
CA ILE A 204 1.68 -18.96 -47.74
C ILE A 204 0.68 -20.01 -48.28
N ASP A 205 -0.63 -19.65 -48.25
CA ASP A 205 -1.81 -20.45 -48.69
C ASP A 205 -1.92 -20.54 -50.24
N GLN A 206 -3.17 -20.70 -50.76
CA GLN A 206 -3.49 -20.74 -52.19
C GLN A 206 -3.84 -19.31 -52.65
N PHE A 207 -4.24 -18.43 -51.69
CA PHE A 207 -4.59 -17.02 -51.90
C PHE A 207 -3.48 -16.12 -51.31
N ARG A 208 -3.34 -16.14 -49.96
CA ARG A 208 -2.40 -15.43 -49.08
C ARG A 208 -2.93 -15.66 -47.66
N ARG A 209 -2.32 -16.63 -46.93
CA ARG A 209 -2.67 -17.04 -45.54
C ARG A 209 -1.60 -17.98 -44.93
N ALA A 210 -1.52 -18.00 -43.58
CA ALA A 210 -0.64 -18.86 -42.80
C ALA A 210 -1.51 -19.69 -41.82
N MSE A 211 -2.65 -20.22 -42.35
CA MSE A 211 -3.67 -20.99 -41.63
C MSE A 211 -4.36 -22.05 -42.51
O MSE A 211 -4.94 -21.70 -43.56
CB MSE A 211 -4.70 -20.05 -40.96
CG MSE A 211 -5.17 -18.89 -41.87
SE MSE A 211 -5.11 -17.08 -41.06
CE MSE A 211 -3.21 -16.91 -40.58
N GLY A 212 -4.26 -23.31 -42.10
CA GLY A 212 -4.85 -24.46 -42.81
C GLY A 212 -4.00 -25.72 -42.87
N SER A 213 -2.93 -25.79 -42.02
CA SER A 213 -1.95 -26.89 -41.86
C SER A 213 -1.13 -27.24 -43.14
N GLY A 214 -1.38 -28.43 -43.75
CA GLY A 214 -0.70 -28.89 -44.96
C GLY A 214 0.61 -29.64 -44.74
N ASP A 215 1.76 -28.90 -44.72
CA ASP A 215 3.14 -29.38 -44.51
C ASP A 215 3.38 -29.83 -43.08
N MSE A 216 4.16 -30.92 -42.91
CA MSE A 216 4.50 -31.50 -41.61
C MSE A 216 5.15 -30.51 -40.64
O MSE A 216 4.74 -30.49 -39.47
CB MSE A 216 5.35 -32.76 -41.76
CG MSE A 216 5.28 -33.67 -40.55
SE MSE A 216 6.47 -35.21 -40.59
CE MSE A 216 5.18 -36.58 -41.16
N ILE A 217 6.12 -29.69 -41.10
CA ILE A 217 6.75 -28.71 -40.20
C ILE A 217 5.83 -27.51 -39.98
N ASN A 218 4.97 -27.19 -40.98
CA ASN A 218 4.01 -26.08 -40.89
C ASN A 218 3.02 -26.32 -39.76
N THR A 219 2.61 -27.60 -39.58
CA THR A 219 1.74 -28.07 -38.52
C THR A 219 2.46 -27.95 -37.18
N MSE A 220 3.78 -28.23 -37.17
CA MSE A 220 4.64 -28.13 -35.98
C MSE A 220 4.80 -26.64 -35.57
O MSE A 220 4.82 -26.31 -34.37
CB MSE A 220 6.00 -28.77 -36.24
CG MSE A 220 5.94 -30.29 -36.38
SE MSE A 220 7.66 -31.10 -36.89
CE MSE A 220 8.77 -30.64 -35.32
N LEU A 221 4.91 -25.76 -36.59
CA LEU A 221 5.05 -24.31 -36.43
C LEU A 221 3.77 -23.68 -35.92
N ASN A 222 2.62 -24.04 -36.54
CA ASN A 222 1.31 -23.52 -36.16
C ASN A 222 1.09 -23.65 -34.65
N TYR A 223 1.39 -24.87 -34.11
CA TYR A 223 1.29 -25.19 -32.69
C TYR A 223 2.26 -24.38 -31.86
N GLY A 224 3.47 -24.22 -32.37
CA GLY A 224 4.52 -23.45 -31.71
C GLY A 224 4.09 -22.04 -31.49
N TYR A 225 3.71 -21.34 -32.57
CA TYR A 225 3.24 -19.96 -32.50
C TYR A 225 2.10 -19.79 -31.49
N SER A 226 1.19 -20.79 -31.39
CA SER A 226 0.08 -20.78 -30.43
C SER A 226 0.60 -20.84 -28.98
N LEU A 227 1.60 -21.70 -28.70
CA LEU A 227 2.18 -21.81 -27.35
C LEU A 227 2.83 -20.48 -26.96
N LEU A 228 3.48 -19.84 -27.94
CA LEU A 228 4.12 -18.55 -27.75
C LEU A 228 3.03 -17.49 -27.50
N GLU A 229 1.93 -17.50 -28.31
CA GLU A 229 0.80 -16.56 -28.19
C GLU A 229 0.29 -16.56 -26.77
N ALA A 230 0.12 -17.76 -26.21
CA ALA A 230 -0.34 -17.99 -24.84
C ALA A 230 0.57 -17.27 -23.81
N GLU A 231 1.89 -17.48 -23.88
CA GLU A 231 2.82 -16.79 -22.96
C GLU A 231 2.73 -15.29 -23.14
N CYS A 232 2.54 -14.83 -24.39
CA CYS A 232 2.43 -13.41 -24.74
C CYS A 232 1.23 -12.75 -24.07
N LEU A 233 0.06 -13.46 -24.05
CA LEU A 233 -1.16 -12.99 -23.38
C LEU A 233 -0.91 -12.94 -21.87
N LYS A 234 -0.40 -14.05 -21.27
CA LYS A 234 -0.06 -14.12 -19.86
C LYS A 234 0.83 -12.94 -19.45
N ALA A 235 1.87 -12.64 -20.25
CA ALA A 235 2.78 -11.50 -20.03
C ALA A 235 2.07 -10.17 -20.22
N ILE A 236 1.23 -10.04 -21.27
CA ILE A 236 0.46 -8.82 -21.53
C ILE A 236 -0.39 -8.50 -20.33
N ASN A 237 -1.15 -9.51 -19.86
CA ASN A 237 -2.02 -9.47 -18.69
C ASN A 237 -1.23 -9.08 -17.45
N SER A 238 -0.10 -9.80 -17.22
CA SER A 238 0.79 -9.60 -16.09
C SER A 238 1.22 -8.19 -15.89
N VAL A 239 1.35 -7.41 -16.95
CA VAL A 239 1.81 -6.03 -16.78
C VAL A 239 0.64 -5.08 -16.54
N GLY A 240 -0.40 -5.22 -17.34
CA GLY A 240 -1.58 -4.38 -17.26
C GLY A 240 -1.89 -3.64 -18.54
N LEU A 241 -1.51 -4.25 -19.65
CA LEU A 241 -1.79 -3.75 -20.99
C LEU A 241 -3.06 -4.41 -21.55
N ASP A 242 -3.50 -3.98 -22.73
CA ASP A 242 -4.73 -4.52 -23.30
C ASP A 242 -4.38 -5.41 -24.47
N THR A 243 -4.65 -6.72 -24.37
CA THR A 243 -4.35 -7.70 -25.42
C THR A 243 -4.96 -7.33 -26.77
N HIS A 244 -6.11 -6.67 -26.75
CA HIS A 244 -6.87 -6.38 -27.95
C HIS A 244 -6.42 -5.13 -28.71
N VAL A 245 -5.79 -4.16 -28.05
CA VAL A 245 -5.34 -2.95 -28.76
C VAL A 245 -3.83 -3.03 -29.02
N GLY A 246 -3.50 -3.56 -30.19
CA GLY A 246 -2.14 -3.65 -30.67
C GLY A 246 -1.92 -2.50 -31.63
N PHE A 247 -0.66 -2.05 -31.74
CA PHE A 247 -0.26 -0.91 -32.56
C PHE A 247 -0.20 -1.26 -34.04
N LEU A 248 0.67 -2.23 -34.39
CA LEU A 248 0.91 -2.75 -35.74
C LEU A 248 -0.34 -3.42 -36.38
N HIS A 249 -0.83 -4.50 -35.77
CA HIS A 249 -1.95 -5.26 -36.29
C HIS A 249 -3.28 -4.53 -36.23
N GLU A 250 -3.90 -4.33 -37.39
CA GLU A 250 -5.22 -3.72 -37.56
C GLU A 250 -6.24 -4.89 -37.65
N MSE A 251 -6.16 -5.81 -36.66
CA MSE A 251 -6.96 -7.03 -36.56
C MSE A 251 -8.41 -6.76 -36.09
O MSE A 251 -8.78 -5.62 -35.83
CB MSE A 251 -6.27 -8.06 -35.64
CG MSE A 251 -5.06 -8.75 -36.29
SE MSE A 251 -5.52 -10.24 -37.49
CE MSE A 251 -3.71 -10.66 -38.19
N ALA A 252 -9.21 -7.85 -35.97
CA ALA A 252 -10.61 -7.84 -35.52
C ALA A 252 -10.81 -7.16 -34.14
N PRO A 253 -12.05 -6.71 -33.77
CA PRO A 253 -12.24 -6.00 -32.49
C PRO A 253 -11.78 -6.76 -31.25
N SER A 254 -12.26 -8.02 -31.11
CA SER A 254 -11.94 -8.92 -29.99
C SER A 254 -10.75 -9.83 -30.26
N LYS A 255 -9.93 -9.52 -31.28
CA LYS A 255 -8.74 -10.30 -31.58
C LYS A 255 -7.57 -9.72 -30.85
N ASN A 256 -6.72 -10.61 -30.30
CA ASN A 256 -5.51 -10.37 -29.52
C ASN A 256 -4.44 -9.69 -30.36
N SER A 257 -4.78 -8.54 -30.93
CA SER A 257 -3.92 -7.72 -31.75
C SER A 257 -2.55 -7.43 -31.08
N LEU A 258 -2.55 -6.99 -29.80
CA LEU A 258 -1.31 -6.71 -29.07
C LEU A 258 -0.44 -7.96 -28.88
N ALA A 259 -1.08 -9.13 -28.67
CA ALA A 259 -0.34 -10.36 -28.50
C ALA A 259 0.31 -10.70 -29.81
N TYR A 260 -0.43 -10.49 -30.94
CA TYR A 260 0.03 -10.71 -32.32
C TYR A 260 1.25 -9.82 -32.61
N ASP A 261 1.23 -8.59 -32.05
CA ASP A 261 2.29 -7.59 -32.13
C ASP A 261 3.51 -8.15 -31.41
N LEU A 262 3.38 -8.37 -30.09
CA LEU A 262 4.44 -8.91 -29.23
C LEU A 262 4.99 -10.29 -29.70
N GLN A 263 4.18 -11.05 -30.47
CA GLN A 263 4.60 -12.36 -31.00
C GLN A 263 5.91 -12.17 -31.75
N GLU A 264 5.88 -11.26 -32.76
CA GLU A 264 6.96 -10.91 -33.71
C GLU A 264 8.36 -10.91 -33.08
N PRO A 265 8.72 -10.07 -32.07
CA PRO A 265 10.10 -10.12 -31.54
C PRO A 265 10.51 -11.42 -30.81
N PHE A 266 9.58 -12.41 -30.66
CA PHE A 266 9.87 -13.68 -29.98
C PHE A 266 9.70 -14.92 -30.85
N ARG A 267 9.02 -14.77 -32.00
CA ARG A 267 8.75 -15.81 -32.99
C ARG A 267 9.93 -16.73 -33.28
N PHE A 268 11.15 -16.18 -33.30
CA PHE A 268 12.37 -16.93 -33.53
C PHE A 268 12.52 -18.12 -32.56
N ILE A 269 11.99 -18.00 -31.31
CA ILE A 269 12.07 -19.05 -30.29
C ILE A 269 11.41 -20.32 -30.80
N VAL A 270 10.21 -20.18 -31.41
CA VAL A 270 9.41 -21.27 -31.99
C VAL A 270 10.18 -21.97 -33.11
N ASP A 271 10.66 -21.20 -34.10
CA ASP A 271 11.44 -21.64 -35.24
C ASP A 271 12.59 -22.53 -34.80
N LEU A 272 13.39 -22.05 -33.82
CA LEU A 272 14.52 -22.79 -33.24
C LEU A 272 14.13 -24.10 -32.58
N ALA A 273 13.03 -24.09 -31.75
CA ALA A 273 12.50 -25.27 -31.06
C ALA A 273 12.10 -26.35 -32.07
N VAL A 274 11.47 -25.93 -33.19
CA VAL A 274 11.04 -26.85 -34.25
C VAL A 274 12.28 -27.48 -34.89
N ILE A 275 13.33 -26.65 -35.15
CA ILE A 275 14.61 -27.08 -35.72
C ILE A 275 15.33 -28.09 -34.78
N SER A 276 15.24 -27.84 -33.44
CA SER A 276 15.81 -28.67 -32.36
C SER A 276 15.17 -30.08 -32.26
N LEU A 277 14.39 -30.47 -33.30
CA LEU A 277 13.67 -31.75 -33.41
C LEU A 277 13.90 -32.33 -34.79
N ILE A 278 14.13 -31.47 -35.81
CA ILE A 278 14.34 -31.84 -37.21
C ILE A 278 15.65 -32.62 -37.38
N GLU A 279 16.76 -32.03 -36.92
CA GLU A 279 18.04 -32.70 -36.97
C GLU A 279 18.16 -33.68 -35.79
N SER A 280 17.26 -33.54 -34.79
CA SER A 280 17.19 -34.39 -33.60
C SER A 280 16.46 -35.74 -33.81
N GLY A 281 15.89 -35.94 -35.01
CA GLY A 281 15.20 -37.16 -35.40
C GLY A 281 14.04 -37.65 -34.53
N ALA A 282 13.47 -36.74 -33.70
CA ALA A 282 12.38 -37.02 -32.77
C ALA A 282 11.04 -37.21 -33.46
N MSE A 283 10.88 -36.61 -34.65
CA MSE A 283 9.62 -36.66 -35.38
C MSE A 283 9.41 -37.92 -36.25
O MSE A 283 10.37 -38.54 -36.72
CB MSE A 283 9.42 -35.38 -36.18
CG MSE A 283 8.29 -34.50 -35.63
SE MSE A 283 8.39 -34.00 -33.72
CE MSE A 283 6.50 -33.61 -33.43
N GLU A 284 8.14 -38.28 -36.41
CA GLU A 284 7.66 -39.43 -37.18
C GLU A 284 6.18 -39.30 -37.55
N SER A 285 5.78 -39.89 -38.71
CA SER A 285 4.40 -39.91 -39.23
C SER A 285 3.38 -40.41 -38.18
N LYS A 286 3.87 -41.27 -37.24
CA LYS A 286 3.19 -41.93 -36.11
C LYS A 286 2.49 -40.91 -35.17
N ASP A 287 2.88 -39.64 -35.27
CA ASP A 287 2.26 -38.59 -34.47
C ASP A 287 1.76 -37.41 -35.35
N PHE A 288 1.08 -37.73 -36.48
CA PHE A 288 0.48 -36.74 -37.38
C PHE A 288 -0.73 -37.34 -38.12
N ILE A 289 -1.95 -37.15 -37.60
CA ILE A 289 -3.16 -37.64 -38.29
C ILE A 289 -3.44 -36.71 -39.50
N ARG A 290 -3.98 -37.26 -40.61
CA ARG A 290 -4.31 -36.47 -41.80
C ARG A 290 -5.77 -36.04 -41.79
N THR A 291 -6.05 -34.85 -42.33
CA THR A 291 -7.42 -34.33 -42.45
C THR A 291 -7.99 -34.90 -43.73
N GLU A 292 -9.33 -35.09 -43.77
CA GLU A 292 -10.06 -35.59 -44.93
C GLU A 292 -10.00 -34.57 -46.08
N ASN A 293 -9.74 -33.29 -45.73
CA ASN A 293 -9.56 -32.17 -46.64
C ASN A 293 -8.09 -32.13 -47.18
N TYR A 294 -7.25 -33.14 -46.81
CA TYR A 294 -5.83 -33.35 -47.13
C TYR A 294 -4.90 -32.33 -46.39
N ASN A 295 -5.11 -32.21 -45.08
CA ASN A 295 -4.28 -31.34 -44.23
C ASN A 295 -3.65 -32.16 -43.09
N LEU A 296 -2.88 -31.52 -42.20
CA LEU A 296 -2.17 -32.27 -41.16
C LEU A 296 -2.43 -31.83 -39.75
N ARG A 297 -2.55 -32.78 -38.84
CA ARG A 297 -2.78 -32.47 -37.43
C ARG A 297 -1.90 -33.30 -36.54
N LEU A 298 -1.22 -32.66 -35.58
CA LEU A 298 -0.38 -33.35 -34.62
C LEU A 298 -1.24 -34.25 -33.74
N LYS A 299 -0.80 -35.48 -33.54
CA LYS A 299 -1.45 -36.47 -32.67
C LYS A 299 -0.92 -36.14 -31.26
N PRO A 300 -1.52 -36.63 -30.14
CA PRO A 300 -0.97 -36.30 -28.80
C PRO A 300 0.56 -36.44 -28.66
N THR A 301 1.11 -37.57 -29.14
CA THR A 301 2.55 -37.90 -29.16
C THR A 301 3.42 -36.80 -29.80
N GLY A 302 2.96 -36.22 -30.90
CA GLY A 302 3.62 -35.13 -31.61
C GLY A 302 3.54 -33.84 -30.82
N ALA A 303 2.29 -33.47 -30.42
CA ALA A 303 1.98 -32.27 -29.63
C ALA A 303 2.86 -32.19 -28.38
N ARG A 304 3.08 -33.35 -27.69
CA ARG A 304 3.90 -33.44 -26.50
C ARG A 304 5.35 -33.09 -26.79
N LYS A 305 5.87 -33.55 -27.94
CA LYS A 305 7.26 -33.31 -28.37
C LYS A 305 7.50 -31.83 -28.66
N ILE A 306 6.46 -31.10 -29.12
CA ILE A 306 6.58 -29.67 -29.42
C ILE A 306 6.43 -28.84 -28.13
N VAL A 307 5.47 -29.21 -27.25
CA VAL A 307 5.20 -28.51 -25.98
C VAL A 307 6.43 -28.55 -25.07
N ASN A 308 7.14 -29.69 -25.05
CA ASN A 308 8.36 -29.92 -24.27
C ASN A 308 9.52 -29.21 -24.90
N GLU A 309 9.67 -29.27 -26.26
CA GLU A 309 10.77 -28.57 -26.94
C GLU A 309 10.66 -27.07 -26.83
N PHE A 310 9.43 -26.54 -26.98
CA PHE A 310 9.14 -25.12 -26.80
C PHE A 310 9.56 -24.72 -25.39
N SER A 311 9.19 -25.54 -24.39
CA SER A 311 9.52 -25.35 -22.98
C SER A 311 11.04 -25.30 -22.67
N ASN A 312 11.85 -26.13 -23.36
CA ASN A 312 13.30 -26.16 -23.17
C ASN A 312 13.92 -24.92 -23.81
N THR A 313 13.51 -24.62 -25.07
CA THR A 313 13.95 -23.48 -25.87
C THR A 313 13.53 -22.13 -25.22
N LEU A 314 12.38 -22.12 -24.52
CA LEU A 314 11.92 -20.91 -23.83
C LEU A 314 12.71 -20.70 -22.53
N ASN A 315 13.15 -21.81 -21.90
CA ASN A 315 13.90 -21.76 -20.64
C ASN A 315 15.41 -21.62 -20.83
N LYS A 316 15.86 -21.33 -22.07
CA LYS A 316 17.28 -21.09 -22.35
C LYS A 316 17.64 -19.72 -21.78
N LYS A 317 18.75 -19.64 -21.01
CA LYS A 317 19.16 -18.39 -20.38
C LYS A 317 19.94 -17.49 -21.31
N VAL A 318 19.63 -16.19 -21.28
CA VAL A 318 20.23 -15.15 -22.10
C VAL A 318 20.65 -13.98 -21.24
N SER A 319 21.92 -13.57 -21.39
CA SER A 319 22.51 -12.46 -20.66
C SER A 319 21.86 -11.16 -21.16
N TYR A 320 20.99 -10.58 -20.32
CA TYR A 320 20.29 -9.34 -20.63
C TYR A 320 20.96 -8.12 -19.92
N GLN A 321 20.22 -7.36 -19.09
CA GLN A 321 20.78 -6.18 -18.42
C GLN A 321 21.89 -6.57 -17.46
N GLY A 322 21.54 -7.27 -16.40
CA GLY A 322 22.53 -7.72 -15.43
C GLY A 322 22.56 -9.23 -15.29
N LYS A 323 21.41 -9.80 -14.95
CA LYS A 323 21.31 -11.22 -14.73
C LYS A 323 21.20 -12.01 -16.01
N GLU A 324 21.69 -13.27 -15.97
CA GLU A 324 21.62 -14.25 -17.05
C GLU A 324 20.24 -14.93 -16.91
N SER A 325 19.19 -14.28 -17.48
CA SER A 325 17.75 -14.62 -17.41
C SER A 325 17.21 -15.52 -18.54
N THR A 326 16.20 -16.37 -18.24
CA THR A 326 15.54 -17.25 -19.23
C THR A 326 14.75 -16.42 -20.24
N TRP A 327 14.64 -16.93 -21.50
CA TRP A 327 13.90 -16.27 -22.58
C TRP A 327 12.46 -15.98 -22.21
N SER A 328 11.88 -16.86 -21.36
CA SER A 328 10.53 -16.75 -20.81
C SER A 328 10.43 -15.40 -20.10
N TYR A 329 11.21 -15.22 -18.99
CA TYR A 329 11.28 -14.01 -18.18
C TYR A 329 11.60 -12.76 -19.00
N VAL A 330 12.37 -12.92 -20.11
CA VAL A 330 12.73 -11.84 -21.03
C VAL A 330 11.49 -11.28 -21.74
N ILE A 331 10.49 -12.12 -22.02
CA ILE A 331 9.25 -11.63 -22.61
C ILE A 331 8.59 -10.67 -21.61
N PHE A 332 8.39 -11.16 -20.37
CA PHE A 332 7.81 -10.45 -19.23
C PHE A 332 8.44 -9.07 -19.01
N LEU A 333 9.78 -9.00 -19.11
CA LEU A 333 10.53 -7.78 -18.92
C LEU A 333 10.41 -6.89 -20.15
N LYS A 334 10.26 -7.48 -21.33
CA LYS A 334 10.13 -6.70 -22.55
C LYS A 334 8.78 -6.03 -22.69
N VAL A 335 7.71 -6.72 -22.28
CA VAL A 335 6.37 -6.14 -22.35
C VAL A 335 6.18 -5.07 -21.26
N ARG A 336 6.79 -5.32 -20.07
CA ARG A 336 6.82 -4.39 -18.93
C ARG A 336 7.51 -3.12 -19.39
N GLU A 337 8.60 -3.23 -20.16
CA GLU A 337 9.32 -2.10 -20.72
C GLU A 337 8.38 -1.30 -21.62
N LEU A 338 7.61 -1.98 -22.51
CA LEU A 338 6.64 -1.36 -23.41
C LEU A 338 5.64 -0.54 -22.58
N ALA A 339 5.12 -1.16 -21.49
CA ALA A 339 4.22 -0.54 -20.51
C ALA A 339 4.89 0.67 -19.78
N HIS A 340 6.17 0.53 -19.41
CA HIS A 340 6.92 1.59 -18.75
C HIS A 340 7.18 2.72 -19.73
N TYR A 341 7.43 2.38 -21.01
CA TYR A 341 7.65 3.35 -22.07
C TYR A 341 6.40 4.14 -22.35
N LEU A 342 5.26 3.46 -22.36
CA LEU A 342 3.96 4.06 -22.61
C LEU A 342 3.58 5.08 -21.53
N THR A 343 3.94 4.80 -20.27
CA THR A 343 3.63 5.65 -19.12
C THR A 343 4.77 6.67 -18.81
N SER A 344 5.70 6.80 -19.76
CA SER A 344 6.88 7.66 -19.71
C SER A 344 7.79 7.37 -18.50
N LYS A 345 7.58 6.21 -17.83
CA LYS A 345 8.42 5.74 -16.72
C LYS A 345 9.77 5.28 -17.31
N LYS A 346 9.76 4.92 -18.61
CA LYS A 346 10.88 4.55 -19.48
C LYS A 346 10.83 5.55 -20.67
N GLU A 347 12.00 6.01 -21.16
CA GLU A 347 12.02 7.02 -22.23
C GLU A 347 12.52 6.50 -23.60
N LYS A 348 12.94 5.24 -23.67
CA LYS A 348 13.39 4.63 -24.92
C LYS A 348 12.84 3.19 -25.05
N LEU A 349 12.28 2.83 -26.22
CA LEU A 349 11.74 1.47 -26.45
C LEU A 349 12.51 0.70 -27.51
N ASP A 350 13.05 -0.48 -27.15
CA ASP A 350 13.81 -1.32 -28.09
C ASP A 350 13.64 -2.82 -27.83
N PHE A 351 12.95 -3.53 -28.76
CA PHE A 351 12.71 -4.97 -28.66
C PHE A 351 13.87 -5.80 -29.18
N THR A 352 14.97 -5.11 -29.54
CA THR A 352 16.21 -5.75 -30.02
C THR A 352 17.17 -5.93 -28.87
N LYS A 353 17.15 -4.99 -27.88
CA LYS A 353 18.01 -4.94 -26.67
C LYS A 353 18.56 -6.34 -26.24
N PRO A 354 17.71 -7.36 -25.85
CA PRO A 354 18.28 -8.69 -25.56
C PRO A 354 18.43 -9.44 -26.88
N GLU A 355 19.66 -9.85 -27.24
CA GLU A 355 19.89 -10.54 -28.53
C GLU A 355 20.25 -12.03 -28.40
N TYR A 356 19.98 -12.83 -29.46
CA TYR A 356 20.30 -14.26 -29.46
C TYR A 356 21.78 -14.51 -29.85
N GLU A 357 22.42 -15.50 -29.19
CA GLU A 357 23.85 -15.85 -29.41
C GLU A 357 24.07 -17.19 -30.17
N ILE A 358 25.37 -17.59 -30.33
CA ILE A 358 25.81 -18.82 -30.98
C ILE A 358 25.20 -20.07 -30.33
N MSE B 18 -27.84 -5.92 -26.55
CA MSE B 18 -27.06 -6.75 -25.62
C MSE B 18 -27.96 -7.81 -24.98
O MSE B 18 -29.06 -7.48 -24.52
CB MSE B 18 -26.41 -5.86 -24.54
CG MSE B 18 -25.39 -6.59 -23.65
SE MSE B 18 -25.69 -6.31 -21.72
CE MSE B 18 -24.99 -4.52 -21.53
N LYS B 19 -27.51 -9.08 -24.97
CA LYS B 19 -28.27 -10.20 -24.42
C LYS B 19 -27.38 -11.21 -23.71
N LEU B 20 -27.48 -11.29 -22.36
CA LEU B 20 -26.69 -12.25 -21.59
C LEU B 20 -27.53 -13.21 -20.80
N LEU B 21 -27.00 -14.41 -20.59
CA LEU B 21 -27.60 -15.43 -19.75
C LEU B 21 -26.87 -15.35 -18.38
N LEU B 22 -27.62 -15.15 -17.30
CA LEU B 22 -26.99 -15.09 -15.99
C LEU B 22 -27.21 -16.41 -15.24
N LEU B 23 -26.11 -17.04 -14.81
CA LEU B 23 -26.14 -18.32 -14.12
C LEU B 23 -25.69 -18.26 -12.67
N ASN B 24 -26.55 -18.76 -11.77
CA ASN B 24 -26.40 -18.78 -10.30
C ASN B 24 -26.55 -20.20 -9.76
N GLY B 25 -26.35 -20.35 -8.46
CA GLY B 25 -26.56 -21.60 -7.74
C GLY B 25 -25.51 -22.69 -7.79
N HIS B 26 -25.91 -23.87 -7.27
CA HIS B 26 -25.10 -25.08 -7.19
C HIS B 26 -25.52 -26.06 -8.30
N GLY B 27 -24.54 -26.49 -9.08
CA GLY B 27 -24.73 -27.48 -10.14
C GLY B 27 -24.83 -26.96 -11.55
N ILE B 28 -24.24 -25.76 -11.84
CA ILE B 28 -24.31 -25.21 -13.19
C ILE B 28 -23.65 -26.18 -14.17
N ASN B 29 -24.48 -26.89 -14.94
CA ASN B 29 -23.96 -27.82 -15.93
C ASN B 29 -24.06 -27.25 -17.32
N MSE B 30 -23.00 -27.45 -18.11
CA MSE B 30 -22.91 -27.07 -19.51
C MSE B 30 -22.26 -28.19 -20.26
O MSE B 30 -21.08 -28.48 -20.04
CB MSE B 30 -22.18 -25.76 -19.69
CG MSE B 30 -23.09 -24.59 -19.57
SE MSE B 30 -22.15 -22.99 -20.01
CE MSE B 30 -22.18 -22.13 -18.32
N HIS B 31 -23.06 -28.88 -21.10
CA HIS B 31 -22.61 -29.99 -21.92
C HIS B 31 -23.31 -29.92 -23.27
N VAL B 32 -22.85 -30.75 -24.24
CA VAL B 32 -23.43 -30.78 -25.58
C VAL B 32 -23.91 -32.17 -25.90
N ASP B 33 -25.24 -32.32 -25.98
CA ASP B 33 -25.84 -33.58 -26.39
C ASP B 33 -26.22 -33.43 -27.87
N GLY B 34 -25.26 -33.82 -28.73
CA GLY B 34 -25.32 -33.81 -30.19
C GLY B 34 -25.69 -32.47 -30.81
N ALA B 35 -24.68 -31.60 -31.04
CA ALA B 35 -24.75 -30.24 -31.61
C ALA B 35 -25.65 -29.25 -30.84
N LYS B 36 -26.60 -29.76 -30.03
CA LYS B 36 -27.50 -28.97 -29.21
C LYS B 36 -26.77 -28.70 -27.89
N LEU B 37 -26.45 -27.43 -27.59
CA LEU B 37 -25.82 -27.10 -26.33
C LEU B 37 -26.86 -27.14 -25.23
N HIS B 38 -26.53 -27.83 -24.12
CA HIS B 38 -27.38 -27.94 -22.94
C HIS B 38 -26.80 -27.16 -21.78
N ILE B 39 -27.63 -26.33 -21.12
CA ILE B 39 -27.29 -25.51 -19.96
C ILE B 39 -28.32 -25.70 -18.83
N LYS B 40 -27.81 -26.12 -17.65
CA LYS B 40 -28.61 -26.31 -16.43
C LYS B 40 -28.18 -25.23 -15.44
N ASP B 41 -29.11 -24.31 -15.09
CA ASP B 41 -28.82 -23.28 -14.09
C ASP B 41 -28.82 -23.99 -12.74
N GLY B 42 -27.88 -23.65 -11.87
CA GLY B 42 -27.80 -24.24 -10.55
C GLY B 42 -28.92 -23.76 -9.65
N ARG B 43 -29.47 -24.71 -8.87
CA ARG B 43 -30.55 -24.41 -7.91
C ARG B 43 -29.97 -23.82 -6.64
N PHE B 44 -30.77 -23.02 -5.96
CA PHE B 44 -30.37 -22.42 -4.70
C PHE B 44 -31.40 -22.76 -3.63
N SER B 45 -32.61 -23.12 -4.07
CA SER B 45 -33.74 -23.50 -3.23
C SER B 45 -33.50 -24.81 -2.44
N THR B 46 -34.54 -25.27 -1.70
CA THR B 46 -34.51 -26.50 -0.89
C THR B 46 -34.61 -27.75 -1.81
N THR B 47 -33.72 -27.81 -2.85
CA THR B 47 -33.59 -28.86 -3.87
C THR B 47 -34.91 -29.03 -4.68
N GLU B 48 -35.08 -28.18 -5.73
CA GLU B 48 -36.24 -28.16 -6.62
C GLU B 48 -35.81 -28.26 -8.12
N GLU B 49 -36.66 -27.78 -9.07
CA GLU B 49 -36.39 -27.82 -10.51
C GLU B 49 -35.91 -26.45 -11.09
N PRO B 50 -34.57 -26.25 -11.30
CA PRO B 50 -34.09 -24.97 -11.85
C PRO B 50 -34.06 -24.95 -13.38
N GLN B 51 -34.10 -23.74 -13.97
CA GLN B 51 -34.15 -23.53 -15.43
C GLN B 51 -33.10 -24.30 -16.23
N GLU B 52 -33.56 -24.87 -17.35
CA GLU B 52 -32.76 -25.63 -18.31
C GLU B 52 -32.85 -24.90 -19.66
N TYR B 53 -31.79 -25.02 -20.49
CA TYR B 53 -31.68 -24.33 -21.77
C TYR B 53 -31.12 -25.24 -22.84
N VAL B 54 -31.70 -25.22 -24.03
CA VAL B 54 -31.18 -26.01 -25.15
C VAL B 54 -30.99 -25.08 -26.35
N PHE B 55 -29.73 -24.87 -26.77
CA PHE B 55 -29.42 -23.95 -27.86
C PHE B 55 -29.09 -24.62 -29.19
N SER B 56 -29.65 -24.06 -30.28
CA SER B 56 -29.41 -24.57 -31.62
C SER B 56 -28.14 -23.97 -32.17
N PRO B 57 -27.32 -24.75 -32.91
CA PRO B 57 -26.08 -24.19 -33.46
C PRO B 57 -26.30 -23.32 -34.71
N LYS B 58 -27.48 -22.68 -34.81
CA LYS B 58 -27.86 -21.85 -35.94
C LYS B 58 -28.78 -20.68 -35.52
N ARG B 59 -29.11 -20.57 -34.22
CA ARG B 59 -30.05 -19.55 -33.76
C ARG B 59 -29.63 -18.80 -32.51
N ILE B 60 -28.59 -19.29 -31.78
CA ILE B 60 -28.14 -18.68 -30.52
C ILE B 60 -28.01 -17.14 -30.65
N ASP B 61 -28.73 -16.43 -29.77
CA ASP B 61 -28.79 -14.96 -29.71
C ASP B 61 -27.88 -14.40 -28.60
N ILE B 62 -27.74 -15.17 -27.47
CA ILE B 62 -26.89 -14.90 -26.29
C ILE B 62 -25.49 -14.41 -26.72
N ASP B 63 -25.08 -13.20 -26.28
CA ASP B 63 -23.79 -12.61 -26.62
C ASP B 63 -22.72 -12.98 -25.58
N GLY B 64 -23.21 -13.40 -24.41
CA GLY B 64 -22.38 -13.82 -23.30
C GLY B 64 -23.13 -14.52 -22.18
N ILE B 65 -22.40 -15.31 -21.39
CA ILE B 65 -22.86 -16.06 -20.24
C ILE B 65 -22.08 -15.53 -19.02
N ILE B 66 -22.79 -15.27 -17.92
CA ILE B 66 -22.16 -14.80 -16.70
C ILE B 66 -22.39 -15.83 -15.62
N ILE B 67 -21.30 -16.34 -15.02
CA ILE B 67 -21.38 -17.35 -13.98
C ILE B 67 -20.96 -16.83 -12.61
N TYR B 68 -21.96 -16.54 -11.75
CA TYR B 68 -21.77 -16.18 -10.34
C TYR B 68 -22.35 -17.39 -9.67
N GLY B 69 -21.58 -18.46 -9.75
CA GLY B 69 -21.98 -19.76 -9.26
C GLY B 69 -21.01 -20.34 -8.27
N LYS B 70 -21.59 -21.12 -7.34
CA LYS B 70 -20.91 -21.82 -6.23
C LYS B 70 -20.11 -23.01 -6.80
N SER B 71 -20.84 -23.99 -7.35
CA SER B 71 -20.32 -25.18 -8.00
C SER B 71 -20.93 -25.25 -9.39
N GLY B 72 -20.34 -26.11 -10.23
CA GLY B 72 -20.78 -26.34 -11.60
C GLY B 72 -19.72 -26.99 -12.46
N ASN B 73 -20.16 -27.78 -13.44
CA ASN B 73 -19.27 -28.47 -14.37
C ASN B 73 -19.48 -27.93 -15.78
N LEU B 74 -18.38 -27.46 -16.41
CA LEU B 74 -18.37 -27.02 -17.80
C LEU B 74 -17.68 -28.10 -18.62
N THR B 75 -18.35 -28.73 -19.59
CA THR B 75 -17.64 -29.74 -20.39
C THR B 75 -16.87 -29.02 -21.47
N LEU B 76 -15.66 -29.52 -21.78
CA LEU B 76 -14.71 -28.98 -22.76
C LEU B 76 -15.40 -28.63 -24.07
N GLU B 77 -16.20 -29.59 -24.63
CA GLU B 77 -16.96 -29.45 -25.86
C GLU B 77 -17.93 -28.26 -25.81
N ALA B 78 -18.55 -28.02 -24.65
CA ALA B 78 -19.47 -26.91 -24.43
C ALA B 78 -18.76 -25.55 -24.46
N ILE B 79 -17.51 -25.47 -23.90
CA ILE B 79 -16.69 -24.25 -23.93
C ILE B 79 -16.34 -23.93 -25.40
N ARG B 80 -15.98 -24.99 -26.15
CA ARG B 80 -15.59 -24.93 -27.54
C ARG B 80 -16.75 -24.47 -28.41
N TRP B 81 -17.91 -25.12 -28.24
CA TRP B 81 -19.16 -24.79 -28.92
C TRP B 81 -19.39 -23.30 -28.73
N LEU B 82 -19.39 -22.84 -27.46
CA LEU B 82 -19.61 -21.46 -27.10
C LEU B 82 -18.73 -20.53 -27.86
N ILE B 83 -17.39 -20.76 -27.83
CA ILE B 83 -16.40 -19.92 -28.53
C ILE B 83 -16.70 -19.90 -30.01
N LYS B 84 -16.97 -21.10 -30.59
CA LYS B 84 -17.30 -21.26 -32.01
C LYS B 84 -18.54 -20.49 -32.42
N HIS B 85 -19.46 -20.23 -31.45
CA HIS B 85 -20.70 -19.50 -31.67
C HIS B 85 -20.66 -18.05 -31.20
N ASN B 86 -19.46 -17.55 -30.92
CA ASN B 86 -19.19 -16.20 -30.46
C ASN B 86 -20.06 -15.84 -29.27
N VAL B 87 -19.91 -16.64 -28.19
CA VAL B 87 -20.53 -16.47 -26.88
C VAL B 87 -19.40 -16.30 -25.89
N GLN B 88 -19.38 -15.16 -25.19
CA GLN B 88 -18.38 -14.92 -24.18
C GLN B 88 -18.81 -15.65 -22.90
N VAL B 89 -17.85 -16.20 -22.15
CA VAL B 89 -18.14 -16.85 -20.87
C VAL B 89 -17.36 -16.11 -19.82
N SER B 90 -18.07 -15.50 -18.89
CA SER B 90 -17.44 -14.78 -17.82
C SER B 90 -17.76 -15.46 -16.50
N ILE B 91 -16.73 -15.67 -15.70
CA ILE B 91 -16.88 -16.26 -14.39
C ILE B 91 -16.63 -15.19 -13.32
N LEU B 92 -17.66 -14.93 -12.51
CA LEU B 92 -17.58 -13.98 -11.43
C LEU B 92 -17.15 -14.67 -10.15
N ASP B 93 -16.45 -13.96 -9.28
CA ASP B 93 -16.05 -14.51 -7.99
C ASP B 93 -17.11 -14.06 -6.98
N TRP B 94 -17.16 -14.74 -5.82
CA TRP B 94 -18.11 -14.54 -4.71
C TRP B 94 -18.34 -13.07 -4.32
N ASN B 95 -17.34 -12.24 -4.57
CA ASN B 95 -17.34 -10.85 -4.18
C ASN B 95 -17.85 -9.88 -5.31
N GLY B 96 -18.34 -10.48 -6.39
CA GLY B 96 -18.85 -9.75 -7.55
C GLY B 96 -17.74 -9.39 -8.52
N LYS B 97 -16.48 -9.44 -8.02
CA LYS B 97 -15.27 -9.19 -8.80
C LYS B 97 -15.10 -10.31 -9.84
N LEU B 98 -14.59 -9.94 -11.03
CA LEU B 98 -14.41 -10.88 -12.14
C LEU B 98 -13.25 -11.87 -11.92
N LEU B 99 -13.54 -13.17 -11.99
CA LEU B 99 -12.54 -14.22 -11.80
C LEU B 99 -11.75 -14.48 -13.08
N THR B 100 -12.47 -14.77 -14.19
CA THR B 100 -11.90 -14.98 -15.53
C THR B 100 -12.97 -14.84 -16.59
N THR B 101 -12.56 -14.62 -17.84
CA THR B 101 -13.46 -14.56 -18.97
C THR B 101 -12.80 -15.11 -20.21
N MSE B 102 -13.58 -15.87 -20.98
CA MSE B 102 -13.20 -16.46 -22.25
C MSE B 102 -13.92 -15.65 -23.30
O MSE B 102 -15.13 -15.82 -23.50
CB MSE B 102 -13.63 -17.91 -22.32
CG MSE B 102 -12.72 -18.84 -21.58
SE MSE B 102 -13.69 -20.46 -21.13
CE MSE B 102 -14.72 -19.77 -19.60
N LEU B 103 -13.18 -14.71 -23.94
CA LEU B 103 -13.72 -13.83 -24.97
C LEU B 103 -13.47 -14.41 -26.37
N PRO B 104 -14.56 -14.66 -27.15
CA PRO B 104 -14.40 -15.21 -28.51
C PRO B 104 -13.77 -14.21 -29.47
N PRO B 105 -13.01 -14.64 -30.51
CA PRO B 105 -12.47 -13.66 -31.46
C PRO B 105 -13.66 -13.08 -32.22
N GLU B 106 -13.64 -11.78 -32.52
CA GLU B 106 -14.78 -11.13 -33.22
C GLU B 106 -16.01 -11.12 -32.31
N SER B 107 -16.05 -10.16 -31.39
CA SER B 107 -17.17 -9.98 -30.50
C SER B 107 -17.41 -8.52 -30.23
N THR B 108 -18.60 -8.06 -30.66
CA THR B 108 -19.06 -6.68 -30.49
C THR B 108 -19.23 -6.31 -28.99
N ASN B 109 -18.80 -7.23 -28.09
CA ASN B 109 -18.86 -7.11 -26.65
C ASN B 109 -17.97 -6.03 -26.11
N LEU B 110 -16.75 -5.91 -26.66
CA LEU B 110 -15.80 -4.92 -26.18
C LEU B 110 -16.19 -3.49 -26.54
N ARG B 111 -17.19 -3.31 -27.43
CA ARG B 111 -17.71 -1.99 -27.78
C ARG B 111 -18.12 -1.23 -26.48
N THR B 112 -18.82 -1.93 -25.57
CA THR B 112 -19.31 -1.47 -24.28
C THR B 112 -18.18 -0.82 -23.45
N LYS B 113 -17.09 -1.57 -23.16
CA LYS B 113 -15.93 -1.04 -22.42
C LYS B 113 -15.30 0.18 -23.11
N PHE B 114 -15.24 0.19 -24.44
CA PHE B 114 -14.67 1.30 -25.19
C PHE B 114 -15.56 2.50 -25.24
N ALA B 115 -16.89 2.30 -25.35
CA ALA B 115 -17.86 3.40 -25.35
C ALA B 115 -17.74 4.12 -24.02
N GLN B 116 -17.63 3.33 -22.94
CA GLN B 116 -17.42 3.78 -21.58
C GLN B 116 -16.17 4.65 -21.49
N TYR B 117 -15.06 4.22 -22.12
CA TYR B 117 -13.79 4.94 -22.09
C TYR B 117 -13.84 6.24 -22.86
N HIS B 118 -14.52 6.26 -24.04
CA HIS B 118 -14.64 7.50 -24.80
C HIS B 118 -15.38 8.56 -23.97
N ALA B 119 -16.46 8.10 -23.29
CA ALA B 119 -17.35 8.91 -22.47
C ALA B 119 -16.60 9.51 -21.30
N PHE B 120 -15.76 8.71 -20.64
CA PHE B 120 -14.94 9.19 -19.54
C PHE B 120 -14.00 10.27 -20.06
N GLU B 121 -13.41 10.03 -21.26
CA GLU B 121 -12.47 10.97 -21.85
C GLU B 121 -13.14 12.21 -22.36
N ASP B 122 -14.48 12.22 -22.44
CA ASP B 122 -15.26 13.36 -22.94
C ASP B 122 -15.82 14.17 -21.77
N LYS B 123 -15.38 15.45 -21.64
CA LYS B 123 -15.79 16.36 -20.57
C LYS B 123 -17.32 16.50 -20.51
N GLU B 124 -17.93 16.95 -21.63
CA GLU B 124 -19.38 17.15 -21.75
C GLU B 124 -20.14 15.91 -21.30
N ALA B 125 -19.77 14.70 -21.82
CA ALA B 125 -20.40 13.41 -21.54
C ALA B 125 -20.27 13.05 -20.10
N ARG B 126 -19.00 12.94 -19.61
CA ARG B 126 -18.60 12.55 -18.25
C ARG B 126 -19.44 13.23 -17.24
N LEU B 127 -19.52 14.55 -17.38
CA LEU B 127 -20.26 15.46 -16.51
C LEU B 127 -21.72 15.08 -16.43
N GLU B 128 -22.35 14.85 -17.61
CA GLU B 128 -23.77 14.54 -17.75
C GLU B 128 -24.11 13.25 -17.02
N ILE B 129 -23.29 12.20 -17.19
CA ILE B 129 -23.48 10.91 -16.53
C ILE B 129 -23.23 11.09 -15.04
N ALA B 130 -22.14 11.82 -14.68
CA ALA B 130 -21.77 12.09 -13.27
C ALA B 130 -22.95 12.74 -12.53
N LYS B 131 -23.56 13.77 -13.17
CA LYS B 131 -24.72 14.50 -12.69
C LYS B 131 -25.88 13.52 -12.50
N LYS B 132 -26.09 12.62 -13.48
CA LYS B 132 -27.19 11.63 -13.49
C LYS B 132 -27.13 10.62 -12.34
N PHE B 133 -25.97 10.51 -11.66
CA PHE B 133 -25.82 9.64 -10.50
C PHE B 133 -26.17 10.35 -9.20
N ILE B 134 -25.66 11.59 -9.01
CA ILE B 134 -25.84 12.37 -7.79
C ILE B 134 -27.26 12.93 -7.71
N GLU B 135 -27.90 13.14 -8.86
CA GLU B 135 -29.29 13.59 -8.97
C GLU B 135 -30.16 12.62 -8.18
N ALA B 136 -29.98 11.30 -8.45
CA ALA B 136 -30.69 10.18 -7.84
C ALA B 136 -30.42 10.05 -6.35
N LYS B 137 -29.15 10.20 -5.94
CA LYS B 137 -28.70 10.15 -4.54
C LYS B 137 -29.58 11.08 -3.68
N PHE B 138 -29.67 12.35 -4.10
CA PHE B 138 -30.50 13.39 -3.52
C PHE B 138 -31.96 12.95 -3.43
N TYR B 139 -32.50 12.30 -4.50
CA TYR B 139 -33.90 11.86 -4.40
C TYR B 139 -34.07 10.80 -3.33
N LYS B 140 -33.22 9.74 -3.37
CA LYS B 140 -33.27 8.66 -2.40
C LYS B 140 -32.96 9.17 -1.01
N SER B 141 -32.11 10.22 -0.89
CA SER B 141 -31.78 10.84 0.39
C SER B 141 -33.00 11.48 0.98
N LYS B 142 -33.79 12.25 0.19
CA LYS B 142 -35.02 12.81 0.71
C LYS B 142 -35.96 11.69 1.13
N ALA B 143 -36.09 10.63 0.31
CA ALA B 143 -36.97 9.49 0.63
C ALA B 143 -36.64 8.86 1.99
N VAL B 144 -35.35 8.73 2.32
CA VAL B 144 -34.88 8.16 3.58
C VAL B 144 -35.47 8.99 4.72
N LEU B 145 -35.03 10.26 4.78
CA LEU B 145 -35.42 11.26 5.78
C LEU B 145 -36.92 11.60 5.77
N ASP B 146 -37.60 11.45 4.63
CA ASP B 146 -39.04 11.67 4.53
C ASP B 146 -39.73 10.54 5.30
N PHE B 147 -39.15 9.31 5.22
CA PHE B 147 -39.64 8.11 5.91
C PHE B 147 -39.43 8.22 7.45
N LEU B 148 -38.58 9.17 7.89
CA LEU B 148 -38.37 9.46 9.30
C LEU B 148 -39.60 10.33 9.71
N SER B 149 -40.68 9.61 9.93
CA SER B 149 -42.00 10.05 10.31
C SER B 149 -42.19 9.55 11.73
N GLN B 150 -41.49 8.44 12.08
CA GLN B 150 -41.51 7.87 13.43
C GLN B 150 -40.49 8.62 14.31
N ARG B 151 -39.53 9.27 13.64
CA ARG B 151 -38.51 10.08 14.28
C ARG B 151 -38.67 11.49 13.74
N TYR B 152 -39.91 12.01 13.86
CA TYR B 152 -40.29 13.33 13.38
C TYR B 152 -39.65 14.53 14.12
N PRO B 153 -38.92 14.43 15.26
CA PRO B 153 -38.36 15.66 15.87
C PRO B 153 -37.32 16.40 15.01
N GLU B 154 -37.83 17.39 14.24
CA GLU B 154 -37.18 18.32 13.32
C GLU B 154 -36.19 17.67 12.34
N ILE B 155 -36.64 16.61 11.64
CA ILE B 155 -35.85 15.90 10.64
C ILE B 155 -35.83 16.60 9.26
N ASN B 156 -36.27 17.89 9.20
CA ASN B 156 -36.38 18.74 8.01
C ASN B 156 -35.25 18.59 6.97
N PHE B 157 -35.63 18.29 5.70
CA PHE B 157 -34.68 18.11 4.60
C PHE B 157 -35.02 18.95 3.35
N ASP B 158 -33.95 19.54 2.77
CA ASP B 158 -33.87 20.51 1.67
C ASP B 158 -33.19 19.94 0.39
N ILE B 159 -33.95 19.27 -0.48
CA ILE B 159 -33.34 18.66 -1.65
C ILE B 159 -33.30 19.60 -2.87
N LEU B 160 -34.36 20.41 -3.13
CA LEU B 160 -34.34 21.27 -4.34
C LEU B 160 -33.22 22.28 -4.35
N ASP B 161 -32.87 22.77 -3.16
CA ASP B 161 -31.74 23.67 -2.91
C ASP B 161 -30.51 23.05 -3.60
N GLY B 162 -30.20 21.81 -3.26
CA GLY B 162 -29.10 21.06 -3.84
C GLY B 162 -29.23 20.89 -5.34
N LEU B 163 -30.33 20.22 -5.77
CA LEU B 163 -30.70 19.92 -7.16
C LEU B 163 -30.46 21.08 -8.13
N THR B 164 -30.93 22.28 -7.79
CA THR B 164 -30.77 23.47 -8.62
C THR B 164 -29.29 23.77 -8.86
N LYS B 165 -28.46 23.70 -7.79
CA LYS B 165 -27.03 23.96 -7.89
C LYS B 165 -26.43 22.90 -8.78
N LEU B 166 -26.90 21.64 -8.60
CA LEU B 166 -26.47 20.44 -9.33
C LEU B 166 -26.70 20.55 -10.84
N LYS B 167 -27.83 21.13 -11.27
CA LYS B 167 -28.11 21.31 -12.71
C LYS B 167 -27.10 22.27 -13.34
N ASP B 168 -26.59 23.23 -12.55
CA ASP B 168 -25.69 24.27 -13.03
C ASP B 168 -24.20 24.01 -12.81
N VAL B 169 -23.81 22.95 -12.10
CA VAL B 169 -22.38 22.72 -11.85
C VAL B 169 -21.58 22.52 -13.15
N LYS B 170 -20.37 23.08 -13.21
CA LYS B 170 -19.51 23.04 -14.38
C LYS B 170 -18.47 21.90 -14.36
N SER B 171 -17.81 21.71 -13.23
CA SER B 171 -16.78 20.68 -13.06
C SER B 171 -17.33 19.44 -12.40
N THR B 172 -16.53 18.38 -12.39
CA THR B 172 -16.87 17.14 -11.68
C THR B 172 -16.73 17.36 -10.17
N ARG B 173 -15.74 18.18 -9.76
CA ARG B 173 -15.47 18.52 -8.36
C ARG B 173 -16.66 19.30 -7.80
N GLU B 174 -17.18 20.28 -8.59
CA GLU B 174 -18.35 21.11 -8.28
C GLU B 174 -19.54 20.19 -7.84
N ILE B 175 -19.63 19.00 -8.48
CA ILE B 175 -20.64 17.98 -8.14
C ILE B 175 -20.38 17.55 -6.72
N LEU B 176 -19.18 16.99 -6.46
CA LEU B 176 -18.74 16.55 -5.13
C LEU B 176 -19.06 17.63 -4.09
N GLY B 177 -18.87 18.89 -4.47
CA GLY B 177 -19.19 20.03 -3.64
C GLY B 177 -20.64 20.00 -3.20
N VAL B 178 -21.57 20.01 -4.20
CA VAL B 178 -23.01 19.97 -3.89
C VAL B 178 -23.32 18.67 -3.11
N GLU B 179 -22.88 17.47 -3.63
CA GLU B 179 -23.04 16.13 -3.01
C GLU B 179 -22.72 16.23 -1.51
N GLY B 180 -21.53 16.77 -1.21
CA GLY B 180 -20.99 16.90 0.13
C GLY B 180 -21.76 17.77 1.08
N THR B 181 -21.97 19.01 0.67
CA THR B 181 -22.68 20.03 1.43
C THR B 181 -24.01 19.47 1.94
N LEU B 182 -24.75 18.83 1.03
CA LEU B 182 -26.04 18.19 1.28
C LEU B 182 -25.84 17.01 2.20
N ALA B 183 -24.82 16.17 1.92
CA ALA B 183 -24.49 15.00 2.73
C ALA B 183 -24.38 15.34 4.23
N GLY B 184 -23.56 16.34 4.56
CA GLY B 184 -23.37 16.82 5.94
C GLY B 184 -24.68 17.09 6.65
N LYS B 185 -25.58 17.83 5.96
CA LYS B 185 -26.93 18.16 6.45
C LYS B 185 -27.75 16.88 6.71
N TYR B 186 -27.68 15.91 5.76
CA TYR B 186 -28.36 14.62 5.86
C TYR B 186 -27.95 13.86 7.13
N TRP B 187 -26.64 13.70 7.33
CA TRP B 187 -26.11 12.99 8.48
C TRP B 187 -26.56 13.57 9.82
N ILE B 188 -26.68 14.91 9.91
CA ILE B 188 -27.19 15.63 11.09
C ILE B 188 -28.64 15.18 11.38
N GLU B 189 -29.45 15.05 10.33
CA GLU B 189 -30.84 14.61 10.42
C GLU B 189 -30.93 13.12 10.77
N PHE B 190 -30.20 12.27 10.03
CA PHE B 190 -30.12 10.82 10.28
C PHE B 190 -29.84 10.58 11.76
N SER B 191 -28.85 11.32 12.33
CA SER B 191 -28.36 11.24 13.71
C SER B 191 -29.47 11.44 14.73
N LYS B 192 -30.51 12.20 14.36
CA LYS B 192 -31.68 12.45 15.21
C LYS B 192 -32.43 11.13 15.50
N ALA B 193 -32.19 10.09 14.69
CA ALA B 193 -32.77 8.76 14.83
C ALA B 193 -31.81 7.81 15.54
N VAL B 194 -30.64 8.31 15.94
CA VAL B 194 -29.69 7.43 16.60
C VAL B 194 -29.62 7.76 18.11
N PRO B 195 -29.93 6.76 18.98
CA PRO B 195 -29.87 7.00 20.45
C PRO B 195 -28.50 7.47 20.94
N LYS B 196 -28.48 8.35 21.99
CA LYS B 196 -27.26 8.97 22.57
C LYS B 196 -26.09 8.01 22.83
N GLU B 197 -26.41 6.84 23.41
CA GLU B 197 -25.53 5.72 23.80
C GLU B 197 -24.54 5.27 22.73
N TYR B 198 -24.97 5.34 21.46
CA TYR B 198 -24.23 4.92 20.29
C TYR B 198 -22.94 5.69 20.03
N ASP B 199 -22.93 7.01 20.32
CA ASP B 199 -21.79 7.92 20.11
C ASP B 199 -21.44 8.07 18.62
N PHE B 200 -22.49 8.32 17.81
CA PHE B 200 -22.36 8.59 16.41
C PHE B 200 -21.97 10.09 16.37
N SER B 201 -20.67 10.35 16.62
CA SER B 201 -20.02 11.65 16.73
C SER B 201 -20.13 12.47 15.43
N ASN B 202 -19.73 11.88 14.27
CA ASN B 202 -19.72 12.45 12.91
C ASN B 202 -19.46 11.29 11.97
N ARG B 203 -19.97 11.37 10.71
CA ARG B 203 -19.77 10.37 9.67
C ARG B 203 -18.35 10.27 9.16
N ILE B 204 -17.57 11.37 9.31
CA ILE B 204 -16.21 11.42 8.77
C ILE B 204 -15.18 11.88 9.81
N ASP B 205 -13.93 11.40 9.64
CA ASP B 205 -12.75 11.67 10.47
C ASP B 205 -12.24 13.06 10.19
N GLN B 206 -11.14 13.45 10.89
CA GLN B 206 -10.50 14.77 10.75
C GLN B 206 -10.02 15.07 9.27
N PHE B 207 -9.89 14.03 8.43
CA PHE B 207 -9.46 14.14 7.05
C PHE B 207 -10.64 14.02 6.07
N ARG B 208 -11.88 14.13 6.61
CA ARG B 208 -13.14 14.03 5.86
C ARG B 208 -13.30 12.68 5.15
N ARG B 209 -13.00 11.58 5.87
CA ARG B 209 -13.12 10.20 5.39
C ARG B 209 -14.00 9.42 6.32
N ALA B 210 -14.72 8.43 5.80
CA ALA B 210 -15.59 7.63 6.64
C ALA B 210 -14.83 6.44 7.16
N MSE B 211 -13.78 6.07 6.41
CA MSE B 211 -12.89 4.96 6.65
C MSE B 211 -12.27 4.94 8.03
O MSE B 211 -12.06 6.00 8.63
CB MSE B 211 -11.82 4.88 5.59
CG MSE B 211 -10.71 5.87 5.76
SE MSE B 211 -9.27 5.26 4.63
CE MSE B 211 -9.03 3.36 5.30
N GLY B 212 -12.01 3.73 8.52
CA GLY B 212 -11.44 3.51 9.84
C GLY B 212 -12.35 4.00 10.95
N SER B 213 -13.55 3.42 11.04
CA SER B 213 -14.53 3.78 12.05
C SER B 213 -14.11 3.31 13.46
N GLY B 214 -14.42 4.15 14.45
CA GLY B 214 -14.20 3.92 15.87
C GLY B 214 -15.52 3.78 16.58
N ASP B 215 -16.65 4.23 15.96
CA ASP B 215 -18.01 4.10 16.51
C ASP B 215 -18.85 2.99 15.84
N MSE B 216 -19.88 2.49 16.52
CA MSE B 216 -20.73 1.41 15.98
C MSE B 216 -21.46 1.71 14.66
O MSE B 216 -21.34 0.95 13.71
CB MSE B 216 -21.74 0.94 17.03
CG MSE B 216 -21.10 0.31 18.24
SE MSE B 216 -22.42 -0.47 19.42
CE MSE B 216 -21.28 -0.57 21.10
N ILE B 217 -22.24 2.81 14.63
CA ILE B 217 -23.03 3.17 13.44
C ILE B 217 -22.14 3.30 12.20
N ASN B 218 -20.98 3.99 12.33
CA ASN B 218 -20.10 4.19 11.19
C ASN B 218 -19.48 2.87 10.74
N THR B 219 -19.19 1.94 11.71
CA THR B 219 -18.72 0.58 11.44
C THR B 219 -19.83 -0.20 10.71
N MSE B 220 -21.08 -0.07 11.19
CA MSE B 220 -22.24 -0.72 10.59
C MSE B 220 -22.43 -0.24 9.15
O MSE B 220 -22.41 -1.08 8.26
CB MSE B 220 -23.48 -0.47 11.45
CG MSE B 220 -23.51 -1.29 12.74
SE MSE B 220 -24.91 -0.67 13.92
CE MSE B 220 -26.47 -1.02 12.71
N LEU B 221 -22.50 1.09 8.94
CA LEU B 221 -22.57 1.71 7.63
C LEU B 221 -21.40 1.33 6.72
N ASN B 222 -20.14 1.36 7.22
CA ASN B 222 -18.96 1.00 6.42
C ASN B 222 -19.01 -0.44 5.87
N TYR B 223 -19.43 -1.39 6.71
CA TYR B 223 -19.59 -2.80 6.32
C TYR B 223 -20.81 -2.93 5.38
N GLY B 224 -21.87 -2.20 5.70
CA GLY B 224 -23.08 -2.18 4.90
C GLY B 224 -22.78 -1.82 3.46
N TYR B 225 -22.08 -0.69 3.27
CA TYR B 225 -21.66 -0.15 1.99
C TYR B 225 -20.77 -1.10 1.18
N SER B 226 -19.91 -1.92 1.87
CA SER B 226 -19.07 -2.88 1.13
C SER B 226 -19.92 -3.95 0.46
N LEU B 227 -20.95 -4.42 1.18
CA LEU B 227 -21.89 -5.37 0.65
C LEU B 227 -22.61 -4.78 -0.56
N LEU B 228 -22.96 -3.46 -0.50
CA LEU B 228 -23.60 -2.76 -1.61
C LEU B 228 -22.63 -2.70 -2.77
N GLU B 229 -21.36 -2.25 -2.52
CA GLU B 229 -20.31 -2.18 -3.52
C GLU B 229 -20.18 -3.54 -4.19
N ALA B 230 -20.25 -4.65 -3.38
CA ALA B 230 -20.14 -6.02 -3.89
C ALA B 230 -21.17 -6.29 -4.96
N GLU B 231 -22.43 -5.84 -4.72
CA GLU B 231 -23.54 -5.99 -5.65
C GLU B 231 -23.21 -5.18 -6.87
N CYS B 232 -22.80 -3.91 -6.69
CA CYS B 232 -22.44 -3.05 -7.80
C CYS B 232 -21.38 -3.71 -8.66
N LEU B 233 -20.34 -4.35 -8.04
CA LEU B 233 -19.29 -5.07 -8.78
C LEU B 233 -19.88 -6.21 -9.62
N LYS B 234 -20.71 -7.07 -8.96
CA LYS B 234 -21.43 -8.18 -9.61
C LYS B 234 -22.26 -7.65 -10.78
N ALA B 235 -23.15 -6.67 -10.52
CA ALA B 235 -23.99 -6.06 -11.55
C ALA B 235 -23.21 -5.54 -12.76
N ILE B 236 -22.19 -4.70 -12.53
CA ILE B 236 -21.34 -4.10 -13.58
C ILE B 236 -20.73 -5.18 -14.46
N ASN B 237 -20.05 -6.15 -13.83
CA ASN B 237 -19.37 -7.24 -14.50
C ASN B 237 -20.34 -8.17 -15.25
N SER B 238 -21.57 -8.27 -14.71
CA SER B 238 -22.66 -9.01 -15.31
C SER B 238 -23.20 -8.17 -16.50
N VAL B 239 -22.52 -7.08 -16.89
CA VAL B 239 -23.05 -6.23 -17.93
C VAL B 239 -21.96 -5.78 -18.95
N GLY B 240 -20.73 -6.19 -18.73
CA GLY B 240 -19.68 -5.86 -19.68
C GLY B 240 -18.95 -4.52 -19.55
N LEU B 241 -19.11 -3.83 -18.41
CA LEU B 241 -18.42 -2.57 -18.20
C LEU B 241 -17.22 -2.80 -17.30
N ASP B 242 -16.32 -1.80 -17.25
CA ASP B 242 -15.12 -1.77 -16.43
C ASP B 242 -15.46 -1.09 -15.09
N THR B 243 -15.23 -1.80 -13.99
CA THR B 243 -15.48 -1.34 -12.62
C THR B 243 -14.51 -0.22 -12.26
N HIS B 244 -13.38 -0.13 -12.95
CA HIS B 244 -12.34 0.83 -12.63
C HIS B 244 -12.49 2.20 -13.28
N VAL B 245 -13.32 2.33 -14.30
CA VAL B 245 -13.52 3.61 -14.94
C VAL B 245 -14.90 4.17 -14.58
N GLY B 246 -14.87 5.16 -13.70
CA GLY B 246 -16.07 5.86 -13.24
C GLY B 246 -16.24 7.14 -14.01
N PHE B 247 -17.42 7.77 -13.86
CA PHE B 247 -17.85 9.04 -14.47
C PHE B 247 -17.86 10.12 -13.44
N LEU B 248 -18.47 9.87 -12.28
CA LEU B 248 -18.37 10.85 -11.22
C LEU B 248 -17.06 10.70 -10.46
N HIS B 249 -16.70 9.44 -10.13
CA HIS B 249 -15.48 9.10 -9.39
C HIS B 249 -14.32 8.93 -10.33
N GLU B 250 -13.23 9.67 -10.07
CA GLU B 250 -12.03 9.63 -10.91
C GLU B 250 -11.21 8.34 -10.69
N MSE B 251 -10.83 7.67 -11.79
CA MSE B 251 -10.01 6.44 -11.73
C MSE B 251 -8.64 6.75 -11.15
O MSE B 251 -8.09 7.85 -11.35
CB MSE B 251 -9.86 5.77 -13.10
CG MSE B 251 -9.59 6.76 -14.22
SE MSE B 251 -8.76 6.07 -15.80
CE MSE B 251 -6.96 5.55 -15.09
N ALA B 252 -8.13 5.80 -10.37
CA ALA B 252 -6.85 5.83 -9.66
C ALA B 252 -6.52 4.38 -9.31
N PRO B 253 -5.23 4.01 -9.13
CA PRO B 253 -4.92 2.60 -8.81
C PRO B 253 -5.70 2.03 -7.62
N SER B 254 -6.23 0.83 -7.78
CA SER B 254 -7.03 0.03 -6.82
C SER B 254 -8.40 0.60 -6.52
N LYS B 255 -8.89 1.54 -7.34
CA LYS B 255 -10.19 2.19 -7.12
C LYS B 255 -11.27 1.69 -8.08
N ASN B 256 -12.27 0.97 -7.53
CA ASN B 256 -13.36 0.46 -8.35
C ASN B 256 -14.39 1.60 -8.60
N SER B 257 -13.93 2.70 -9.24
CA SER B 257 -14.62 3.95 -9.52
C SER B 257 -16.07 3.82 -10.05
N LEU B 258 -16.30 3.00 -11.12
CA LEU B 258 -17.67 2.80 -11.63
C LEU B 258 -18.60 2.26 -10.55
N ALA B 259 -18.10 1.32 -9.72
CA ALA B 259 -18.88 0.79 -8.62
C ALA B 259 -19.29 1.95 -7.65
N TYR B 260 -18.32 2.82 -7.26
CA TYR B 260 -18.50 3.93 -6.33
C TYR B 260 -19.58 4.84 -6.82
N ASP B 261 -19.71 4.96 -8.18
CA ASP B 261 -20.76 5.77 -8.81
C ASP B 261 -22.09 5.05 -8.59
N LEU B 262 -22.19 3.80 -9.05
CA LEU B 262 -23.38 2.95 -8.93
C LEU B 262 -23.90 2.84 -7.50
N GLN B 263 -23.02 3.01 -6.52
CA GLN B 263 -23.45 2.93 -5.13
C GLN B 263 -24.32 4.09 -4.75
N GLU B 264 -23.98 5.31 -5.24
CA GLU B 264 -24.62 6.57 -4.94
C GLU B 264 -26.16 6.49 -5.10
N PRO B 265 -26.77 6.02 -6.22
CA PRO B 265 -28.25 5.87 -6.23
C PRO B 265 -28.84 4.71 -5.37
N PHE B 266 -28.02 3.85 -4.68
CA PHE B 266 -28.54 2.73 -3.86
C PHE B 266 -28.11 2.71 -2.37
N ARG B 267 -27.32 3.72 -1.95
CA ARG B 267 -26.83 3.81 -0.57
C ARG B 267 -27.98 3.77 0.43
N PHE B 268 -29.12 4.37 0.05
CA PHE B 268 -30.36 4.44 0.83
C PHE B 268 -30.73 3.08 1.43
N ILE B 269 -30.53 1.99 0.66
CA ILE B 269 -30.77 0.60 1.10
C ILE B 269 -29.92 0.26 2.35
N VAL B 270 -28.63 0.61 2.41
CA VAL B 270 -27.87 0.25 3.61
C VAL B 270 -28.29 1.18 4.79
N ASP B 271 -28.52 2.50 4.53
CA ASP B 271 -28.94 3.47 5.54
C ASP B 271 -30.20 3.00 6.20
N LEU B 272 -31.07 2.35 5.42
CA LEU B 272 -32.34 1.83 5.90
C LEU B 272 -32.08 0.61 6.77
N ALA B 273 -31.32 -0.38 6.25
CA ALA B 273 -30.93 -1.60 6.95
C ALA B 273 -30.31 -1.26 8.34
N VAL B 274 -29.34 -0.32 8.35
CA VAL B 274 -28.66 0.15 9.55
C VAL B 274 -29.70 0.64 10.59
N ILE B 275 -30.57 1.57 10.17
CA ILE B 275 -31.63 2.15 10.98
C ILE B 275 -32.57 1.08 11.52
N SER B 276 -32.85 0.06 10.68
CA SER B 276 -33.73 -1.08 10.99
C SER B 276 -33.14 -1.88 12.13
N LEU B 277 -31.80 -2.06 12.13
CA LEU B 277 -31.09 -2.81 13.17
C LEU B 277 -31.12 -2.05 14.50
N ILE B 278 -30.90 -0.70 14.46
CA ILE B 278 -30.92 0.21 15.61
C ILE B 278 -32.32 0.21 16.21
N GLU B 279 -33.33 0.37 15.32
CA GLU B 279 -34.77 0.41 15.59
C GLU B 279 -35.16 -0.76 16.49
N SER B 280 -34.80 -1.99 16.06
CA SER B 280 -35.07 -3.22 16.81
C SER B 280 -34.18 -3.30 18.06
N GLY B 281 -32.88 -3.06 17.88
CA GLY B 281 -31.88 -3.16 18.93
C GLY B 281 -31.20 -4.50 18.86
N ALA B 282 -30.97 -4.98 17.62
CA ALA B 282 -30.32 -6.25 17.30
C ALA B 282 -28.85 -6.15 17.68
N MSE B 283 -28.33 -4.91 17.68
CA MSE B 283 -26.95 -4.65 17.97
C MSE B 283 -26.62 -4.69 19.45
O MSE B 283 -27.22 -3.97 20.26
CB MSE B 283 -26.49 -3.36 17.30
CG MSE B 283 -25.68 -3.62 16.02
SE MSE B 283 -26.32 -5.06 14.82
CE MSE B 283 -24.55 -5.61 14.17
N GLU B 284 -25.68 -5.58 19.78
CA GLU B 284 -25.12 -5.79 21.11
C GLU B 284 -23.66 -5.35 21.05
N SER B 285 -23.01 -5.17 22.20
CA SER B 285 -21.61 -4.75 22.27
C SER B 285 -20.68 -5.88 21.86
N LYS B 286 -21.11 -7.14 22.09
CA LYS B 286 -20.34 -8.35 21.75
C LYS B 286 -20.30 -8.58 20.24
N ASP B 287 -20.97 -7.72 19.47
CA ASP B 287 -21.01 -7.79 18.02
C ASP B 287 -19.82 -7.07 17.42
N PHE B 288 -19.10 -6.28 18.22
CA PHE B 288 -17.95 -5.51 17.77
C PHE B 288 -16.67 -5.85 18.49
N ILE B 289 -15.54 -5.53 17.85
CA ILE B 289 -14.19 -5.74 18.38
C ILE B 289 -13.38 -4.45 18.15
N ARG B 290 -12.36 -4.21 19.00
CA ARG B 290 -11.56 -3.01 18.83
C ARG B 290 -10.07 -3.31 18.57
N THR B 291 -9.63 -2.91 17.38
CA THR B 291 -8.30 -3.01 16.80
C THR B 291 -7.25 -2.34 17.70
N GLU B 292 -6.01 -2.85 17.62
CA GLU B 292 -4.83 -2.30 18.28
C GLU B 292 -4.60 -0.83 17.79
N ASN B 293 -5.32 -0.42 16.73
CA ASN B 293 -5.20 0.92 16.18
C ASN B 293 -6.38 1.79 16.59
N TYR B 294 -7.21 1.26 17.53
CA TYR B 294 -8.43 1.82 18.15
C TYR B 294 -9.64 1.82 17.20
N ASN B 295 -9.54 1.18 16.01
CA ASN B 295 -10.72 1.09 15.14
C ASN B 295 -11.70 0.07 15.71
N LEU B 296 -12.96 0.22 15.38
CA LEU B 296 -14.01 -0.68 15.79
C LEU B 296 -14.45 -1.49 14.58
N ARG B 297 -14.05 -2.78 14.55
CA ARG B 297 -14.40 -3.75 13.51
C ARG B 297 -15.61 -4.59 13.97
N LEU B 298 -16.16 -5.41 13.07
CA LEU B 298 -17.28 -6.26 13.44
C LEU B 298 -16.89 -7.67 13.73
N LYS B 299 -17.37 -8.20 14.87
CA LYS B 299 -17.23 -9.62 15.22
C LYS B 299 -18.17 -10.38 14.25
N PRO B 300 -17.85 -11.61 13.80
CA PRO B 300 -18.71 -12.30 12.81
C PRO B 300 -20.21 -12.24 13.11
N THR B 301 -20.57 -12.31 14.39
CA THR B 301 -21.95 -12.29 14.85
C THR B 301 -22.64 -11.01 14.33
N GLY B 302 -21.94 -9.88 14.44
CA GLY B 302 -22.39 -8.57 13.97
C GLY B 302 -22.38 -8.51 12.46
N ALA B 303 -21.31 -9.05 11.84
CA ALA B 303 -21.13 -9.09 10.39
C ALA B 303 -22.31 -9.78 9.69
N ARG B 304 -22.86 -10.84 10.35
CA ARG B 304 -24.00 -11.61 9.87
C ARG B 304 -25.25 -10.77 10.02
N LYS B 305 -25.48 -10.18 11.21
CA LYS B 305 -26.67 -9.37 11.50
C LYS B 305 -26.90 -8.31 10.43
N ILE B 306 -25.78 -7.80 9.86
CA ILE B 306 -25.81 -6.80 8.81
C ILE B 306 -26.07 -7.46 7.46
N VAL B 307 -25.32 -8.54 7.09
CA VAL B 307 -25.56 -9.20 5.78
C VAL B 307 -27.03 -9.60 5.64
N ASN B 308 -27.58 -10.25 6.68
CA ASN B 308 -28.96 -10.71 6.75
C ASN B 308 -29.98 -9.60 6.53
N GLU B 309 -29.81 -8.41 7.18
CA GLU B 309 -30.73 -7.29 6.98
C GLU B 309 -30.50 -6.67 5.60
N PHE B 310 -29.21 -6.47 5.20
CA PHE B 310 -28.91 -5.91 3.89
C PHE B 310 -29.61 -6.74 2.83
N SER B 311 -29.40 -8.05 2.85
CA SER B 311 -30.04 -8.99 1.93
C SER B 311 -31.55 -8.84 1.95
N ASN B 312 -32.17 -8.65 3.14
CA ASN B 312 -33.61 -8.48 3.23
C ASN B 312 -34.10 -7.19 2.58
N THR B 313 -33.51 -6.02 2.97
CA THR B 313 -33.81 -4.70 2.39
C THR B 313 -33.62 -4.79 0.86
N LEU B 314 -32.54 -5.47 0.43
CA LEU B 314 -32.20 -5.67 -0.97
C LEU B 314 -33.14 -6.59 -1.71
N ASN B 315 -33.74 -7.58 -1.02
CA ASN B 315 -34.61 -8.53 -1.72
C ASN B 315 -36.08 -8.13 -1.67
N LYS B 316 -36.35 -6.92 -1.17
CA LYS B 316 -37.68 -6.33 -1.22
C LYS B 316 -37.94 -6.06 -2.71
N LYS B 317 -39.18 -6.21 -3.15
CA LYS B 317 -39.49 -5.97 -4.55
C LYS B 317 -39.93 -4.51 -4.79
N VAL B 318 -39.83 -4.04 -6.04
CA VAL B 318 -40.17 -2.67 -6.43
C VAL B 318 -40.88 -2.66 -7.80
N SER B 319 -41.89 -1.80 -7.94
CA SER B 319 -42.67 -1.69 -9.17
C SER B 319 -41.90 -0.80 -10.16
N TYR B 320 -41.36 -1.44 -11.21
CA TYR B 320 -40.53 -0.80 -12.24
C TYR B 320 -40.63 -1.53 -13.59
N GLN B 321 -40.89 -0.77 -14.68
CA GLN B 321 -41.00 -1.27 -16.05
C GLN B 321 -42.00 -2.42 -16.17
N GLY B 322 -43.19 -2.17 -15.61
CA GLY B 322 -44.29 -3.15 -15.60
C GLY B 322 -44.15 -4.21 -14.54
N LYS B 323 -43.02 -4.93 -14.53
CA LYS B 323 -42.76 -6.01 -13.59
C LYS B 323 -42.50 -5.47 -12.20
N GLU B 324 -42.70 -6.35 -11.19
CA GLU B 324 -42.38 -6.07 -9.80
C GLU B 324 -41.14 -6.92 -9.53
N SER B 325 -39.99 -6.25 -9.34
CA SER B 325 -38.73 -6.94 -9.15
C SER B 325 -37.90 -6.46 -7.98
N THR B 326 -37.02 -7.36 -7.50
CA THR B 326 -36.09 -7.12 -6.42
C THR B 326 -35.09 -5.97 -6.72
N TRP B 327 -34.67 -5.25 -5.67
CA TRP B 327 -33.70 -4.16 -5.75
C TRP B 327 -32.40 -4.57 -6.38
N SER B 328 -31.92 -5.78 -6.07
CA SER B 328 -30.71 -6.36 -6.65
C SER B 328 -30.83 -6.44 -8.20
N TYR B 329 -32.01 -6.85 -8.71
CA TYR B 329 -32.25 -6.94 -10.17
C TYR B 329 -32.27 -5.55 -10.81
N VAL B 330 -32.83 -4.61 -10.06
CA VAL B 330 -32.95 -3.21 -10.43
C VAL B 330 -31.57 -2.54 -10.54
N ILE B 331 -30.56 -3.01 -9.76
CA ILE B 331 -29.21 -2.46 -9.87
C ILE B 331 -28.66 -2.91 -11.20
N PHE B 332 -28.86 -4.20 -11.50
CA PHE B 332 -28.46 -4.82 -12.75
C PHE B 332 -29.16 -4.10 -13.91
N LEU B 333 -30.45 -3.83 -13.73
CA LEU B 333 -31.24 -3.17 -14.73
C LEU B 333 -30.70 -1.79 -15.08
N LYS B 334 -30.31 -1.02 -14.06
CA LYS B 334 -29.80 0.33 -14.22
C LYS B 334 -28.44 0.34 -14.90
N VAL B 335 -27.51 -0.52 -14.45
CA VAL B 335 -26.18 -0.59 -15.04
C VAL B 335 -26.32 -1.11 -16.49
N ARG B 336 -27.33 -2.02 -16.76
CA ARG B 336 -27.62 -2.47 -18.14
C ARG B 336 -28.01 -1.24 -18.92
N GLU B 337 -28.92 -0.39 -18.36
CA GLU B 337 -29.37 0.86 -18.95
C GLU B 337 -28.19 1.77 -19.26
N LEU B 338 -27.37 2.08 -18.24
CA LEU B 338 -26.17 2.92 -18.38
C LEU B 338 -25.29 2.44 -19.56
N ALA B 339 -25.10 1.10 -19.66
CA ALA B 339 -24.33 0.43 -20.70
C ALA B 339 -24.92 0.72 -22.08
N HIS B 340 -26.23 0.54 -22.23
CA HIS B 340 -26.91 0.82 -23.50
C HIS B 340 -26.78 2.26 -23.90
N TYR B 341 -26.97 3.18 -22.95
CA TYR B 341 -26.78 4.60 -23.14
C TYR B 341 -25.42 4.91 -23.77
N LEU B 342 -24.35 4.25 -23.28
CA LEU B 342 -22.98 4.44 -23.79
C LEU B 342 -22.86 3.98 -25.24
N THR B 343 -23.49 2.85 -25.55
CA THR B 343 -23.49 2.27 -26.90
C THR B 343 -24.31 3.13 -27.90
N SER B 344 -25.39 3.75 -27.40
CA SER B 344 -26.44 4.58 -28.02
C SER B 344 -27.65 3.71 -28.34
N LYS B 345 -27.72 2.57 -27.63
CA LYS B 345 -28.78 1.56 -27.63
C LYS B 345 -29.89 1.97 -26.60
N LYS B 346 -29.98 3.30 -26.31
CA LYS B 346 -30.85 4.01 -25.36
C LYS B 346 -30.43 5.48 -25.40
N GLU B 347 -31.36 6.41 -25.68
CA GLU B 347 -30.96 7.80 -25.74
C GLU B 347 -31.29 8.59 -24.46
N LYS B 348 -31.90 7.93 -23.45
CA LYS B 348 -32.24 8.55 -22.16
C LYS B 348 -31.67 7.73 -21.01
N LEU B 349 -31.03 8.40 -20.02
CA LEU B 349 -30.47 7.78 -18.79
C LEU B 349 -31.17 8.38 -17.57
N ASP B 350 -31.57 7.54 -16.60
CA ASP B 350 -32.23 8.06 -15.40
C ASP B 350 -32.13 7.13 -14.16
N PHE B 351 -31.24 7.45 -13.19
CA PHE B 351 -31.16 6.62 -11.98
C PHE B 351 -32.16 7.01 -10.88
N THR B 352 -33.02 7.98 -11.17
CA THR B 352 -34.07 8.46 -10.27
C THR B 352 -35.27 7.48 -10.22
N LYS B 353 -35.43 6.61 -11.25
CA LYS B 353 -36.49 5.61 -11.38
C LYS B 353 -35.89 4.18 -11.34
N PRO B 354 -36.45 3.21 -10.56
CA PRO B 354 -37.67 3.29 -9.74
C PRO B 354 -37.51 4.16 -8.50
N GLU B 355 -38.60 4.72 -7.94
CA GLU B 355 -38.49 5.53 -6.72
C GLU B 355 -38.72 4.62 -5.49
N TYR B 356 -38.50 5.14 -4.29
CA TYR B 356 -38.71 4.34 -3.09
C TYR B 356 -39.72 5.02 -2.16
N GLU B 357 -40.45 4.21 -1.34
CA GLU B 357 -41.35 4.61 -0.23
C GLU B 357 -42.05 3.41 0.45
N ILE B 358 -42.51 3.63 1.71
CA ILE B 358 -43.28 2.74 2.60
C ILE B 358 -44.15 3.58 3.56
N GLU B 359 -45.46 3.25 3.66
CA GLU B 359 -46.44 3.91 4.54
C GLU B 359 -46.13 3.64 6.02
N ARG B 360 -46.84 4.32 6.97
CA ARG B 360 -46.65 4.19 8.43
C ARG B 360 -46.55 2.71 8.86
N ILE B 361 -45.45 2.35 9.60
CA ILE B 361 -45.10 0.99 10.09
C ILE B 361 -46.22 0.42 10.97
N ASP B 362 -47.29 -0.05 10.28
CA ASP B 362 -48.55 -0.59 10.77
C ASP B 362 -49.33 0.42 11.62
N SER B 363 -50.66 0.32 11.59
CA SER B 363 -51.55 1.20 12.36
C SER B 363 -51.26 1.12 13.86
N TYR B 364 -50.61 0.01 14.30
CA TYR B 364 -50.24 -0.30 15.67
C TYR B 364 -49.28 0.75 16.26
N ASP B 365 -48.09 0.98 15.64
CA ASP B 365 -47.05 1.91 16.10
C ASP B 365 -47.54 3.33 16.50
N ILE B 366 -48.60 3.82 15.82
CA ILE B 366 -49.23 5.14 16.03
C ILE B 366 -50.29 5.06 17.14
N ARG B 367 -51.27 4.14 16.99
CA ARG B 367 -52.38 3.88 17.93
C ARG B 367 -51.92 3.48 19.33
N GLN B 368 -50.79 2.75 19.42
CA GLN B 368 -50.20 2.32 20.68
C GLN B 368 -49.52 3.50 21.36
N LYS B 369 -48.75 4.32 20.58
CA LYS B 369 -48.01 5.50 21.04
C LYS B 369 -48.90 6.50 21.77
N ILE B 370 -50.16 6.67 21.30
CA ILE B 370 -51.16 7.54 21.93
C ILE B 370 -51.54 6.90 23.28
N LEU B 371 -50.76 7.21 24.33
CA LEU B 371 -50.89 6.72 25.70
C LEU B 371 -50.53 7.82 26.71
N MSE C 18 -5.09 23.31 12.09
CA MSE C 18 -4.02 22.92 13.02
C MSE C 18 -4.28 23.39 14.49
O MSE C 18 -4.28 24.59 14.80
CB MSE C 18 -2.63 23.35 12.50
CG MSE C 18 -1.46 22.60 13.15
SE MSE C 18 -0.85 23.49 14.75
CE MSE C 18 0.68 22.43 15.10
N LYS C 19 -4.44 22.38 15.37
CA LYS C 19 -4.79 22.55 16.77
C LYS C 19 -3.75 22.05 17.80
N LEU C 20 -3.54 22.85 18.86
CA LEU C 20 -2.59 22.57 19.92
C LEU C 20 -3.28 22.61 21.26
N LEU C 21 -3.21 21.51 22.03
CA LEU C 21 -3.86 21.45 23.33
C LEU C 21 -2.84 21.80 24.37
N LEU C 22 -3.00 22.97 25.03
CA LEU C 22 -2.10 23.45 26.08
C LEU C 22 -2.61 23.14 27.49
N LEU C 23 -1.75 22.50 28.30
CA LEU C 23 -2.09 22.15 29.66
C LEU C 23 -1.11 22.82 30.63
N ASN C 24 -1.64 23.55 31.65
CA ASN C 24 -0.83 24.28 32.62
C ASN C 24 -1.29 24.03 34.04
N GLY C 25 -0.41 24.38 34.98
CA GLY C 25 -0.65 24.29 36.40
C GLY C 25 -0.45 22.92 36.98
N HIS C 26 -0.93 22.77 38.20
CA HIS C 26 -0.85 21.57 39.00
C HIS C 26 -2.08 20.69 38.82
N GLY C 27 -1.85 19.39 38.70
CA GLY C 27 -2.93 18.42 38.62
C GLY C 27 -3.51 18.15 37.25
N ILE C 28 -2.63 18.05 36.24
CA ILE C 28 -2.96 17.73 34.85
C ILE C 28 -3.21 16.22 34.84
N ASN C 29 -4.19 15.76 34.05
CA ASN C 29 -4.52 14.36 34.04
C ASN C 29 -4.88 13.82 32.67
N MSE C 30 -4.30 12.67 32.32
CA MSE C 30 -4.55 11.98 31.08
C MSE C 30 -4.76 10.50 31.32
O MSE C 30 -3.83 9.77 31.67
CB MSE C 30 -3.48 12.26 30.06
CG MSE C 30 -3.84 13.41 29.16
SE MSE C 30 -2.29 14.15 28.26
CE MSE C 30 -3.03 14.37 26.51
N HIS C 31 -6.00 10.07 31.16
CA HIS C 31 -6.38 8.67 31.32
C HIS C 31 -7.40 8.26 30.27
N VAL C 32 -7.50 6.94 30.02
CA VAL C 32 -8.40 6.36 29.05
C VAL C 32 -9.51 5.56 29.74
N ASP C 33 -10.76 6.04 29.64
CA ASP C 33 -11.94 5.35 30.17
C ASP C 33 -12.58 4.58 29.03
N GLY C 34 -12.50 3.25 29.12
CA GLY C 34 -13.01 2.32 28.11
C GLY C 34 -12.16 2.37 26.86
N ALA C 35 -12.48 3.32 25.97
CA ALA C 35 -11.76 3.56 24.72
C ALA C 35 -11.59 5.06 24.48
N LYS C 36 -12.18 5.89 25.38
CA LYS C 36 -12.14 7.34 25.28
C LYS C 36 -10.97 7.97 26.05
N LEU C 37 -10.25 8.90 25.40
CA LEU C 37 -9.18 9.61 26.08
C LEU C 37 -9.82 10.75 26.85
N HIS C 38 -9.48 10.86 28.14
CA HIS C 38 -9.95 11.90 29.05
C HIS C 38 -8.81 12.78 29.45
N ILE C 39 -8.96 14.07 29.18
CA ILE C 39 -7.97 15.08 29.57
C ILE C 39 -8.59 16.00 30.64
N LYS C 40 -7.82 16.33 31.69
CA LYS C 40 -8.21 17.24 32.76
C LYS C 40 -7.09 18.26 32.86
N ASP C 41 -7.38 19.57 32.73
CA ASP C 41 -6.35 20.58 32.85
C ASP C 41 -6.01 20.86 34.36
N GLY C 42 -4.85 21.45 34.63
CA GLY C 42 -4.41 21.75 35.99
C GLY C 42 -5.10 22.94 36.64
N ARG C 43 -4.95 23.08 37.96
CA ARG C 43 -5.51 24.17 38.74
C ARG C 43 -4.60 25.40 38.59
N PHE C 44 -5.19 26.58 38.36
CA PHE C 44 -4.45 27.86 38.28
C PHE C 44 -5.35 29.08 38.39
N SER C 45 -6.53 29.04 37.75
CA SER C 45 -7.51 30.14 37.79
C SER C 45 -8.01 30.31 39.20
N THR C 46 -8.08 31.58 39.64
CA THR C 46 -8.45 32.05 40.97
C THR C 46 -9.60 31.27 41.62
N THR C 47 -10.72 31.11 40.90
CA THR C 47 -11.92 30.37 41.33
C THR C 47 -12.42 29.50 40.15
N GLU C 48 -12.21 30.00 38.90
CA GLU C 48 -12.60 29.42 37.59
C GLU C 48 -12.06 27.98 37.36
N GLU C 49 -12.98 27.00 37.34
CA GLU C 49 -12.77 25.54 37.23
C GLU C 49 -11.90 25.10 36.02
N PRO C 50 -11.06 24.03 36.13
CA PRO C 50 -10.21 23.66 35.00
C PRO C 50 -10.96 22.97 33.86
N GLN C 51 -10.41 23.11 32.64
CA GLN C 51 -10.97 22.54 31.41
C GLN C 51 -10.86 21.01 31.36
N GLU C 52 -11.95 20.37 30.94
CA GLU C 52 -12.00 18.91 30.79
C GLU C 52 -12.26 18.52 29.34
N TYR C 53 -11.51 17.53 28.84
CA TYR C 53 -11.61 17.06 27.46
C TYR C 53 -11.89 15.58 27.43
N VAL C 54 -12.71 15.18 26.48
CA VAL C 54 -13.02 13.79 26.27
C VAL C 54 -12.96 13.54 24.74
N PHE C 55 -12.19 12.53 24.36
CA PHE C 55 -11.97 12.21 22.96
C PHE C 55 -12.39 10.81 22.63
N SER C 56 -13.22 10.68 21.59
CA SER C 56 -13.70 9.40 21.14
C SER C 56 -12.67 8.75 20.20
N PRO C 57 -12.50 7.39 20.28
CA PRO C 57 -11.51 6.72 19.40
C PRO C 57 -11.72 7.01 17.91
N LYS C 58 -10.61 7.35 17.22
CA LYS C 58 -10.49 7.70 15.79
C LYS C 58 -11.32 8.94 15.49
N ARG C 59 -11.42 9.84 16.50
CA ARG C 59 -12.19 11.10 16.46
C ARG C 59 -11.55 12.20 17.36
N ILE C 60 -10.23 12.45 17.14
CA ILE C 60 -9.43 13.50 17.79
C ILE C 60 -8.77 14.35 16.69
N ASP C 61 -9.08 15.65 16.66
CA ASP C 61 -8.66 16.63 15.65
C ASP C 61 -7.38 17.41 15.97
N ILE C 62 -6.96 17.40 17.26
CA ILE C 62 -5.77 18.12 17.75
C ILE C 62 -4.46 17.45 17.34
N ASP C 63 -3.51 18.27 16.85
CA ASP C 63 -2.21 17.84 16.33
C ASP C 63 -1.17 17.52 17.42
N GLY C 64 -1.09 18.39 18.41
CA GLY C 64 -0.15 18.25 19.50
C GLY C 64 -0.67 18.67 20.84
N ILE C 65 -0.11 18.06 21.88
CA ILE C 65 -0.35 18.38 23.29
C ILE C 65 0.92 19.14 23.72
N ILE C 66 0.75 20.18 24.55
CA ILE C 66 1.82 21.01 25.08
C ILE C 66 1.64 21.04 26.58
N ILE C 67 2.47 20.25 27.28
CA ILE C 67 2.42 20.24 28.74
C ILE C 67 3.42 21.26 29.24
N TYR C 68 2.88 22.27 29.92
CA TYR C 68 3.60 23.39 30.50
C TYR C 68 3.29 23.42 32.02
N GLY C 69 2.50 22.46 32.48
CA GLY C 69 2.08 22.34 33.87
C GLY C 69 3.10 21.78 34.82
N LYS C 70 3.16 22.37 36.00
CA LYS C 70 4.06 22.03 37.10
C LYS C 70 3.90 20.53 37.51
N SER C 71 2.70 20.17 38.05
CA SER C 71 2.36 18.81 38.46
C SER C 71 1.32 18.15 37.55
N GLY C 72 1.06 16.85 37.79
CA GLY C 72 0.09 16.06 37.04
C GLY C 72 0.59 14.68 36.63
N ASN C 73 -0.31 13.81 36.09
CA ASN C 73 0.10 12.47 35.67
C ASN C 73 -0.64 11.88 34.44
N LEU C 74 0.11 11.08 33.67
CA LEU C 74 -0.33 10.39 32.45
C LEU C 74 -0.21 8.91 32.63
N THR C 75 -1.22 8.19 32.14
CA THR C 75 -1.23 6.74 32.17
C THR C 75 -0.54 6.28 30.88
N LEU C 76 -0.10 5.02 30.82
CA LEU C 76 0.53 4.45 29.64
C LEU C 76 -0.50 4.24 28.52
N GLU C 77 -1.74 3.83 28.88
CA GLU C 77 -2.87 3.64 27.97
C GLU C 77 -3.15 4.98 27.28
N ALA C 78 -3.10 6.11 28.06
CA ALA C 78 -3.26 7.46 27.49
C ALA C 78 -2.13 7.78 26.50
N ILE C 79 -0.84 7.56 26.92
CA ILE C 79 0.33 7.78 26.09
C ILE C 79 0.17 6.97 24.80
N ARG C 80 -0.22 5.70 24.94
CA ARG C 80 -0.40 4.79 23.82
C ARG C 80 -1.47 5.27 22.89
N TRP C 81 -2.65 5.64 23.45
CA TRP C 81 -3.83 6.11 22.73
C TRP C 81 -3.44 7.25 21.82
N LEU C 82 -2.68 8.24 22.34
CA LEU C 82 -2.23 9.40 21.56
C LEU C 82 -1.31 8.98 20.44
N ILE C 83 -0.29 8.15 20.75
CA ILE C 83 0.67 7.66 19.74
C ILE C 83 -0.06 7.04 18.55
N LYS C 84 -1.07 6.19 18.86
CA LYS C 84 -1.86 5.49 17.88
C LYS C 84 -2.81 6.41 17.12
N HIS C 85 -3.04 7.63 17.64
CA HIS C 85 -3.87 8.63 16.96
C HIS C 85 -2.97 9.73 16.40
N ASN C 86 -1.68 9.43 16.23
CA ASN C 86 -0.66 10.37 15.78
C ASN C 86 -0.74 11.75 16.52
N VAL C 87 -0.86 11.72 17.85
CA VAL C 87 -0.90 13.00 18.57
C VAL C 87 0.41 13.14 19.32
N GLN C 88 1.16 14.20 18.97
CA GLN C 88 2.45 14.51 19.55
C GLN C 88 2.22 15.05 20.95
N VAL C 89 3.06 14.63 21.89
CA VAL C 89 2.93 15.09 23.26
C VAL C 89 4.24 15.75 23.68
N SER C 90 4.24 17.07 23.80
CA SER C 90 5.43 17.79 24.20
C SER C 90 5.41 18.25 25.64
N ILE C 91 6.60 18.24 26.29
CA ILE C 91 6.82 18.70 27.67
C ILE C 91 7.87 19.82 27.68
N LEU C 92 7.59 20.90 28.42
CA LEU C 92 8.46 22.06 28.48
C LEU C 92 8.94 22.31 29.89
N ASP C 93 10.15 22.86 30.04
CA ASP C 93 10.67 23.22 31.35
C ASP C 93 9.94 24.48 31.86
N TRP C 94 10.14 24.82 33.16
CA TRP C 94 9.47 25.98 33.77
C TRP C 94 9.66 27.30 33.00
N ASN C 95 10.69 27.38 32.14
CA ASN C 95 11.01 28.60 31.40
C ASN C 95 10.74 28.49 29.88
N GLY C 96 9.85 27.56 29.51
CA GLY C 96 9.38 27.43 28.14
C GLY C 96 10.15 26.55 27.18
N LYS C 97 11.42 26.21 27.49
CA LYS C 97 12.25 25.36 26.63
C LYS C 97 11.69 23.96 26.57
N LEU C 98 11.81 23.27 25.42
CA LEU C 98 11.27 21.91 25.22
C LEU C 98 12.13 20.85 25.90
N LEU C 99 11.62 20.24 26.97
CA LEU C 99 12.35 19.19 27.69
C LEU C 99 12.40 17.92 26.85
N THR C 100 11.22 17.48 26.34
CA THR C 100 11.05 16.31 25.46
C THR C 100 9.69 16.31 24.69
N THR C 101 9.67 15.58 23.59
CA THR C 101 8.48 15.34 22.82
C THR C 101 8.27 13.82 22.67
N MSE C 102 7.02 13.41 22.49
CA MSE C 102 6.60 12.04 22.31
C MSE C 102 5.97 11.93 20.91
O MSE C 102 4.83 12.36 20.65
CB MSE C 102 5.61 11.62 23.40
CG MSE C 102 6.21 10.82 24.52
SE MSE C 102 4.98 10.76 26.07
CE MSE C 102 5.16 12.58 26.68
N LEU C 103 6.77 11.37 20.00
CA LEU C 103 6.38 11.18 18.60
C LEU C 103 6.09 9.71 18.29
N PRO C 104 5.26 9.43 17.25
CA PRO C 104 4.98 8.05 16.88
C PRO C 104 6.25 7.41 16.38
N PRO C 105 6.32 6.07 16.20
CA PRO C 105 7.61 5.47 15.79
C PRO C 105 8.04 5.88 14.39
N GLU C 106 9.37 5.90 14.20
CA GLU C 106 10.06 6.30 12.96
C GLU C 106 9.76 5.41 11.75
N SER C 107 10.03 5.93 10.51
CA SER C 107 9.80 5.26 9.21
C SER C 107 10.51 3.95 9.13
N THR C 108 9.91 2.97 8.44
CA THR C 108 10.59 1.69 8.28
C THR C 108 11.49 1.68 7.04
N ASN C 109 11.52 2.83 6.32
CA ASN C 109 12.42 2.99 5.19
C ASN C 109 13.66 3.68 5.69
N LEU C 110 14.66 2.89 6.08
CA LEU C 110 15.90 3.42 6.62
C LEU C 110 16.81 3.99 5.55
N ARG C 111 16.41 3.76 4.29
CA ARG C 111 17.08 4.29 3.12
C ARG C 111 17.17 5.82 3.20
N THR C 112 16.12 6.48 3.69
CA THR C 112 16.12 7.94 3.76
C THR C 112 17.11 8.40 4.85
N LYS C 113 17.15 7.72 6.02
CA LYS C 113 18.07 8.06 7.11
C LYS C 113 19.51 7.88 6.66
N PHE C 114 19.79 6.81 5.88
CA PHE C 114 21.14 6.53 5.39
C PHE C 114 21.52 7.47 4.31
N ALA C 115 20.57 7.90 3.47
CA ALA C 115 20.81 8.88 2.40
C ALA C 115 21.25 10.18 2.99
N GLN C 116 20.66 10.53 4.16
CA GLN C 116 20.95 11.71 4.96
C GLN C 116 22.37 11.55 5.55
N TYR C 117 22.67 10.38 6.17
CA TYR C 117 23.98 10.09 6.76
C TYR C 117 25.05 10.21 5.71
N HIS C 118 24.82 9.58 4.55
CA HIS C 118 25.74 9.61 3.43
C HIS C 118 26.03 11.03 2.99
N ALA C 119 25.01 11.92 3.01
CA ALA C 119 25.22 13.33 2.65
C ALA C 119 26.06 13.97 3.72
N PHE C 120 25.69 13.76 5.01
CA PHE C 120 26.39 14.30 6.19
C PHE C 120 27.90 14.01 6.16
N GLU C 121 28.25 12.75 5.83
CA GLU C 121 29.62 12.26 5.71
C GLU C 121 30.41 13.10 4.70
N ASP C 122 29.83 13.39 3.51
CA ASP C 122 30.48 14.21 2.48
C ASP C 122 30.45 15.72 2.81
N LYS C 123 31.64 16.35 2.87
CA LYS C 123 31.87 17.76 3.24
C LYS C 123 31.25 18.79 2.28
N GLU C 124 31.53 18.65 0.96
CA GLU C 124 31.03 19.54 -0.09
C GLU C 124 29.51 19.46 -0.10
N ALA C 125 28.99 18.22 0.05
CA ALA C 125 27.58 17.90 0.08
C ALA C 125 26.91 18.55 1.27
N ARG C 126 27.45 18.29 2.50
CA ARG C 126 26.94 18.77 3.79
C ARG C 126 26.85 20.29 3.84
N LEU C 127 27.91 20.95 3.34
CA LEU C 127 27.99 22.40 3.29
C LEU C 127 26.87 23.00 2.46
N GLU C 128 26.67 22.46 1.23
CA GLU C 128 25.65 22.88 0.26
C GLU C 128 24.26 22.88 0.89
N ILE C 129 23.93 21.80 1.62
CA ILE C 129 22.65 21.62 2.28
C ILE C 129 22.50 22.65 3.40
N ALA C 130 23.52 22.74 4.28
CA ALA C 130 23.58 23.66 5.43
C ALA C 130 23.28 25.10 5.00
N LYS C 131 24.09 25.62 4.03
CA LYS C 131 24.01 26.95 3.42
C LYS C 131 22.56 27.31 3.00
N LYS C 132 21.84 26.34 2.37
CA LYS C 132 20.46 26.47 1.91
C LYS C 132 19.45 26.78 3.03
N PHE C 133 19.71 26.31 4.26
CA PHE C 133 18.84 26.61 5.40
C PHE C 133 18.93 28.10 5.76
N ILE C 134 20.16 28.58 6.03
CA ILE C 134 20.49 29.94 6.41
C ILE C 134 20.11 30.90 5.30
N GLU C 135 20.32 30.47 4.03
CA GLU C 135 19.99 31.21 2.81
C GLU C 135 18.53 31.69 2.87
N ALA C 136 17.59 30.75 3.10
CA ALA C 136 16.13 31.00 3.22
C ALA C 136 15.83 31.95 4.38
N LYS C 137 16.42 31.67 5.57
CA LYS C 137 16.27 32.42 6.82
C LYS C 137 16.49 33.88 6.56
N PHE C 138 17.56 34.22 5.84
CA PHE C 138 17.88 35.59 5.50
C PHE C 138 16.72 36.27 4.74
N TYR C 139 16.20 35.60 3.67
CA TYR C 139 15.10 36.12 2.86
C TYR C 139 13.85 36.35 3.70
N LYS C 140 13.58 35.43 4.65
CA LYS C 140 12.42 35.56 5.52
C LYS C 140 12.65 36.67 6.55
N SER C 141 13.91 36.84 7.02
CA SER C 141 14.29 37.91 7.96
C SER C 141 13.96 39.23 7.32
N LYS C 142 14.34 39.39 6.02
CA LYS C 142 14.06 40.56 5.21
C LYS C 142 12.54 40.82 5.09
N ALA C 143 11.76 39.79 4.71
CA ALA C 143 10.31 39.90 4.57
C ALA C 143 9.68 40.50 5.85
N VAL C 144 9.98 39.90 7.01
CA VAL C 144 9.54 40.33 8.34
C VAL C 144 9.77 41.84 8.55
N LEU C 145 10.97 42.30 8.20
CA LEU C 145 11.42 43.67 8.34
C LEU C 145 10.79 44.62 7.35
N ASP C 146 10.64 44.17 6.12
CA ASP C 146 10.00 44.94 5.06
C ASP C 146 8.51 45.05 5.37
N PHE C 147 8.03 44.25 6.34
CA PHE C 147 6.66 44.26 6.79
C PHE C 147 6.55 45.20 7.98
N LEU C 148 7.66 45.33 8.70
CA LEU C 148 7.80 46.22 9.84
C LEU C 148 8.11 47.66 9.33
N SER C 149 7.74 47.91 8.06
CA SER C 149 7.87 49.11 7.27
C SER C 149 6.84 50.21 7.60
N GLN C 150 5.81 49.89 8.42
CA GLN C 150 4.82 50.88 8.92
C GLN C 150 5.52 51.65 10.07
N ARG C 151 6.44 50.93 10.73
CA ARG C 151 7.31 51.39 11.80
C ARG C 151 8.64 51.61 11.10
N TYR C 152 8.64 52.51 10.11
CA TYR C 152 9.81 52.83 9.31
C TYR C 152 10.96 53.44 10.09
N PRO C 153 10.71 54.27 11.16
CA PRO C 153 11.83 54.89 11.89
C PRO C 153 13.01 53.96 12.22
N GLU C 154 14.08 54.19 11.46
CA GLU C 154 15.43 53.59 11.49
C GLU C 154 15.48 52.09 11.06
N ILE C 155 14.34 51.40 10.74
CA ILE C 155 14.41 50.00 10.26
C ILE C 155 15.02 49.98 8.86
N ASN C 156 16.11 49.20 8.70
CA ASN C 156 16.85 49.08 7.44
C ASN C 156 17.69 47.80 7.50
N PHE C 157 17.54 46.89 6.51
CA PHE C 157 18.26 45.64 6.58
C PHE C 157 19.00 45.21 5.30
N ASP C 158 20.22 44.69 5.54
CA ASP C 158 21.31 44.16 4.72
C ASP C 158 20.88 43.04 3.74
N ILE C 159 20.94 41.76 4.21
CA ILE C 159 20.61 40.47 3.56
C ILE C 159 21.56 40.14 2.43
N LEU C 160 21.64 41.00 1.38
CA LEU C 160 22.46 40.82 0.18
C LEU C 160 23.97 40.70 0.47
N ASP C 161 24.51 41.56 1.34
CA ASP C 161 25.93 41.48 1.75
C ASP C 161 26.16 40.15 2.50
N GLY C 162 25.24 39.83 3.43
CA GLY C 162 25.27 38.58 4.18
C GLY C 162 25.11 37.32 3.33
N LEU C 163 24.34 37.41 2.24
CA LEU C 163 24.09 36.32 1.29
C LEU C 163 25.37 36.04 0.49
N THR C 164 26.17 37.09 0.23
CA THR C 164 27.42 37.02 -0.52
C THR C 164 28.53 36.41 0.32
N LYS C 165 28.61 36.79 1.62
CA LYS C 165 29.58 36.24 2.57
C LYS C 165 29.31 34.73 2.67
N LEU C 166 28.00 34.37 2.77
CA LEU C 166 27.46 33.02 2.85
C LEU C 166 27.89 32.16 1.65
N LYS C 167 27.96 32.74 0.45
CA LYS C 167 28.38 32.02 -0.75
C LYS C 167 29.84 31.57 -0.64
N ASP C 168 30.72 32.49 -0.17
CA ASP C 168 32.19 32.35 -0.03
C ASP C 168 32.66 31.29 1.01
N VAL C 169 32.01 31.23 2.20
CA VAL C 169 32.36 30.36 3.35
C VAL C 169 32.69 28.91 2.94
N LYS C 170 33.83 28.39 3.44
CA LYS C 170 34.33 27.05 3.12
C LYS C 170 34.17 26.04 4.26
N SER C 171 33.50 26.44 5.35
CA SER C 171 33.29 25.59 6.51
C SER C 171 31.90 25.81 7.11
N THR C 172 31.38 24.83 7.89
CA THR C 172 30.08 24.89 8.58
C THR C 172 30.07 25.94 9.70
N ARG C 173 31.23 26.10 10.37
CA ARG C 173 31.49 27.06 11.45
C ARG C 173 31.42 28.49 10.91
N GLU C 174 31.96 28.70 9.70
CA GLU C 174 31.96 29.98 9.01
C GLU C 174 30.51 30.46 8.75
N ILE C 175 29.59 29.50 8.42
CA ILE C 175 28.16 29.73 8.18
C ILE C 175 27.53 30.31 9.45
N LEU C 176 27.73 29.58 10.57
CA LEU C 176 27.22 29.94 11.89
C LEU C 176 27.63 31.34 12.33
N GLY C 177 28.76 31.83 11.79
CA GLY C 177 29.25 33.17 12.04
C GLY C 177 28.38 34.21 11.36
N VAL C 178 28.23 34.08 10.03
CA VAL C 178 27.42 34.98 9.20
C VAL C 178 25.92 34.88 9.65
N GLU C 179 25.48 33.69 10.13
CA GLU C 179 24.12 33.50 10.66
C GLU C 179 23.84 34.52 11.76
N GLY C 180 24.74 34.56 12.75
CA GLY C 180 24.66 35.43 13.91
C GLY C 180 24.98 36.88 13.63
N THR C 181 26.01 37.13 12.79
CA THR C 181 26.43 38.46 12.38
C THR C 181 25.22 39.18 11.77
N LEU C 182 24.38 38.46 10.99
CA LEU C 182 23.15 39.04 10.43
C LEU C 182 22.07 39.11 11.47
N ALA C 183 21.95 38.06 12.32
CA ALA C 183 20.94 37.98 13.37
C ALA C 183 21.03 39.19 14.30
N GLY C 184 22.27 39.55 14.66
CA GLY C 184 22.59 40.70 15.49
C GLY C 184 21.99 41.94 14.88
N LYS C 185 22.36 42.23 13.62
CA LYS C 185 21.82 43.34 12.87
C LYS C 185 20.29 43.28 12.82
N TYR C 186 19.73 42.08 12.55
CA TYR C 186 18.28 41.81 12.49
C TYR C 186 17.54 42.19 13.79
N TRP C 187 18.10 41.80 14.96
CA TRP C 187 17.54 42.08 16.28
C TRP C 187 17.64 43.54 16.71
N ILE C 188 18.71 44.24 16.27
CA ILE C 188 18.90 45.67 16.53
C ILE C 188 17.79 46.41 15.75
N GLU C 189 17.52 45.92 14.51
CA GLU C 189 16.46 46.40 13.63
C GLU C 189 15.08 46.06 14.19
N PHE C 190 14.88 44.80 14.63
CA PHE C 190 13.63 44.28 15.21
C PHE C 190 13.22 45.10 16.42
N SER C 191 14.21 45.56 17.23
CA SER C 191 14.01 46.35 18.44
C SER C 191 13.19 47.62 18.17
N LYS C 192 13.32 48.18 16.95
CA LYS C 192 12.60 49.38 16.51
C LYS C 192 11.09 49.17 16.40
N ALA C 193 10.63 47.91 16.39
CA ALA C 193 9.21 47.54 16.32
C ALA C 193 8.59 47.38 17.71
N VAL C 194 9.44 47.12 18.73
CA VAL C 194 8.97 46.89 20.10
C VAL C 194 9.15 48.12 20.99
N PRO C 195 8.08 48.48 21.73
CA PRO C 195 8.16 49.66 22.64
C PRO C 195 9.22 49.53 23.72
N LYS C 196 9.84 50.67 24.06
CA LYS C 196 10.88 50.84 25.08
C LYS C 196 10.52 50.24 26.43
N GLU C 197 9.21 50.25 26.75
CA GLU C 197 8.59 49.73 27.97
C GLU C 197 8.71 48.20 28.15
N TYR C 198 8.71 47.45 27.03
CA TYR C 198 8.85 46.00 27.06
C TYR C 198 10.28 45.61 27.47
N ASP C 199 11.23 46.55 27.23
CA ASP C 199 12.65 46.49 27.55
C ASP C 199 13.40 45.41 26.78
N PHE C 200 13.26 45.46 25.44
CA PHE C 200 13.95 44.54 24.54
C PHE C 200 15.22 45.15 23.98
N SER C 201 16.36 44.48 24.26
CA SER C 201 17.70 44.91 23.83
C SER C 201 18.31 44.01 22.74
N ASN C 202 18.77 42.78 23.11
CA ASN C 202 19.39 41.81 22.20
C ASN C 202 18.68 40.46 22.31
N ARG C 203 19.30 39.36 21.84
CA ARG C 203 18.66 38.06 22.01
C ARG C 203 19.50 37.12 22.91
N ILE C 204 20.55 36.44 22.34
CA ILE C 204 21.44 35.48 23.04
C ILE C 204 20.60 34.33 23.70
N ASP C 205 20.22 33.32 22.87
CA ASP C 205 19.40 32.10 23.12
C ASP C 205 19.07 31.83 24.61
N GLN C 206 19.89 31.03 25.30
CA GLN C 206 19.80 30.73 26.73
C GLN C 206 21.18 31.01 27.36
N PHE C 207 22.22 31.05 26.49
CA PHE C 207 23.65 31.27 26.74
C PHE C 207 23.89 32.33 27.81
N ARG C 208 24.51 31.90 28.94
CA ARG C 208 24.79 32.70 30.13
C ARG C 208 23.47 33.16 30.78
N ARG C 209 22.79 32.20 31.47
CA ARG C 209 21.52 32.40 32.17
C ARG C 209 21.78 33.18 33.49
N ALA C 210 21.90 34.52 33.36
CA ALA C 210 22.19 35.46 34.44
C ALA C 210 21.08 36.52 34.58
N MSE C 211 21.35 37.61 35.35
CA MSE C 211 20.44 38.72 35.63
C MSE C 211 19.87 39.42 34.41
O MSE C 211 20.63 39.90 33.56
CB MSE C 211 21.11 39.76 36.51
CG MSE C 211 20.49 39.88 37.87
SE MSE C 211 21.73 39.24 39.20
CE MSE C 211 23.09 40.68 39.09
N GLY C 212 18.54 39.50 34.36
CA GLY C 212 17.79 40.16 33.30
C GLY C 212 17.96 39.57 31.90
N SER C 213 18.57 38.36 31.81
CA SER C 213 18.74 37.67 30.53
C SER C 213 17.40 37.02 30.06
N GLY C 214 16.30 37.56 30.59
CA GLY C 214 14.94 37.16 30.30
C GLY C 214 14.04 38.37 30.12
N ASP C 215 14.23 39.11 28.99
CA ASP C 215 13.39 40.26 28.61
C ASP C 215 12.00 39.73 28.38
N MSE C 216 11.00 40.45 28.87
CA MSE C 216 9.58 40.11 28.79
C MSE C 216 9.10 39.57 27.43
O MSE C 216 8.11 38.85 27.41
CB MSE C 216 8.78 41.35 29.16
CG MSE C 216 7.50 41.04 29.88
SE MSE C 216 6.17 42.35 29.39
CE MSE C 216 7.11 44.05 29.92
N ILE C 217 9.79 39.90 26.33
CA ILE C 217 9.42 39.46 24.97
C ILE C 217 10.43 38.47 24.39
N ASN C 218 11.69 38.51 24.86
CA ASN C 218 12.73 37.56 24.49
C ASN C 218 12.21 36.19 24.99
N THR C 219 11.56 36.22 26.19
CA THR C 219 10.87 35.14 26.89
C THR C 219 9.84 34.57 25.92
N MSE C 220 8.88 35.40 25.46
CA MSE C 220 7.84 35.00 24.51
C MSE C 220 8.39 34.37 23.23
O MSE C 220 7.74 33.47 22.67
CB MSE C 220 6.95 36.16 24.10
CG MSE C 220 6.32 36.88 25.25
SE MSE C 220 5.75 38.58 24.52
CE MSE C 220 4.42 37.98 23.19
N LEU C 221 9.55 34.84 22.75
CA LEU C 221 10.19 34.31 21.56
C LEU C 221 10.64 32.89 21.79
N ASN C 222 11.27 32.61 22.97
CA ASN C 222 11.73 31.25 23.31
C ASN C 222 10.60 30.26 23.28
N TYR C 223 9.42 30.63 23.85
CA TYR C 223 8.23 29.78 23.89
C TYR C 223 7.81 29.39 22.47
N GLY C 224 7.57 30.42 21.64
CA GLY C 224 7.18 30.24 20.25
C GLY C 224 8.13 29.30 19.57
N TYR C 225 9.43 29.57 19.72
CA TYR C 225 10.50 28.76 19.16
C TYR C 225 10.46 27.28 19.59
N SER C 226 9.99 26.98 20.82
CA SER C 226 9.82 25.62 21.35
C SER C 226 8.64 24.98 20.63
N LEU C 227 7.55 25.75 20.41
CA LEU C 227 6.41 25.23 19.66
C LEU C 227 6.83 24.91 18.20
N LEU C 228 7.66 25.81 17.62
CA LEU C 228 8.14 25.66 16.25
C LEU C 228 9.00 24.45 16.22
N GLU C 229 9.90 24.29 17.23
CA GLU C 229 10.80 23.13 17.41
C GLU C 229 9.98 21.86 17.37
N ALA C 230 8.94 21.81 18.26
CA ALA C 230 7.98 20.70 18.32
C ALA C 230 7.45 20.31 16.89
N GLU C 231 6.99 21.32 16.09
CA GLU C 231 6.47 21.11 14.73
C GLU C 231 7.47 20.46 13.80
N CYS C 232 8.68 21.02 13.78
CA CYS C 232 9.74 20.50 12.93
C CYS C 232 10.06 19.06 13.27
N LEU C 233 10.07 18.73 14.59
CA LEU C 233 10.34 17.37 15.04
C LEU C 233 9.30 16.38 14.52
N LYS C 234 8.02 16.81 14.41
CA LYS C 234 6.91 15.99 13.90
C LYS C 234 7.10 15.76 12.43
N ALA C 235 7.35 16.85 11.69
CA ALA C 235 7.54 16.82 10.25
C ALA C 235 8.70 15.91 9.92
N ILE C 236 9.85 16.04 10.64
CA ILE C 236 11.05 15.20 10.42
C ILE C 236 10.70 13.73 10.54
N ASN C 237 10.15 13.36 11.71
CA ASN C 237 9.65 12.04 12.11
C ASN C 237 8.76 11.44 11.02
N SER C 238 7.88 12.28 10.44
CA SER C 238 6.94 11.88 9.41
C SER C 238 7.59 11.57 8.09
N VAL C 239 8.69 12.25 7.76
CA VAL C 239 9.32 12.01 6.46
C VAL C 239 10.52 11.07 6.61
N GLY C 240 10.62 10.43 7.78
CA GLY C 240 11.64 9.42 8.10
C GLY C 240 13.08 9.88 8.06
N LEU C 241 13.32 11.12 8.47
CA LEU C 241 14.66 11.67 8.56
C LEU C 241 15.09 11.55 10.03
N ASP C 242 16.41 11.71 10.32
CA ASP C 242 16.94 11.64 11.70
C ASP C 242 17.15 13.03 12.26
N THR C 243 16.29 13.43 13.23
CA THR C 243 16.31 14.73 13.92
C THR C 243 17.69 15.03 14.53
N HIS C 244 18.44 13.98 14.84
CA HIS C 244 19.73 14.04 15.51
C HIS C 244 20.92 14.20 14.59
N VAL C 245 20.70 14.42 13.30
CA VAL C 245 21.79 14.60 12.37
C VAL C 245 21.49 15.82 11.52
N GLY C 246 21.94 16.96 11.99
CA GLY C 246 21.80 18.22 11.27
C GLY C 246 23.05 18.53 10.47
N PHE C 247 22.89 19.24 9.36
CA PHE C 247 24.00 19.60 8.51
C PHE C 247 24.76 20.82 9.05
N LEU C 248 24.02 21.91 9.28
CA LEU C 248 24.52 23.18 9.78
C LEU C 248 24.99 23.05 11.22
N HIS C 249 24.07 22.66 12.11
CA HIS C 249 24.35 22.46 13.51
C HIS C 249 25.12 21.15 13.67
N GLU C 250 25.99 21.07 14.69
CA GLU C 250 26.81 19.88 15.02
C GLU C 250 26.29 19.33 16.36
N MSE C 251 26.21 20.21 17.37
CA MSE C 251 25.64 20.04 18.72
C MSE C 251 26.07 18.74 19.44
O MSE C 251 27.06 18.10 19.06
CB MSE C 251 24.10 20.17 18.69
CG MSE C 251 23.56 21.29 17.79
SE MSE C 251 24.01 23.11 18.36
CE MSE C 251 25.46 23.56 17.07
N ALA C 252 25.30 18.38 20.51
CA ALA C 252 25.49 17.18 21.32
C ALA C 252 24.94 15.96 20.55
N PRO C 253 25.32 14.70 20.92
CA PRO C 253 24.81 13.53 20.19
C PRO C 253 23.28 13.46 20.11
N SER C 254 22.59 13.52 21.27
CA SER C 254 21.13 13.44 21.43
C SER C 254 20.37 14.75 21.17
N LYS C 255 21.06 15.79 20.67
CA LYS C 255 20.41 17.05 20.35
C LYS C 255 19.77 16.95 18.98
N ASN C 256 18.55 17.53 18.87
CA ASN C 256 17.72 17.57 17.66
C ASN C 256 18.31 18.56 16.66
N SER C 257 19.54 18.27 16.23
CA SER C 257 20.32 19.09 15.32
C SER C 257 19.54 19.43 14.05
N LEU C 258 18.95 18.41 13.40
CA LEU C 258 18.13 18.60 12.20
C LEU C 258 16.88 19.47 12.47
N ALA C 259 16.32 19.42 13.70
CA ALA C 259 15.17 20.25 14.01
C ALA C 259 15.66 21.68 14.00
N TYR C 260 16.77 21.98 14.75
CA TYR C 260 17.38 23.33 14.80
C TYR C 260 17.69 23.90 13.38
N ASP C 261 18.04 23.02 12.41
CA ASP C 261 18.33 23.38 11.03
C ASP C 261 17.04 23.76 10.33
N LEU C 262 16.06 22.84 10.33
CA LEU C 262 14.74 23.05 9.70
C LEU C 262 13.95 24.17 10.39
N GLN C 263 14.39 24.55 11.60
CA GLN C 263 13.78 25.63 12.35
C GLN C 263 14.04 26.94 11.63
N GLU C 264 15.30 27.13 11.18
CA GLU C 264 15.83 28.33 10.51
C GLU C 264 14.89 28.90 9.45
N PRO C 265 14.49 28.16 8.40
CA PRO C 265 13.60 28.79 7.39
C PRO C 265 12.18 29.10 7.88
N PHE C 266 11.82 28.74 9.12
CA PHE C 266 10.48 29.00 9.63
C PHE C 266 10.48 29.81 10.92
N ARG C 267 11.68 30.15 11.45
CA ARG C 267 11.79 30.96 12.65
C ARG C 267 10.96 32.25 12.55
N PHE C 268 10.83 32.79 11.33
CA PHE C 268 10.08 34.01 11.04
C PHE C 268 8.64 33.95 11.52
N ILE C 269 8.03 32.77 11.47
CA ILE C 269 6.65 32.57 11.87
C ILE C 269 6.48 32.97 13.33
N VAL C 270 7.44 32.58 14.20
CA VAL C 270 7.44 32.95 15.63
C VAL C 270 7.57 34.49 15.79
N ASP C 271 8.64 35.08 15.19
CA ASP C 271 8.95 36.52 15.18
C ASP C 271 7.70 37.30 14.86
N LEU C 272 7.02 36.93 13.76
CA LEU C 272 5.76 37.50 13.33
C LEU C 272 4.68 37.43 14.40
N ALA C 273 4.47 36.24 15.01
CA ALA C 273 3.49 36.08 16.08
C ALA C 273 3.80 36.97 17.31
N VAL C 274 5.08 37.04 17.71
CA VAL C 274 5.52 37.85 18.85
C VAL C 274 5.20 39.30 18.52
N ILE C 275 5.57 39.73 17.32
CA ILE C 275 5.31 41.09 16.84
C ILE C 275 3.80 41.41 16.86
N SER C 276 2.93 40.50 16.36
CA SER C 276 1.47 40.67 16.35
C SER C 276 0.97 40.89 17.77
N LEU C 277 1.32 39.98 18.70
CA LEU C 277 0.92 40.07 20.10
C LEU C 277 1.38 41.37 20.73
N ILE C 278 2.53 41.88 20.28
CA ILE C 278 3.07 43.13 20.77
C ILE C 278 2.26 44.29 20.21
N GLU C 279 2.01 44.32 18.86
CA GLU C 279 1.23 45.37 18.19
C GLU C 279 -0.23 45.41 18.68
N SER C 280 -0.81 44.23 19.01
CA SER C 280 -2.15 44.09 19.58
C SER C 280 -2.12 44.72 20.97
N GLY C 281 -1.04 44.44 21.70
CA GLY C 281 -0.88 44.82 23.08
C GLY C 281 -1.77 43.93 23.92
N ALA C 282 -2.03 42.71 23.40
CA ALA C 282 -2.86 41.69 24.03
C ALA C 282 -2.16 41.22 25.28
N MSE C 283 -0.81 41.28 25.24
CA MSE C 283 0.11 40.93 26.32
C MSE C 283 -0.04 41.87 27.49
O MSE C 283 0.01 43.09 27.31
CB MSE C 283 1.55 40.98 25.79
CG MSE C 283 2.23 39.63 25.78
SE MSE C 283 1.13 38.17 25.06
CE MSE C 283 1.39 36.95 26.55
N GLU C 284 -0.23 41.31 28.69
CA GLU C 284 -0.36 42.12 29.92
C GLU C 284 0.46 41.53 31.06
N SER C 285 0.94 42.41 31.96
CA SER C 285 1.77 42.07 33.12
C SER C 285 1.25 40.91 33.95
N LYS C 286 -0.07 40.68 33.94
CA LYS C 286 -0.82 39.59 34.58
C LYS C 286 -0.39 38.20 34.04
N ASP C 287 0.29 38.17 32.89
CA ASP C 287 0.69 36.93 32.22
C ASP C 287 2.16 36.58 32.50
N PHE C 288 2.76 37.13 33.55
CA PHE C 288 4.17 36.83 33.83
C PHE C 288 4.57 36.73 35.31
N ILE C 289 5.27 35.64 35.70
CA ILE C 289 5.83 35.53 37.05
C ILE C 289 7.30 35.95 36.92
N ARG C 290 7.94 36.43 38.01
CA ARG C 290 9.35 36.85 38.00
C ARG C 290 10.25 35.83 38.74
N THR C 291 11.49 35.63 38.26
CA THR C 291 12.48 34.68 38.81
C THR C 291 13.33 35.34 39.88
N GLU C 292 13.88 34.50 40.78
CA GLU C 292 14.79 34.87 41.88
C GLU C 292 16.13 35.40 41.36
N ASN C 293 16.51 34.99 40.13
CA ASN C 293 17.72 35.48 39.45
C ASN C 293 17.34 36.66 38.54
N TYR C 294 16.16 37.27 38.81
CA TYR C 294 15.57 38.45 38.15
C TYR C 294 15.42 38.23 36.64
N ASN C 295 14.79 37.09 36.30
CA ASN C 295 14.45 36.64 34.95
C ASN C 295 12.92 36.60 34.81
N LEU C 296 12.43 36.36 33.57
CA LEU C 296 10.99 36.34 33.33
C LEU C 296 10.47 35.06 32.75
N ARG C 297 9.28 34.68 33.20
CA ARG C 297 8.63 33.47 32.76
C ARG C 297 7.18 33.77 32.44
N LEU C 298 6.60 32.98 31.51
CA LEU C 298 5.22 33.16 31.10
C LEU C 298 4.26 32.43 32.04
N LYS C 299 3.15 33.09 32.43
CA LYS C 299 2.10 32.50 33.26
C LYS C 299 1.15 31.72 32.31
N PRO C 300 0.13 30.99 32.82
CA PRO C 300 -0.76 30.24 31.89
C PRO C 300 -1.45 31.12 30.83
N THR C 301 -2.04 32.26 31.25
CA THR C 301 -2.70 33.22 30.36
C THR C 301 -1.78 33.65 29.20
N GLY C 302 -0.51 33.88 29.55
CA GLY C 302 0.56 34.26 28.63
C GLY C 302 0.85 33.17 27.63
N ALA C 303 1.14 31.96 28.15
CA ALA C 303 1.41 30.79 27.35
C ALA C 303 0.24 30.53 26.36
N ARG C 304 -1.01 30.58 26.87
CA ARG C 304 -2.24 30.39 26.11
C ARG C 304 -2.24 31.34 24.93
N LYS C 305 -1.95 32.64 25.20
CA LYS C 305 -1.88 33.72 24.21
C LYS C 305 -0.90 33.40 23.08
N ILE C 306 0.36 33.05 23.43
CA ILE C 306 1.41 32.68 22.48
C ILE C 306 1.05 31.44 21.67
N VAL C 307 0.63 30.33 22.34
CA VAL C 307 0.24 29.08 21.64
C VAL C 307 -0.85 29.36 20.57
N ASN C 308 -1.87 30.17 20.92
CA ASN C 308 -2.97 30.53 20.05
C ASN C 308 -2.51 31.39 18.87
N GLU C 309 -1.66 32.43 19.13
CA GLU C 309 -1.12 33.29 18.06
C GLU C 309 -0.11 32.56 17.19
N PHE C 310 0.58 31.52 17.73
CA PHE C 310 1.47 30.69 16.93
C PHE C 310 0.59 29.87 15.95
N SER C 311 -0.47 29.24 16.52
CA SER C 311 -1.44 28.44 15.77
C SER C 311 -2.06 29.30 14.67
N ASN C 312 -2.48 30.52 15.02
CA ASN C 312 -3.05 31.45 14.05
C ASN C 312 -2.05 31.73 12.94
N THR C 313 -0.82 32.16 13.32
CA THR C 313 0.26 32.45 12.35
C THR C 313 0.52 31.23 11.44
N LEU C 314 0.69 30.03 12.02
CA LEU C 314 0.93 28.79 11.26
C LEU C 314 -0.21 28.39 10.31
N ASN C 315 -1.47 28.69 10.69
CA ASN C 315 -2.62 28.36 9.86
C ASN C 315 -2.86 29.36 8.74
N LYS C 316 -2.03 30.40 8.66
CA LYS C 316 -2.12 31.37 7.58
C LYS C 316 -1.68 30.67 6.29
N LYS C 317 -2.35 30.96 5.17
CA LYS C 317 -2.04 30.28 3.91
C LYS C 317 -1.05 31.05 3.05
N VAL C 318 -0.39 30.32 2.13
CA VAL C 318 0.62 30.78 1.16
C VAL C 318 0.44 29.98 -0.11
N SER C 319 0.39 30.66 -1.25
CA SER C 319 0.27 29.89 -2.48
C SER C 319 1.62 29.23 -2.71
N TYR C 320 1.60 27.91 -2.79
CA TYR C 320 2.78 27.11 -3.04
C TYR C 320 2.42 26.00 -3.99
N GLN C 321 3.10 25.97 -5.15
CA GLN C 321 2.93 25.00 -6.23
C GLN C 321 1.42 24.67 -6.44
N GLY C 322 0.72 25.67 -6.93
CA GLY C 322 -0.70 25.59 -7.23
C GLY C 322 -1.48 25.93 -6.00
N LYS C 323 -1.78 24.89 -5.21
CA LYS C 323 -2.53 24.94 -3.94
C LYS C 323 -2.12 26.13 -3.04
N GLU C 324 -3.11 26.70 -2.33
CA GLU C 324 -2.91 27.76 -1.36
C GLU C 324 -2.95 26.97 -0.07
N SER C 325 -1.73 26.61 0.37
CA SER C 325 -1.46 25.74 1.50
C SER C 325 -1.02 26.50 2.73
N THR C 326 -1.40 26.00 3.91
CA THR C 326 -1.04 26.55 5.22
C THR C 326 0.43 26.32 5.51
N TRP C 327 1.04 27.14 6.39
CA TRP C 327 2.45 27.02 6.75
C TRP C 327 2.79 25.72 7.45
N SER C 328 1.86 25.21 8.29
CA SER C 328 1.98 23.94 8.99
C SER C 328 2.15 22.82 7.99
N TYR C 329 1.47 22.94 6.86
CA TYR C 329 1.60 21.96 5.80
C TYR C 329 2.90 22.18 5.05
N VAL C 330 3.29 23.46 4.90
CA VAL C 330 4.46 23.89 4.13
C VAL C 330 5.72 23.37 4.74
N ILE C 331 5.80 23.41 6.10
CA ILE C 331 6.92 22.87 6.86
C ILE C 331 7.07 21.41 6.45
N PHE C 332 5.96 20.66 6.55
CA PHE C 332 5.87 19.28 6.13
C PHE C 332 6.31 19.11 4.67
N LEU C 333 5.78 19.95 3.77
CA LEU C 333 6.13 19.86 2.35
C LEU C 333 7.66 20.00 2.15
N LYS C 334 8.27 20.97 2.83
CA LYS C 334 9.70 21.25 2.75
C LYS C 334 10.58 20.11 3.28
N VAL C 335 10.23 19.50 4.44
CA VAL C 335 11.02 18.37 4.99
C VAL C 335 10.98 17.20 4.02
N ARG C 336 9.82 17.01 3.36
CA ARG C 336 9.66 15.93 2.41
C ARG C 336 10.54 16.25 1.20
N GLU C 337 10.57 17.53 0.78
CA GLU C 337 11.43 17.95 -0.33
C GLU C 337 12.88 17.69 0.00
N LEU C 338 13.30 17.99 1.26
CA LEU C 338 14.65 17.70 1.80
C LEU C 338 14.90 16.20 1.75
N ALA C 339 13.92 15.39 2.17
CA ALA C 339 14.05 13.95 2.15
C ALA C 339 14.18 13.41 0.70
N HIS C 340 13.34 13.89 -0.26
CA HIS C 340 13.42 13.45 -1.66
C HIS C 340 14.73 13.90 -2.32
N TYR C 341 15.22 15.11 -1.96
CA TYR C 341 16.50 15.63 -2.44
C TYR C 341 17.64 14.68 -2.07
N LEU C 342 17.73 14.31 -0.75
CA LEU C 342 18.76 13.40 -0.24
C LEU C 342 18.80 12.05 -0.97
N THR C 343 17.63 11.36 -1.08
CA THR C 343 17.48 10.06 -1.75
C THR C 343 17.57 10.17 -3.28
N SER C 344 17.87 11.38 -3.77
CA SER C 344 18.01 11.71 -5.20
C SER C 344 16.71 11.58 -5.96
N LYS C 345 15.59 11.37 -5.24
CA LYS C 345 14.22 11.31 -5.80
C LYS C 345 13.83 12.72 -6.36
N LYS C 346 14.64 13.76 -6.01
CA LYS C 346 14.51 15.18 -6.39
C LYS C 346 15.92 15.75 -6.62
N GLU C 347 16.04 16.63 -7.63
CA GLU C 347 17.30 17.23 -8.07
C GLU C 347 17.69 18.52 -7.40
N LYS C 348 16.73 19.44 -7.19
CA LYS C 348 17.02 20.75 -6.58
C LYS C 348 16.45 20.87 -5.19
N LEU C 349 17.22 21.46 -4.25
CA LEU C 349 16.78 21.72 -2.88
C LEU C 349 16.67 23.22 -2.71
N ASP C 350 15.57 23.72 -2.13
CA ASP C 350 15.37 25.15 -1.95
C ASP C 350 14.33 25.49 -0.92
N PHE C 351 14.72 26.23 0.13
CA PHE C 351 13.80 26.62 1.18
C PHE C 351 13.29 28.05 1.00
N THR C 352 13.91 28.81 0.07
CA THR C 352 13.55 30.19 -0.31
C THR C 352 12.08 30.29 -0.77
N LYS C 353 11.62 29.25 -1.48
CA LYS C 353 10.25 29.13 -1.99
C LYS C 353 9.45 28.13 -1.14
N PRO C 354 8.23 28.49 -0.62
CA PRO C 354 7.48 29.73 -0.88
C PRO C 354 8.00 30.96 -0.16
N GLU C 355 7.82 32.14 -0.78
CA GLU C 355 8.22 33.45 -0.23
C GLU C 355 7.08 34.04 0.66
N TYR C 356 7.43 34.78 1.74
CA TYR C 356 6.41 35.42 2.58
C TYR C 356 6.06 36.81 2.01
N GLU C 357 4.74 37.09 1.85
CA GLU C 357 4.19 38.34 1.27
C GLU C 357 3.91 39.46 2.28
N ILE C 358 3.98 40.71 1.80
CA ILE C 358 3.74 41.92 2.59
C ILE C 358 2.50 42.66 2.01
N GLU C 359 1.36 41.93 1.99
CA GLU C 359 0.07 42.39 1.43
C GLU C 359 -1.04 42.38 2.53
N ARG C 360 -0.97 43.34 3.49
CA ARG C 360 -1.92 43.50 4.61
C ARG C 360 -1.83 44.90 5.26
N ILE C 361 -1.31 45.89 4.52
CA ILE C 361 -1.14 47.29 4.94
C ILE C 361 -2.54 47.91 5.26
N ASP C 362 -2.91 47.90 6.58
CA ASP C 362 -4.19 48.37 7.11
C ASP C 362 -4.07 49.47 8.18
N SER C 363 -4.94 50.49 8.08
CA SER C 363 -5.03 51.64 8.99
C SER C 363 -6.51 52.00 9.16
N TYR C 364 -6.92 53.24 8.79
CA TYR C 364 -8.30 53.73 8.80
C TYR C 364 -8.93 53.39 7.45
N ASP C 365 -8.25 52.49 6.72
CA ASP C 365 -8.59 51.95 5.40
C ASP C 365 -9.36 50.63 5.62
N ILE C 366 -10.34 50.66 6.54
CA ILE C 366 -11.20 49.53 6.87
C ILE C 366 -12.26 49.34 5.77
N ARG C 367 -12.63 50.45 5.06
CA ARG C 367 -13.59 50.52 3.97
C ARG C 367 -13.20 49.62 2.77
N GLN C 368 -11.90 49.63 2.40
CA GLN C 368 -11.36 48.85 1.28
C GLN C 368 -10.74 47.51 1.70
N LYS C 369 -10.30 47.36 2.98
CA LYS C 369 -9.74 46.12 3.52
C LYS C 369 -10.82 45.05 3.66
N ILE C 370 -12.08 45.51 3.83
CA ILE C 370 -13.29 44.70 3.93
C ILE C 370 -13.73 44.30 2.51
N LEU C 371 -13.69 45.28 1.57
CA LEU C 371 -14.06 45.15 0.15
C LEU C 371 -13.05 44.34 -0.72
N SER C 372 -11.91 43.91 -0.12
CA SER C 372 -10.85 43.12 -0.76
C SER C 372 -11.23 41.64 -0.77
N ILE C 373 -11.57 41.10 0.41
CA ILE C 373 -11.96 39.71 0.62
C ILE C 373 -13.42 39.46 0.23
N SER C 374 -14.30 40.45 0.48
CA SER C 374 -15.74 40.38 0.18
C SER C 374 -16.08 40.37 -1.31
N TYR C 375 -15.17 40.90 -2.17
CA TYR C 375 -15.35 40.94 -3.62
C TYR C 375 -14.70 39.74 -4.33
N VAL C 376 -13.45 39.37 -3.94
CA VAL C 376 -12.68 38.25 -4.50
C VAL C 376 -12.58 37.05 -3.56
N MSE D 18 26.37 0.39 29.48
CA MSE D 18 24.97 0.42 29.06
C MSE D 18 24.08 -0.26 30.11
O MSE D 18 23.94 -1.49 30.07
CB MSE D 18 24.80 -0.23 27.67
CG MSE D 18 23.37 -0.13 27.09
SE MSE D 18 22.76 -1.65 25.94
CE MSE D 18 22.94 -3.10 27.22
N LYS D 19 23.50 0.52 31.05
CA LYS D 19 22.64 0.00 32.11
C LYS D 19 21.20 0.52 32.01
N LEU D 20 20.27 -0.43 31.77
CA LEU D 20 18.84 -0.18 31.60
C LEU D 20 17.95 -0.75 32.70
N LEU D 21 16.79 -0.13 32.92
CA LEU D 21 15.81 -0.60 33.88
C LEU D 21 14.64 -1.10 33.07
N LEU D 22 14.47 -2.42 33.02
CA LEU D 22 13.37 -3.05 32.27
C LEU D 22 12.13 -3.25 33.13
N LEU D 23 11.07 -2.47 32.87
CA LEU D 23 9.80 -2.57 33.58
C LEU D 23 8.78 -3.26 32.71
N ASN D 24 7.92 -4.07 33.34
CA ASN D 24 6.89 -4.89 32.70
C ASN D 24 5.86 -5.40 33.70
N GLY D 25 4.62 -5.51 33.26
CA GLY D 25 3.53 -6.01 34.08
C GLY D 25 2.40 -5.02 34.26
N HIS D 26 1.66 -5.21 35.35
CA HIS D 26 0.53 -4.34 35.65
C HIS D 26 0.83 -3.39 36.80
N GLY D 27 0.38 -2.16 36.65
CA GLY D 27 0.56 -1.14 37.67
C GLY D 27 1.95 -0.59 37.82
N ILE D 28 2.59 -0.25 36.68
CA ILE D 28 3.92 0.38 36.69
C ILE D 28 3.77 1.81 37.28
N ASN D 29 4.72 2.24 38.10
CA ASN D 29 4.59 3.56 38.73
C ASN D 29 5.88 4.34 38.79
N MSE D 30 5.80 5.59 38.38
CA MSE D 30 6.91 6.51 38.44
C MSE D 30 6.41 7.82 39.03
O MSE D 30 5.51 8.45 38.47
CB MSE D 30 7.58 6.69 37.10
CG MSE D 30 8.57 5.62 36.84
SE MSE D 30 9.36 5.91 35.09
CE MSE D 30 10.50 4.49 35.10
N HIS D 31 6.96 8.17 40.21
CA HIS D 31 6.58 9.38 40.93
C HIS D 31 7.77 9.91 41.70
N VAL D 32 7.75 11.22 42.03
CA VAL D 32 8.81 11.86 42.77
C VAL D 32 8.38 12.11 44.23
N ASP D 33 8.94 11.36 45.16
CA ASP D 33 8.56 11.57 46.55
C ASP D 33 9.57 12.48 47.21
N GLY D 34 9.43 13.77 46.89
CA GLY D 34 10.28 14.86 47.34
C GLY D 34 11.74 14.65 47.02
N ALA D 35 12.21 15.28 45.94
CA ALA D 35 13.60 15.21 45.46
C ALA D 35 14.06 13.82 45.00
N LYS D 36 13.40 12.72 45.40
CA LYS D 36 13.82 11.37 44.97
C LYS D 36 12.86 10.71 44.00
N LEU D 37 13.40 10.01 42.99
CA LEU D 37 12.54 9.28 42.06
C LEU D 37 12.18 7.89 42.61
N HIS D 38 10.87 7.56 42.57
CA HIS D 38 10.34 6.27 42.99
C HIS D 38 9.80 5.54 41.78
N ILE D 39 10.32 4.32 41.52
CA ILE D 39 9.94 3.43 40.41
C ILE D 39 9.39 2.10 40.93
N LYS D 40 8.08 1.91 40.82
CA LYS D 40 7.39 0.70 41.24
C LYS D 40 7.09 -0.13 40.00
N ASP D 41 7.84 -1.22 39.78
CA ASP D 41 7.68 -2.13 38.64
C ASP D 41 6.26 -2.71 38.62
N GLY D 42 5.84 -3.18 37.44
CA GLY D 42 4.55 -3.82 37.30
C GLY D 42 4.55 -5.25 37.80
N ARG D 43 3.38 -5.72 38.25
CA ARG D 43 3.19 -7.09 38.71
C ARG D 43 2.27 -7.84 37.78
N PHE D 44 2.84 -8.86 37.12
CA PHE D 44 2.13 -9.74 36.21
C PHE D 44 1.67 -10.95 37.04
N SER D 45 2.46 -11.27 38.09
CA SER D 45 2.25 -12.35 39.06
C SER D 45 0.92 -12.22 39.84
N THR D 46 0.34 -13.38 40.25
CA THR D 46 -0.92 -13.45 40.99
C THR D 46 -0.71 -12.96 42.44
N THR D 47 -0.60 -11.62 42.60
CA THR D 47 -0.37 -10.90 43.86
C THR D 47 0.86 -11.51 44.62
N GLU D 48 2.06 -11.14 44.11
CA GLU D 48 3.41 -11.49 44.57
C GLU D 48 4.21 -10.18 44.44
N GLU D 49 4.92 -9.78 45.52
CA GLU D 49 5.61 -8.49 45.62
C GLU D 49 6.57 -8.12 44.45
N PRO D 50 6.19 -7.06 43.67
CA PRO D 50 7.07 -6.59 42.58
C PRO D 50 8.15 -5.65 43.08
N GLN D 51 9.22 -5.48 42.27
CA GLN D 51 10.36 -4.65 42.60
C GLN D 51 10.01 -3.18 42.74
N GLU D 52 10.67 -2.53 43.69
CA GLU D 52 10.54 -1.10 43.95
C GLU D 52 11.96 -0.53 43.90
N TYR D 53 12.09 0.68 43.34
CA TYR D 53 13.34 1.41 43.14
C TYR D 53 13.16 2.82 43.64
N VAL D 54 14.18 3.35 44.32
CA VAL D 54 14.21 4.73 44.81
C VAL D 54 15.60 5.28 44.45
N PHE D 55 15.66 6.40 43.73
CA PHE D 55 16.94 6.99 43.31
C PHE D 55 17.13 8.38 43.86
N SER D 56 18.37 8.68 44.24
CA SER D 56 18.75 9.99 44.76
C SER D 56 19.10 10.85 43.55
N PRO D 57 18.85 12.17 43.56
CA PRO D 57 19.24 13.00 42.39
C PRO D 57 20.75 13.15 42.23
N LYS D 58 21.50 12.89 43.31
CA LYS D 58 22.95 13.00 43.32
C LYS D 58 23.63 11.71 42.79
N ARG D 59 22.84 10.70 42.37
CA ARG D 59 23.32 9.41 41.86
C ARG D 59 22.24 8.57 41.17
N ILE D 60 22.37 8.40 39.84
CA ILE D 60 21.50 7.56 39.02
C ILE D 60 22.34 7.07 37.81
N ASP D 61 22.74 5.79 37.89
CA ASP D 61 23.58 5.14 36.90
C ASP D 61 22.79 4.69 35.67
N ILE D 62 21.45 4.55 35.81
CA ILE D 62 20.52 4.10 34.75
C ILE D 62 20.65 5.04 33.54
N ASP D 63 20.86 4.49 32.35
CA ASP D 63 20.97 5.28 31.12
C ASP D 63 19.60 5.47 30.44
N GLY D 64 18.75 4.46 30.60
CA GLY D 64 17.39 4.42 30.08
C GLY D 64 16.52 3.41 30.78
N ILE D 65 15.20 3.67 30.73
CA ILE D 65 14.16 2.82 31.27
C ILE D 65 13.39 2.25 30.07
N ILE D 66 13.16 0.94 30.09
CA ILE D 66 12.37 0.28 29.05
C ILE D 66 11.05 -0.21 29.64
N ILE D 67 9.95 0.43 29.23
CA ILE D 67 8.62 0.10 29.70
C ILE D 67 7.93 -0.81 28.71
N TYR D 68 7.91 -2.11 29.00
CA TYR D 68 7.11 -3.04 28.22
C TYR D 68 5.95 -3.37 29.12
N GLY D 69 5.13 -2.36 29.31
CA GLY D 69 3.97 -2.45 30.17
C GLY D 69 2.69 -2.19 29.42
N LYS D 70 1.61 -2.68 30.03
CA LYS D 70 0.22 -2.53 29.59
C LYS D 70 -0.34 -1.31 30.32
N SER D 71 -0.47 -1.50 31.66
CA SER D 71 -0.96 -0.55 32.64
C SER D 71 0.19 0.07 33.41
N GLY D 72 -0.08 1.23 33.97
CA GLY D 72 0.85 2.02 34.75
C GLY D 72 0.58 3.50 34.71
N ASN D 73 1.28 4.23 35.60
CA ASN D 73 1.17 5.67 35.77
C ASN D 73 2.53 6.34 35.83
N LEU D 74 2.67 7.47 35.11
CA LEU D 74 3.88 8.29 35.15
C LEU D 74 3.44 9.69 35.50
N THR D 75 4.16 10.38 36.40
CA THR D 75 3.82 11.76 36.75
C THR D 75 4.65 12.69 35.87
N LEU D 76 4.24 13.95 35.81
CA LEU D 76 4.95 14.94 35.02
C LEU D 76 6.30 15.20 35.69
N GLU D 77 6.30 15.25 37.02
CA GLU D 77 7.50 15.42 37.85
C GLU D 77 8.54 14.30 37.59
N ALA D 78 8.08 13.03 37.51
CA ALA D 78 8.96 11.89 37.24
C ALA D 78 9.55 11.98 35.83
N ILE D 79 8.70 12.25 34.82
CA ILE D 79 9.15 12.40 33.44
C ILE D 79 10.21 13.49 33.41
N ARG D 80 9.90 14.64 34.01
CA ARG D 80 10.78 15.81 34.05
C ARG D 80 12.12 15.49 34.74
N TRP D 81 12.06 14.82 35.91
CA TRP D 81 13.22 14.40 36.72
C TRP D 81 14.15 13.52 35.86
N LEU D 82 13.58 12.53 35.19
CA LEU D 82 14.30 11.60 34.34
C LEU D 82 15.06 12.32 33.24
N ILE D 83 14.34 13.16 32.47
CA ILE D 83 14.90 13.95 31.36
C ILE D 83 16.00 14.86 31.86
N LYS D 84 15.80 15.47 33.06
CA LYS D 84 16.79 16.37 33.67
C LYS D 84 18.00 15.60 34.24
N HIS D 85 17.97 14.25 34.24
CA HIS D 85 19.04 13.37 34.73
C HIS D 85 19.54 12.44 33.61
N ASN D 86 19.30 12.84 32.36
CA ASN D 86 19.71 12.15 31.15
C ASN D 86 19.29 10.65 31.10
N VAL D 87 18.13 10.32 31.74
CA VAL D 87 17.58 8.96 31.72
C VAL D 87 16.50 8.86 30.64
N GLN D 88 16.79 8.07 29.58
CA GLN D 88 15.87 7.85 28.45
C GLN D 88 14.68 7.03 28.93
N VAL D 89 13.50 7.23 28.31
CA VAL D 89 12.31 6.45 28.65
C VAL D 89 11.69 5.98 27.36
N SER D 90 11.95 4.73 26.96
CA SER D 90 11.32 4.14 25.78
C SER D 90 10.19 3.19 26.23
N ILE D 91 9.01 3.30 25.58
CA ILE D 91 7.82 2.47 25.82
C ILE D 91 7.66 1.53 24.65
N LEU D 92 7.61 0.23 24.93
CA LEU D 92 7.41 -0.78 23.89
C LEU D 92 5.95 -1.19 23.78
N ASP D 93 5.45 -1.37 22.53
CA ASP D 93 4.10 -1.89 22.28
C ASP D 93 4.09 -3.44 22.35
N TRP D 94 2.91 -4.04 22.59
CA TRP D 94 2.63 -5.47 22.78
C TRP D 94 3.41 -6.46 21.84
N ASN D 95 3.55 -6.07 20.56
CA ASN D 95 4.18 -6.83 19.50
C ASN D 95 5.72 -6.77 19.55
N GLY D 96 6.26 -6.00 20.51
CA GLY D 96 7.70 -5.84 20.69
C GLY D 96 8.30 -4.60 20.08
N LYS D 97 7.56 -3.98 19.16
CA LYS D 97 7.96 -2.75 18.48
C LYS D 97 7.93 -1.58 19.43
N LEU D 98 8.83 -0.64 19.19
CA LEU D 98 8.93 0.58 19.98
C LEU D 98 7.71 1.46 19.68
N LEU D 99 7.01 1.90 20.75
CA LEU D 99 5.83 2.76 20.59
C LEU D 99 6.23 4.27 20.59
N THR D 100 7.15 4.67 21.50
CA THR D 100 7.69 6.03 21.66
C THR D 100 8.82 6.04 22.68
N THR D 101 9.72 6.98 22.53
CA THR D 101 10.84 7.18 23.43
C THR D 101 11.05 8.64 23.66
N MSE D 102 11.25 8.97 24.92
CA MSE D 102 11.56 10.29 25.39
C MSE D 102 13.06 10.25 25.60
O MSE D 102 13.53 9.65 26.58
CB MSE D 102 10.85 10.56 26.71
CG MSE D 102 9.39 10.89 26.55
SE MSE D 102 8.53 10.66 28.30
CE MSE D 102 8.09 8.72 28.22
N LEU D 103 13.82 10.80 24.65
CA LEU D 103 15.27 10.83 24.73
C LEU D 103 15.76 12.16 25.36
N PRO D 104 16.57 12.10 26.44
CA PRO D 104 17.07 13.35 27.04
C PRO D 104 18.16 13.95 26.14
N PRO D 105 18.35 15.29 26.09
CA PRO D 105 19.44 15.82 25.25
C PRO D 105 20.73 15.46 25.96
N GLU D 106 21.88 15.59 25.28
CA GLU D 106 23.17 15.24 25.90
C GLU D 106 23.12 13.83 26.58
N SER D 107 22.88 12.81 25.74
CA SER D 107 22.83 11.42 26.17
C SER D 107 23.66 10.58 25.20
N THR D 108 24.58 9.77 25.75
CA THR D 108 25.46 8.88 25.01
C THR D 108 24.65 7.86 24.16
N ASN D 109 23.59 7.29 24.76
CA ASN D 109 22.66 6.29 24.26
C ASN D 109 22.61 6.07 22.71
N LEU D 110 22.48 7.12 21.88
CA LEU D 110 22.44 6.97 20.42
C LEU D 110 23.71 6.38 19.78
N ARG D 111 24.84 6.36 20.54
CA ARG D 111 26.14 5.82 20.09
C ARG D 111 26.00 4.40 19.54
N THR D 112 25.12 3.60 20.18
CA THR D 112 24.79 2.21 19.83
C THR D 112 24.28 2.14 18.40
N LYS D 113 23.17 2.81 18.08
CA LYS D 113 22.59 2.81 16.74
C LYS D 113 23.62 3.21 15.69
N PHE D 114 24.41 4.27 15.95
CA PHE D 114 25.42 4.72 14.99
C PHE D 114 26.55 3.71 14.79
N ALA D 115 26.92 2.96 15.86
CA ALA D 115 27.94 1.89 15.81
C ALA D 115 27.42 0.77 14.91
N GLN D 116 26.18 0.33 15.16
CA GLN D 116 25.46 -0.67 14.38
C GLN D 116 25.36 -0.25 12.89
N TYR D 117 24.92 1.01 12.65
CA TYR D 117 24.80 1.57 11.31
C TYR D 117 26.15 1.56 10.61
N HIS D 118 27.20 1.90 11.33
CA HIS D 118 28.56 1.95 10.83
C HIS D 118 29.17 0.56 10.54
N ALA D 119 28.85 -0.45 11.38
CA ALA D 119 29.37 -1.82 11.23
C ALA D 119 28.77 -2.53 10.01
N PHE D 120 27.50 -2.21 9.70
CA PHE D 120 26.79 -2.70 8.53
C PHE D 120 27.46 -2.08 7.29
N GLU D 121 27.80 -0.79 7.38
CA GLU D 121 28.43 -0.01 6.33
C GLU D 121 29.78 -0.57 5.87
N ASP D 122 30.62 -1.05 6.83
CA ASP D 122 31.93 -1.66 6.56
C ASP D 122 31.76 -3.13 6.19
N LYS D 123 32.17 -3.44 4.95
CA LYS D 123 32.15 -4.72 4.25
C LYS D 123 32.50 -5.90 5.17
N GLU D 124 33.80 -6.10 5.45
CA GLU D 124 34.31 -7.21 6.25
C GLU D 124 33.74 -7.25 7.67
N ALA D 125 33.64 -6.08 8.33
CA ALA D 125 33.08 -5.92 9.68
C ALA D 125 31.69 -6.61 9.76
N ARG D 126 30.84 -6.37 8.74
CA ARG D 126 29.47 -6.85 8.61
C ARG D 126 29.39 -8.36 8.42
N LEU D 127 30.18 -8.88 7.46
CA LEU D 127 30.26 -10.30 7.13
C LEU D 127 30.74 -11.12 8.36
N GLU D 128 31.58 -10.48 9.20
CA GLU D 128 32.09 -11.07 10.43
C GLU D 128 30.96 -11.32 11.40
N ILE D 129 30.04 -10.34 11.55
CA ILE D 129 28.88 -10.49 12.44
C ILE D 129 27.87 -11.48 11.82
N ALA D 130 27.58 -11.32 10.51
CA ALA D 130 26.65 -12.17 9.77
C ALA D 130 26.94 -13.65 10.00
N LYS D 131 28.23 -14.04 9.87
CA LYS D 131 28.74 -15.41 10.04
C LYS D 131 28.35 -16.04 11.38
N LYS D 132 28.54 -15.28 12.49
CA LYS D 132 28.22 -15.66 13.88
C LYS D 132 26.75 -16.04 14.06
N PHE D 133 25.82 -15.34 13.36
CA PHE D 133 24.38 -15.63 13.41
C PHE D 133 24.09 -17.00 12.79
N ILE D 134 24.66 -17.27 11.60
CA ILE D 134 24.44 -18.49 10.81
C ILE D 134 25.18 -19.68 11.43
N GLU D 135 26.30 -19.41 12.10
CA GLU D 135 27.11 -20.39 12.83
C GLU D 135 26.23 -21.03 13.91
N ALA D 136 25.60 -20.20 14.74
CA ALA D 136 24.71 -20.63 15.82
C ALA D 136 23.49 -21.41 15.33
N LYS D 137 22.88 -20.98 14.20
CA LYS D 137 21.70 -21.64 13.59
C LYS D 137 22.04 -23.12 13.32
N PHE D 138 23.08 -23.36 12.50
CA PHE D 138 23.61 -24.67 12.12
C PHE D 138 23.79 -25.60 13.32
N TYR D 139 24.31 -25.03 14.44
CA TYR D 139 24.56 -25.75 15.70
C TYR D 139 23.26 -26.22 16.35
N LYS D 140 22.27 -25.31 16.46
CA LYS D 140 20.98 -25.65 17.08
C LYS D 140 20.15 -26.55 16.16
N SER D 141 20.39 -26.43 14.82
CA SER D 141 19.71 -27.22 13.78
C SER D 141 20.06 -28.68 14.01
N LYS D 142 21.35 -28.95 14.40
CA LYS D 142 21.86 -30.29 14.74
C LYS D 142 21.20 -30.74 16.03
N ALA D 143 21.23 -29.87 17.06
CA ALA D 143 20.66 -30.09 18.39
C ALA D 143 19.20 -30.57 18.36
N VAL D 144 18.41 -30.09 17.38
CA VAL D 144 17.02 -30.53 17.26
C VAL D 144 16.99 -31.96 16.70
N LEU D 145 17.59 -32.16 15.50
CA LEU D 145 17.66 -33.44 14.80
C LEU D 145 18.33 -34.51 15.63
N ASP D 146 19.20 -34.10 16.56
CA ASP D 146 19.83 -35.00 17.51
C ASP D 146 18.70 -35.46 18.44
N PHE D 147 18.01 -34.48 19.12
CA PHE D 147 16.89 -34.70 20.05
C PHE D 147 15.81 -35.60 19.45
N LEU D 148 15.63 -35.53 18.13
CA LEU D 148 14.69 -36.37 17.38
C LEU D 148 15.33 -37.79 17.22
N SER D 149 15.84 -38.33 18.35
CA SER D 149 16.49 -39.64 18.55
C SER D 149 15.47 -40.76 18.75
N GLN D 150 14.24 -40.40 19.19
CA GLN D 150 13.07 -41.28 19.35
C GLN D 150 12.52 -41.63 17.95
N ARG D 151 12.78 -40.74 16.98
CA ARG D 151 12.39 -40.87 15.59
C ARG D 151 13.70 -41.06 14.78
N TYR D 152 14.55 -41.99 15.28
CA TYR D 152 15.88 -42.41 14.80
C TYR D 152 16.02 -42.76 13.29
N PRO D 153 15.00 -43.29 12.56
CA PRO D 153 15.22 -43.66 11.15
C PRO D 153 15.80 -42.57 10.24
N GLU D 154 17.13 -42.69 9.99
CA GLU D 154 17.96 -41.86 9.11
C GLU D 154 17.90 -40.34 9.37
N ILE D 155 17.72 -39.90 10.64
CA ILE D 155 17.66 -38.46 11.01
C ILE D 155 19.05 -37.78 11.00
N ASN D 156 20.08 -38.44 10.40
CA ASN D 156 21.45 -37.96 10.31
C ASN D 156 21.61 -36.62 9.57
N PHE D 157 22.30 -35.67 10.21
CA PHE D 157 22.57 -34.35 9.65
C PHE D 157 24.04 -33.99 9.88
N ASP D 158 24.65 -33.29 8.90
CA ASP D 158 26.04 -32.86 8.96
C ASP D 158 26.16 -31.34 8.98
N ILE D 159 26.94 -30.85 9.93
CA ILE D 159 27.14 -29.43 10.17
C ILE D 159 28.52 -29.01 9.72
N LEU D 160 29.55 -29.88 9.95
CA LEU D 160 30.96 -29.60 9.66
C LEU D 160 31.25 -29.17 8.21
N ASP D 161 30.56 -29.71 7.21
CA ASP D 161 30.81 -29.25 5.83
C ASP D 161 30.29 -27.81 5.63
N GLY D 162 29.13 -27.53 6.22
CA GLY D 162 28.52 -26.20 6.19
C GLY D 162 29.28 -25.22 7.05
N LEU D 163 29.78 -25.69 8.20
CA LEU D 163 30.54 -24.89 9.15
C LEU D 163 31.85 -24.42 8.56
N THR D 164 32.53 -25.30 7.81
CA THR D 164 33.81 -24.95 7.20
C THR D 164 33.57 -24.15 5.93
N LYS D 165 32.57 -24.50 5.12
CA LYS D 165 32.26 -23.73 3.92
C LYS D 165 31.95 -22.27 4.33
N LEU D 166 31.31 -22.08 5.52
CA LEU D 166 30.97 -20.79 6.11
C LEU D 166 32.21 -19.96 6.38
N LYS D 167 33.21 -20.55 7.09
CA LYS D 167 34.50 -19.91 7.46
C LYS D 167 35.12 -19.04 6.34
N ASP D 168 34.83 -19.37 5.05
CA ASP D 168 35.42 -18.71 3.89
C ASP D 168 34.44 -18.20 2.85
N VAL D 169 33.24 -17.78 3.26
CA VAL D 169 32.27 -17.23 2.29
C VAL D 169 32.46 -15.71 2.19
N LYS D 170 33.17 -15.26 1.14
CA LYS D 170 33.56 -13.86 0.98
C LYS D 170 32.45 -12.94 0.46
N SER D 171 31.18 -13.23 0.83
CA SER D 171 29.98 -12.46 0.45
C SER D 171 28.77 -12.80 1.33
N THR D 172 27.88 -11.82 1.51
CA THR D 172 26.62 -11.96 2.24
C THR D 172 25.75 -13.01 1.53
N ARG D 173 25.67 -12.91 0.18
CA ARG D 173 24.94 -13.84 -0.69
C ARG D 173 25.50 -15.25 -0.53
N GLU D 174 26.86 -15.36 -0.51
CA GLU D 174 27.63 -16.59 -0.34
C GLU D 174 27.29 -17.27 1.00
N ILE D 175 27.07 -16.48 2.07
CA ILE D 175 26.64 -17.03 3.36
C ILE D 175 25.32 -17.77 3.13
N LEU D 176 24.29 -17.03 2.66
CA LEU D 176 22.97 -17.56 2.36
C LEU D 176 23.02 -18.90 1.61
N GLY D 177 23.87 -18.98 0.59
CA GLY D 177 24.08 -20.18 -0.21
C GLY D 177 24.32 -21.43 0.61
N VAL D 178 25.12 -21.29 1.68
CA VAL D 178 25.49 -22.35 2.62
C VAL D 178 24.31 -22.65 3.52
N GLU D 179 23.69 -21.57 4.11
CA GLU D 179 22.50 -21.64 4.98
C GLU D 179 21.40 -22.46 4.31
N GLY D 180 21.23 -22.24 3.00
CA GLY D 180 20.23 -22.86 2.14
C GLY D 180 20.35 -24.36 2.07
N THR D 181 21.44 -24.84 1.43
CA THR D 181 21.74 -26.27 1.27
C THR D 181 21.43 -27.04 2.57
N LEU D 182 21.86 -26.48 3.71
CA LEU D 182 21.65 -27.07 5.03
C LEU D 182 20.19 -27.18 5.44
N ALA D 183 19.45 -26.05 5.38
CA ALA D 183 18.03 -26.00 5.72
C ALA D 183 17.22 -27.04 4.92
N GLY D 184 17.59 -27.23 3.65
CA GLY D 184 16.95 -28.18 2.74
C GLY D 184 17.07 -29.60 3.24
N LYS D 185 18.26 -29.95 3.72
CA LYS D 185 18.53 -31.27 4.29
C LYS D 185 17.86 -31.39 5.67
N TYR D 186 17.76 -30.25 6.41
CA TYR D 186 17.12 -30.16 7.73
C TYR D 186 15.63 -30.55 7.63
N TRP D 187 14.91 -29.95 6.65
CA TRP D 187 13.48 -30.21 6.46
C TRP D 187 13.23 -31.62 5.85
N ILE D 188 14.28 -32.31 5.40
CA ILE D 188 14.12 -33.68 4.92
C ILE D 188 14.06 -34.57 6.19
N GLU D 189 14.91 -34.25 7.17
CA GLU D 189 14.98 -34.95 8.44
C GLU D 189 13.82 -34.58 9.33
N PHE D 190 13.30 -33.37 9.16
CA PHE D 190 12.14 -32.94 9.92
C PHE D 190 10.93 -33.69 9.37
N SER D 191 10.88 -33.89 8.03
CA SER D 191 9.80 -34.61 7.34
C SER D 191 9.78 -36.07 7.73
N LYS D 192 10.88 -36.52 8.33
CA LYS D 192 11.07 -37.86 8.86
C LYS D 192 10.41 -37.96 10.25
N ALA D 193 9.76 -36.86 10.71
CA ALA D 193 9.06 -36.79 12.00
C ALA D 193 7.63 -36.30 11.78
N VAL D 194 7.29 -35.95 10.53
CA VAL D 194 5.94 -35.49 10.28
C VAL D 194 5.07 -36.63 9.74
N PRO D 195 3.96 -36.97 10.46
CA PRO D 195 3.02 -37.99 9.96
C PRO D 195 2.44 -37.63 8.59
N LYS D 196 2.11 -38.66 7.78
CA LYS D 196 1.56 -38.55 6.41
C LYS D 196 0.26 -37.73 6.35
N GLU D 197 -0.55 -37.84 7.42
CA GLU D 197 -1.85 -37.21 7.69
C GLU D 197 -1.83 -35.67 7.61
N TYR D 198 -0.63 -35.10 7.72
CA TYR D 198 -0.40 -33.65 7.79
C TYR D 198 -0.16 -32.92 6.46
N ASP D 199 0.59 -33.57 5.51
CA ASP D 199 0.99 -33.01 4.20
C ASP D 199 2.06 -31.93 4.39
N PHE D 200 3.26 -32.23 3.90
CA PHE D 200 4.41 -31.37 4.03
C PHE D 200 5.26 -31.60 2.79
N SER D 201 4.78 -31.03 1.67
CA SER D 201 5.40 -31.15 0.35
C SER D 201 6.84 -30.65 0.37
N ASN D 202 7.03 -29.40 0.82
CA ASN D 202 8.32 -28.72 0.92
C ASN D 202 8.19 -27.58 1.92
N ARG D 203 9.29 -27.00 2.43
CA ARG D 203 9.16 -25.85 3.33
C ARG D 203 9.16 -24.52 2.57
N ILE D 204 9.41 -24.59 1.24
CA ILE D 204 9.42 -23.45 0.33
C ILE D 204 8.46 -23.65 -0.87
N ASP D 205 8.00 -22.54 -1.45
CA ASP D 205 7.09 -22.48 -2.58
C ASP D 205 7.85 -22.49 -3.91
N GLN D 206 7.12 -22.33 -5.02
CA GLN D 206 7.65 -22.32 -6.39
C GLN D 206 8.54 -21.06 -6.68
N PHE D 207 8.65 -20.17 -5.67
CA PHE D 207 9.46 -18.96 -5.71
C PHE D 207 10.47 -19.00 -4.57
N ARG D 208 10.58 -20.18 -3.91
CA ARG D 208 11.51 -20.54 -2.81
C ARG D 208 11.35 -19.63 -1.57
N ARG D 209 10.09 -19.51 -1.11
CA ARG D 209 9.64 -18.74 0.06
C ARG D 209 8.75 -19.61 0.94
N ALA D 210 8.63 -19.29 2.22
CA ALA D 210 7.75 -20.05 3.08
C ALA D 210 6.42 -19.30 3.31
N MSE D 211 6.33 -18.01 2.89
CA MSE D 211 5.14 -17.19 3.11
C MSE D 211 3.92 -17.66 2.37
O MSE D 211 4.02 -18.09 1.22
CB MSE D 211 5.37 -15.69 2.87
CG MSE D 211 6.00 -15.33 1.56
SE MSE D 211 5.37 -13.55 0.99
CE MSE D 211 4.66 -14.22 -0.79
N GLY D 212 2.80 -17.61 3.07
CA GLY D 212 1.50 -18.00 2.55
C GLY D 212 1.40 -19.51 2.43
N SER D 213 1.39 -20.19 3.56
CA SER D 213 1.34 -21.64 3.68
C SER D 213 -0.01 -22.17 3.23
N GLY D 214 0.02 -23.35 2.61
CA GLY D 214 -1.14 -24.08 2.13
C GLY D 214 -1.44 -25.24 3.04
N ASP D 215 -0.40 -25.77 3.70
CA ASP D 215 -0.53 -26.89 4.64
C ASP D 215 -0.54 -26.43 6.10
N MSE D 216 -0.61 -27.40 7.01
CA MSE D 216 -0.67 -27.31 8.46
C MSE D 216 0.64 -26.88 9.12
O MSE D 216 0.71 -25.83 9.77
CB MSE D 216 -1.02 -28.72 8.94
CG MSE D 216 -1.86 -28.79 10.19
SE MSE D 216 -3.62 -29.67 10.00
CE MSE D 216 -3.24 -30.99 8.52
N ILE D 217 1.68 -27.74 9.02
CA ILE D 217 2.98 -27.58 9.69
C ILE D 217 3.63 -26.27 9.29
N ASN D 218 3.67 -25.98 7.98
CA ASN D 218 4.20 -24.71 7.49
C ASN D 218 3.44 -23.50 8.10
N THR D 219 2.09 -23.60 8.20
CA THR D 219 1.28 -22.57 8.85
C THR D 219 1.71 -22.39 10.29
N MSE D 220 1.85 -23.50 11.02
CA MSE D 220 2.26 -23.48 12.44
C MSE D 220 3.63 -22.84 12.58
O MSE D 220 3.80 -21.95 13.43
CB MSE D 220 2.23 -24.89 13.03
CG MSE D 220 0.89 -25.61 12.82
SE MSE D 220 0.76 -27.40 13.62
CE MSE D 220 2.46 -28.22 13.12
N LEU D 221 4.57 -23.21 11.68
CA LEU D 221 5.94 -22.67 11.62
C LEU D 221 5.91 -21.18 11.35
N ASN D 222 5.14 -20.72 10.32
CA ASN D 222 5.01 -19.29 9.98
C ASN D 222 4.54 -18.48 11.18
N TYR D 223 3.44 -18.93 11.82
CA TYR D 223 2.88 -18.31 13.00
C TYR D 223 3.86 -18.37 14.18
N GLY D 224 4.54 -19.51 14.31
CA GLY D 224 5.51 -19.71 15.37
C GLY D 224 6.65 -18.73 15.27
N TYR D 225 7.25 -18.62 14.08
CA TYR D 225 8.38 -17.75 13.79
C TYR D 225 8.10 -16.27 14.04
N SER D 226 6.84 -15.82 13.83
CA SER D 226 6.44 -14.45 14.11
C SER D 226 6.46 -14.16 15.62
N LEU D 227 6.14 -15.17 16.45
CA LEU D 227 6.22 -15.07 17.92
C LEU D 227 7.69 -14.93 18.31
N LEU D 228 8.59 -15.58 17.55
CA LEU D 228 10.02 -15.39 17.76
C LEU D 228 10.46 -14.01 17.28
N GLU D 229 9.96 -13.57 16.10
CA GLU D 229 10.24 -12.24 15.54
C GLU D 229 9.91 -11.18 16.59
N ALA D 230 8.68 -11.25 17.19
CA ALA D 230 8.25 -10.35 18.25
C ALA D 230 9.30 -10.32 19.36
N GLU D 231 9.68 -11.52 19.85
CA GLU D 231 10.64 -11.67 20.91
C GLU D 231 11.94 -10.97 20.60
N CYS D 232 12.44 -11.12 19.36
CA CYS D 232 13.65 -10.44 18.91
C CYS D 232 13.47 -8.92 18.94
N LEU D 233 12.31 -8.40 18.44
CA LEU D 233 12.02 -6.96 18.45
C LEU D 233 12.02 -6.41 19.90
N LYS D 234 11.31 -7.11 20.84
CA LYS D 234 11.25 -6.72 22.24
C LYS D 234 12.69 -6.55 22.77
N ALA D 235 13.53 -7.60 22.58
CA ALA D 235 14.94 -7.58 22.99
C ALA D 235 15.77 -6.47 22.31
N ILE D 236 15.77 -6.41 20.95
CA ILE D 236 16.48 -5.40 20.15
C ILE D 236 16.20 -4.00 20.67
N ASN D 237 14.92 -3.64 20.76
CA ASN D 237 14.53 -2.32 21.24
C ASN D 237 14.94 -2.08 22.71
N SER D 238 14.83 -3.14 23.55
CA SER D 238 15.23 -3.10 24.95
C SER D 238 16.72 -2.75 25.09
N VAL D 239 17.57 -3.13 24.09
CA VAL D 239 19.00 -2.86 24.18
C VAL D 239 19.44 -1.62 23.40
N GLY D 240 18.53 -1.00 22.67
CA GLY D 240 18.85 0.22 21.93
C GLY D 240 19.52 0.09 20.58
N LEU D 241 19.10 -0.92 19.79
CA LEU D 241 19.57 -1.15 18.44
C LEU D 241 18.40 -0.96 17.49
N ASP D 242 18.68 -0.65 16.22
CA ASP D 242 17.63 -0.51 15.21
C ASP D 242 17.25 -1.89 14.68
N THR D 243 15.93 -2.21 14.77
CA THR D 243 15.35 -3.47 14.33
C THR D 243 15.45 -3.64 12.80
N HIS D 244 15.61 -2.53 12.05
CA HIS D 244 15.65 -2.59 10.59
C HIS D 244 17.02 -2.74 9.97
N VAL D 245 18.10 -2.46 10.70
CA VAL D 245 19.45 -2.61 10.14
C VAL D 245 20.11 -3.90 10.64
N GLY D 246 20.18 -4.91 9.76
CA GLY D 246 20.82 -6.20 10.04
C GLY D 246 22.16 -6.37 9.33
N PHE D 247 22.93 -7.37 9.73
CA PHE D 247 24.24 -7.67 9.12
C PHE D 247 24.11 -8.73 8.04
N LEU D 248 23.38 -9.81 8.33
CA LEU D 248 23.14 -10.80 7.31
C LEU D 248 21.97 -10.32 6.43
N HIS D 249 20.84 -9.92 7.04
CA HIS D 249 19.70 -9.48 6.25
C HIS D 249 19.80 -8.01 5.82
N GLU D 250 19.78 -7.82 4.48
CA GLU D 250 19.86 -6.51 3.84
C GLU D 250 18.61 -5.67 4.09
N MSE D 251 18.81 -4.42 4.48
CA MSE D 251 17.72 -3.48 4.71
C MSE D 251 17.04 -3.15 3.40
O MSE D 251 17.68 -2.92 2.35
CB MSE D 251 18.16 -2.24 5.47
CG MSE D 251 19.52 -1.72 5.07
SE MSE D 251 19.65 0.20 5.19
CE MSE D 251 19.95 0.57 3.21
N ALA D 252 15.73 -3.20 3.46
CA ALA D 252 14.75 -3.00 2.42
C ALA D 252 13.53 -2.48 3.15
N PRO D 253 12.67 -1.62 2.52
CA PRO D 253 11.51 -1.09 3.26
C PRO D 253 10.63 -2.16 3.92
N SER D 254 10.18 -1.81 5.13
CA SER D 254 9.31 -2.58 6.00
C SER D 254 9.89 -3.94 6.38
N LYS D 255 11.24 -4.08 6.31
CA LYS D 255 11.87 -5.32 6.72
C LYS D 255 12.60 -5.10 8.07
N ASN D 256 12.27 -5.90 9.09
CA ASN D 256 12.92 -5.86 10.41
C ASN D 256 14.21 -6.71 10.39
N SER D 257 15.09 -6.38 9.45
CA SER D 257 16.32 -7.08 9.12
C SER D 257 17.12 -7.60 10.33
N LEU D 258 17.37 -6.75 11.34
CA LEU D 258 18.08 -7.15 12.57
C LEU D 258 17.35 -8.27 13.35
N ALA D 259 15.99 -8.26 13.37
CA ALA D 259 15.21 -9.29 14.05
C ALA D 259 15.34 -10.56 13.25
N TYR D 260 15.23 -10.44 11.90
CA TYR D 260 15.36 -11.55 10.96
C TYR D 260 16.72 -12.26 11.18
N ASP D 261 17.77 -11.50 11.58
CA ASP D 261 19.09 -12.03 11.91
C ASP D 261 19.00 -12.78 13.21
N LEU D 262 18.59 -12.09 14.29
CA LEU D 262 18.44 -12.61 15.66
C LEU D 262 17.48 -13.82 15.78
N GLN D 263 16.62 -14.01 14.78
CA GLN D 263 15.66 -15.09 14.73
C GLN D 263 16.44 -16.42 14.58
N GLU D 264 17.43 -16.46 13.63
CA GLU D 264 18.25 -17.63 13.23
C GLU D 264 18.86 -18.40 14.45
N PRO D 265 19.55 -17.76 15.43
CA PRO D 265 20.07 -18.54 16.59
C PRO D 265 19.00 -19.05 17.59
N PHE D 266 17.72 -18.65 17.39
CA PHE D 266 16.61 -19.05 18.27
C PHE D 266 15.42 -19.72 17.54
N ARG D 267 15.51 -19.94 16.22
CA ARG D 267 14.43 -20.59 15.48
C ARG D 267 14.13 -21.99 15.99
N PHE D 268 15.18 -22.64 16.57
CA PHE D 268 15.13 -23.99 17.13
C PHE D 268 14.00 -24.15 18.14
N ILE D 269 13.76 -23.11 18.98
CA ILE D 269 12.68 -23.08 19.97
C ILE D 269 11.31 -23.29 19.30
N VAL D 270 11.06 -22.61 18.15
CA VAL D 270 9.81 -22.76 17.38
C VAL D 270 9.70 -24.20 16.86
N ASP D 271 10.74 -24.69 16.14
CA ASP D 271 10.78 -26.05 15.58
C ASP D 271 10.49 -27.11 16.67
N LEU D 272 10.99 -26.86 17.90
CA LEU D 272 10.76 -27.67 19.08
C LEU D 272 9.29 -27.60 19.45
N ALA D 273 8.71 -26.38 19.52
CA ALA D 273 7.28 -26.19 19.83
C ALA D 273 6.42 -26.87 18.80
N VAL D 274 6.88 -26.89 17.54
CA VAL D 274 6.14 -27.52 16.44
C VAL D 274 6.17 -29.06 16.58
N ILE D 275 7.34 -29.65 16.90
CA ILE D 275 7.45 -31.09 17.13
C ILE D 275 6.56 -31.47 18.32
N SER D 276 6.72 -30.76 19.46
CA SER D 276 5.95 -30.93 20.71
C SER D 276 4.45 -31.00 20.43
N LEU D 277 3.94 -30.04 19.61
CA LEU D 277 2.52 -29.99 19.25
C LEU D 277 2.08 -31.20 18.43
N ILE D 278 2.92 -31.62 17.44
CA ILE D 278 2.66 -32.78 16.58
C ILE D 278 2.57 -34.05 17.41
N GLU D 279 3.52 -34.25 18.36
CA GLU D 279 3.57 -35.40 19.27
C GLU D 279 2.26 -35.57 20.03
N SER D 280 1.76 -34.49 20.67
CA SER D 280 0.52 -34.48 21.44
C SER D 280 -0.73 -34.83 20.62
N GLY D 281 -0.73 -34.45 19.33
CA GLY D 281 -1.86 -34.62 18.43
C GLY D 281 -2.95 -33.62 18.76
N ALA D 282 -2.52 -32.56 19.51
CA ALA D 282 -3.32 -31.44 20.03
C ALA D 282 -3.99 -30.65 18.91
N MSE D 283 -3.40 -30.66 17.71
CA MSE D 283 -3.92 -29.94 16.57
C MSE D 283 -5.10 -30.65 15.91
O MSE D 283 -4.92 -31.67 15.25
CB MSE D 283 -2.80 -29.63 15.59
CG MSE D 283 -2.53 -28.13 15.44
SE MSE D 283 -1.91 -27.15 17.04
CE MSE D 283 -2.54 -25.42 16.50
N GLU D 284 -6.30 -30.12 16.14
CA GLU D 284 -7.55 -30.62 15.54
C GLU D 284 -7.86 -29.79 14.27
N SER D 285 -8.75 -30.28 13.39
CA SER D 285 -9.05 -29.58 12.13
C SER D 285 -9.61 -28.16 12.30
N LYS D 286 -10.47 -27.92 13.33
CA LYS D 286 -11.09 -26.60 13.53
C LYS D 286 -10.13 -25.53 14.09
N ASP D 287 -8.83 -25.82 14.06
CA ASP D 287 -7.74 -24.94 14.49
C ASP D 287 -7.20 -24.14 13.29
N PHE D 288 -7.51 -24.61 12.08
CA PHE D 288 -7.08 -24.03 10.82
C PHE D 288 -8.27 -23.55 10.00
N ILE D 289 -8.02 -22.67 9.03
CA ILE D 289 -9.05 -22.07 8.17
C ILE D 289 -8.44 -21.75 6.82
N ARG D 290 -9.12 -22.17 5.73
CA ARG D 290 -8.62 -21.89 4.39
C ARG D 290 -9.19 -20.59 3.84
N THR D 291 -8.33 -19.71 3.29
CA THR D 291 -8.74 -18.44 2.72
C THR D 291 -9.21 -18.58 1.24
N GLU D 292 -9.75 -17.46 0.67
CA GLU D 292 -10.19 -17.39 -0.73
C GLU D 292 -9.02 -17.60 -1.69
N ASN D 293 -7.81 -17.24 -1.27
CA ASN D 293 -6.61 -17.43 -2.06
C ASN D 293 -5.99 -18.82 -1.78
N TYR D 294 -6.69 -19.66 -0.99
CA TYR D 294 -6.32 -21.03 -0.63
C TYR D 294 -5.13 -21.12 0.37
N ASN D 295 -4.95 -20.09 1.20
CA ASN D 295 -3.89 -20.15 2.23
C ASN D 295 -4.51 -20.83 3.44
N LEU D 296 -3.68 -21.46 4.28
CA LEU D 296 -4.16 -22.04 5.51
C LEU D 296 -3.70 -21.17 6.67
N ARG D 297 -4.66 -20.56 7.40
CA ARG D 297 -4.39 -19.67 8.54
C ARG D 297 -4.90 -20.33 9.78
N LEU D 298 -4.52 -19.78 10.94
CA LEU D 298 -4.98 -20.27 12.22
C LEU D 298 -6.24 -19.59 12.71
N LYS D 299 -7.10 -20.39 13.34
CA LYS D 299 -8.30 -19.97 14.05
C LYS D 299 -7.84 -19.55 15.49
N PRO D 300 -8.60 -18.70 16.25
CA PRO D 300 -8.14 -18.31 17.60
C PRO D 300 -7.72 -19.51 18.42
N THR D 301 -8.57 -20.55 18.41
CA THR D 301 -8.40 -21.86 19.06
C THR D 301 -6.99 -22.41 18.78
N GLY D 302 -6.62 -22.48 17.50
CA GLY D 302 -5.33 -22.96 17.04
C GLY D 302 -4.15 -22.10 17.45
N ALA D 303 -4.24 -20.79 17.14
CA ALA D 303 -3.20 -19.81 17.46
C ALA D 303 -2.69 -19.96 18.92
N ARG D 304 -3.63 -20.03 19.90
CA ARG D 304 -3.35 -20.18 21.34
C ARG D 304 -2.45 -21.36 21.57
N LYS D 305 -2.77 -22.52 20.96
CA LYS D 305 -2.00 -23.76 21.09
C LYS D 305 -0.54 -23.54 20.70
N ILE D 306 -0.30 -22.76 19.62
CA ILE D 306 1.03 -22.40 19.12
C ILE D 306 1.69 -21.40 20.09
N VAL D 307 0.91 -20.41 20.54
CA VAL D 307 1.33 -19.35 21.47
C VAL D 307 1.84 -19.94 22.81
N ASN D 308 1.00 -20.79 23.44
CA ASN D 308 1.26 -21.47 24.70
C ASN D 308 2.46 -22.41 24.63
N GLU D 309 2.59 -23.16 23.51
CA GLU D 309 3.72 -24.07 23.32
C GLU D 309 5.03 -23.31 23.14
N PHE D 310 5.01 -22.22 22.35
CA PHE D 310 6.19 -21.39 22.15
C PHE D 310 6.57 -20.82 23.50
N SER D 311 5.54 -20.33 24.25
CA SER D 311 5.68 -19.72 25.57
C SER D 311 6.42 -20.62 26.56
N ASN D 312 5.97 -21.87 26.70
CA ASN D 312 6.58 -22.86 27.59
C ASN D 312 8.02 -23.18 27.18
N THR D 313 8.26 -23.45 25.88
CA THR D 313 9.59 -23.77 25.32
C THR D 313 10.56 -22.57 25.50
N LEU D 314 10.03 -21.34 25.35
CA LEU D 314 10.80 -20.11 25.49
C LEU D 314 11.17 -19.85 26.96
N ASN D 315 10.26 -20.20 27.89
CA ASN D 315 10.43 -20.00 29.34
C ASN D 315 11.30 -21.07 30.01
N LYS D 316 11.73 -22.09 29.23
CA LYS D 316 12.63 -23.15 29.70
C LYS D 316 13.94 -22.49 30.12
N LYS D 317 14.40 -22.77 31.36
CA LYS D 317 15.64 -22.18 31.89
C LYS D 317 16.87 -22.88 31.33
N VAL D 318 17.94 -22.11 31.17
CA VAL D 318 19.20 -22.59 30.64
C VAL D 318 20.34 -21.90 31.37
N SER D 319 21.28 -22.71 31.87
CA SER D 319 22.41 -22.21 32.62
C SER D 319 23.40 -21.51 31.71
N TYR D 320 23.44 -20.18 31.86
CA TYR D 320 24.32 -19.31 31.10
C TYR D 320 25.12 -18.34 32.01
N GLN D 321 26.43 -18.20 31.73
CA GLN D 321 27.39 -17.31 32.38
C GLN D 321 27.36 -17.30 33.92
N GLY D 322 26.77 -18.34 34.52
CA GLY D 322 26.71 -18.46 35.97
C GLY D 322 25.32 -18.67 36.55
N LYS D 323 24.33 -17.93 36.02
CA LYS D 323 22.97 -18.06 36.54
C LYS D 323 22.03 -18.61 35.50
N GLU D 324 21.29 -19.63 35.89
CA GLU D 324 20.27 -20.28 35.08
C GLU D 324 19.27 -19.19 34.68
N SER D 325 19.06 -18.99 33.37
CA SER D 325 18.18 -17.95 32.82
C SER D 325 17.28 -18.50 31.70
N THR D 326 16.06 -17.95 31.54
CA THR D 326 15.14 -18.39 30.49
C THR D 326 15.66 -17.95 29.11
N TRP D 327 15.29 -18.70 28.05
CA TRP D 327 15.69 -18.42 26.67
C TRP D 327 15.33 -17.01 26.23
N SER D 328 14.13 -16.51 26.60
CA SER D 328 13.73 -15.15 26.31
C SER D 328 14.76 -14.19 26.88
N TYR D 329 15.27 -14.47 28.10
CA TYR D 329 16.29 -13.61 28.69
C TYR D 329 17.65 -13.80 28.01
N VAL D 330 17.89 -15.01 27.42
CA VAL D 330 19.14 -15.30 26.69
C VAL D 330 19.16 -14.42 25.45
N ILE D 331 18.00 -14.34 24.71
CA ILE D 331 17.83 -13.49 23.53
C ILE D 331 18.26 -12.08 23.88
N PHE D 332 17.66 -11.50 24.97
CA PHE D 332 18.00 -10.16 25.48
C PHE D 332 19.49 -10.03 25.73
N LEU D 333 20.04 -11.02 26.43
CA LEU D 333 21.45 -11.01 26.72
C LEU D 333 22.34 -11.05 25.49
N LYS D 334 21.93 -11.79 24.47
CA LYS D 334 22.71 -11.92 23.25
C LYS D 334 22.73 -10.63 22.45
N VAL D 335 21.59 -9.87 22.38
CA VAL D 335 21.58 -8.57 21.68
C VAL D 335 22.37 -7.58 22.51
N ARG D 336 22.31 -7.73 23.84
CA ARG D 336 23.07 -6.90 24.78
C ARG D 336 24.54 -7.05 24.36
N GLU D 337 24.97 -8.30 24.11
CA GLU D 337 26.32 -8.66 23.67
C GLU D 337 26.69 -8.03 22.32
N LEU D 338 25.75 -8.09 21.34
CA LEU D 338 25.89 -7.48 20.01
C LEU D 338 26.15 -5.98 20.12
N ALA D 339 25.34 -5.29 20.97
CA ALA D 339 25.40 -3.86 21.25
C ALA D 339 26.79 -3.55 21.79
N HIS D 340 27.21 -4.28 22.81
CA HIS D 340 28.53 -4.10 23.40
C HIS D 340 29.64 -4.39 22.41
N TYR D 341 29.51 -5.44 21.60
CA TYR D 341 30.53 -5.76 20.61
C TYR D 341 30.70 -4.62 19.61
N LEU D 342 29.57 -4.13 19.07
CA LEU D 342 29.51 -3.07 18.07
C LEU D 342 30.09 -1.75 18.53
N THR D 343 30.01 -1.48 19.86
CA THR D 343 30.48 -0.26 20.54
C THR D 343 31.83 -0.43 21.25
N SER D 344 32.66 -1.41 20.82
CA SER D 344 33.98 -1.75 21.37
C SER D 344 33.99 -2.10 22.87
N LYS D 345 32.82 -2.00 23.55
CA LYS D 345 32.63 -2.31 24.97
C LYS D 345 32.83 -3.81 25.31
N LYS D 346 32.97 -4.63 24.25
CA LYS D 346 33.21 -6.08 24.24
C LYS D 346 34.02 -6.39 22.96
N GLU D 347 35.05 -7.23 23.06
CA GLU D 347 35.87 -7.53 21.89
C GLU D 347 35.46 -8.84 21.21
N LYS D 348 34.99 -9.83 21.98
CA LYS D 348 34.57 -11.15 21.47
C LYS D 348 33.01 -11.30 21.41
N LEU D 349 32.47 -11.92 20.34
CA LEU D 349 31.02 -12.15 20.17
C LEU D 349 30.75 -13.58 19.67
N ASP D 350 29.81 -14.31 20.33
CA ASP D 350 29.49 -15.71 19.98
C ASP D 350 28.06 -16.12 20.33
N PHE D 351 27.17 -16.19 19.30
CA PHE D 351 25.74 -16.54 19.45
C PHE D 351 25.48 -18.02 19.67
N THR D 352 26.55 -18.82 19.52
CA THR D 352 26.58 -20.27 19.71
C THR D 352 26.57 -20.58 21.20
N LYS D 353 27.25 -19.72 21.97
CA LYS D 353 27.59 -19.88 23.38
C LYS D 353 26.52 -20.60 24.24
N PRO D 354 25.28 -20.10 24.47
CA PRO D 354 24.35 -20.90 25.28
C PRO D 354 23.75 -22.06 24.45
N GLU D 355 24.45 -23.21 24.47
CA GLU D 355 24.13 -24.46 23.75
C GLU D 355 22.85 -25.14 24.32
N TYR D 356 22.08 -25.83 23.46
CA TYR D 356 20.86 -26.53 23.87
C TYR D 356 21.14 -28.03 24.22
N GLU D 357 20.41 -28.56 25.23
CA GLU D 357 20.52 -29.96 25.68
C GLU D 357 19.18 -30.48 26.24
N ILE D 358 19.03 -31.83 26.31
CA ILE D 358 17.86 -32.54 26.86
C ILE D 358 18.31 -33.88 27.47
N UNK G 1 -4.10 71.70 -2.61
CA UNK G 1 -3.05 70.80 -2.14
C UNK G 1 -3.44 69.34 -2.45
N UNK G 2 -4.56 68.85 -1.85
CA UNK G 2 -5.12 67.51 -2.04
C UNK G 2 -6.41 67.60 -2.87
N UNK G 3 -6.26 67.78 -4.20
CA UNK G 3 -7.37 67.92 -5.15
C UNK G 3 -8.23 66.65 -5.29
N UNK G 4 -7.59 65.47 -5.23
CA UNK G 4 -8.30 64.20 -5.35
C UNK G 4 -7.83 63.16 -4.36
N UNK G 5 -6.57 63.25 -3.87
CA UNK G 5 -6.03 62.29 -2.90
C UNK G 5 -6.66 62.44 -1.49
N UNK G 6 -7.80 63.17 -1.41
CA UNK G 6 -8.60 63.42 -0.21
C UNK G 6 -10.07 63.21 -0.54
N UNK G 7 -10.50 63.70 -1.74
CA UNK G 7 -11.87 63.63 -2.26
C UNK G 7 -12.14 62.34 -3.02
N UNK G 8 -11.38 62.09 -4.13
CA UNK G 8 -11.52 60.87 -4.94
C UNK G 8 -11.13 59.60 -4.14
N UNK G 9 -10.58 59.81 -2.92
CA UNK G 9 -10.25 58.76 -1.96
C UNK G 9 -11.56 58.28 -1.31
N UNK G 10 -12.55 59.21 -1.15
CA UNK G 10 -13.87 58.93 -0.59
C UNK G 10 -14.99 58.88 -1.63
N UNK G 11 -14.67 59.16 -2.92
CA UNK G 11 -15.64 59.06 -4.02
C UNK G 11 -15.92 57.58 -4.29
N UNK G 12 -14.86 56.74 -4.14
CA UNK G 12 -14.88 55.29 -4.31
C UNK G 12 -15.68 54.63 -3.16
N UNK G 13 -15.35 54.99 -1.88
CA UNK G 13 -16.04 54.47 -0.69
C UNK G 13 -17.10 55.47 -0.19
N UNK H 1 0.58 41.26 -7.05
CA UNK H 1 -0.39 40.20 -7.30
C UNK H 1 -1.61 40.67 -8.10
N UNK H 2 -2.16 41.86 -7.74
CA UNK H 2 -3.33 42.46 -8.39
C UNK H 2 -2.99 43.31 -9.63
N UNK H 3 -1.71 43.76 -9.75
CA UNK H 3 -1.18 44.60 -10.83
C UNK H 3 -1.36 44.02 -12.25
N UNK H 4 -1.59 42.69 -12.36
CA UNK H 4 -1.84 41.99 -13.62
C UNK H 4 -3.24 42.34 -14.19
N UNK H 5 -4.18 42.69 -13.28
CA UNK H 5 -5.56 43.07 -13.62
C UNK H 5 -5.68 44.48 -14.16
N UNK H 6 -4.95 45.47 -13.58
CA UNK H 6 -4.98 46.87 -14.04
C UNK H 6 -4.25 47.03 -15.40
N UNK H 7 -3.30 46.11 -15.69
CA UNK H 7 -2.55 46.07 -16.95
C UNK H 7 -3.37 45.33 -18.02
N UNK H 8 -4.24 44.40 -17.57
CA UNK H 8 -5.16 43.61 -18.41
C UNK H 8 -6.29 44.53 -18.94
N UNK H 9 -6.65 45.57 -18.17
CA UNK H 9 -7.68 46.54 -18.53
C UNK H 9 -7.23 47.56 -19.60
N UNK H 10 -5.91 47.60 -19.93
CA UNK H 10 -5.32 48.50 -20.93
C UNK H 10 -5.63 48.09 -22.37
N UNK H 11 -5.71 46.77 -22.65
CA UNK H 11 -6.00 46.21 -23.98
C UNK H 11 -7.49 45.85 -24.23
N UNK H 12 -8.42 46.42 -23.42
CA UNK H 12 -9.86 46.16 -23.54
C UNK H 12 -10.75 47.42 -23.54
N UNK H 13 -10.45 48.43 -22.67
CA UNK H 13 -11.21 49.68 -22.56
C UNK H 13 -10.44 50.90 -23.14
CA CA I . 7.31 -21.25 -13.81
CA CA J . 3.64 -18.01 -13.64
CA CA K . -0.18 16.97 11.47
CA CA L . -3.96 19.72 11.42
CA CA M . 4.94 -12.00 6.74
CA CA N . -11.90 0.30 2.76
#